data_9HYX
#
_entry.id   9HYX
#
_cell.length_a   168.299
_cell.length_b   309.675
_cell.length_c   173.974
_cell.angle_alpha   90
_cell.angle_beta   90
_cell.angle_gamma   90
#
_symmetry.space_group_name_H-M   'C 2 2 21'
#
loop_
_entity.id
_entity.type
_entity.pdbx_description
1 polymer Alpha-L-fucosidase
2 non-polymer alpha-L-fucopyranose
3 water water
#
_entity_poly.entity_id   1
_entity_poly.type   'polypeptide(L)'
_entity_poly.pdbx_seq_one_letter_code
;MTEPLPRIQHYEDLGLGLFIHWGLYSQMAVGEWTELIHHRNQHDYEQLIKTFTAAQFDAKKIAHAAKAVGAKYIVLTTKH
HEGFFLYDTKGLSDFDVMHAPARRDLIAEFVAACREEDLLPFFYMATYDWHTPLYDDDFPAYLTYLQKSVEVLCRNYGPV
GGFWFDGNWNKKDADWHLPELYGMIRHYQPNAIIVSNTGLKNRGQVSDPEIDVVTYERRTPDEIYHGAPNEKYVAGEISI
TLNQHWGIAANDLNYKSPAEMIETVAHARHIGANILVNIGLTGTGAIPAAAQTYMHLLGRWTAMAAPVLYKGRPVPVTSA
HGTRDFVLHTSKHDFLCILDLQVVGKDNVVLGGEGVNPRSFVGIGQPIQRIHWLDNDEVLSFTQDLDKKVLTVDATGYPY
GSDWVVRIAQIDYE
;
_entity_poly.pdbx_strand_id   A,B,C,D,E,F
#
loop_
_chem_comp.id
_chem_comp.type
_chem_comp.name
_chem_comp.formula
FUC L-saccharide, alpha linking alpha-L-fucopyranose 'C6 H12 O5'
#
# COMPACT_ATOMS: atom_id res chain seq x y z
N MET A 1 -30.15 12.05 13.66
CA MET A 1 -29.01 11.18 13.27
C MET A 1 -29.55 9.81 12.81
N THR A 2 -29.51 9.59 11.50
CA THR A 2 -29.90 8.31 10.92
C THR A 2 -28.69 7.42 10.72
N GLU A 3 -28.93 6.11 10.74
CA GLU A 3 -27.94 5.08 10.47
C GLU A 3 -28.01 4.74 8.97
N PRO A 4 -26.90 4.27 8.37
CA PRO A 4 -26.91 3.88 6.97
C PRO A 4 -27.85 2.71 6.68
N LEU A 5 -28.55 2.74 5.54
CA LEU A 5 -29.27 1.60 5.02
C LEU A 5 -28.33 0.41 4.90
N PRO A 6 -28.82 -0.85 5.05
CA PRO A 6 -27.94 -2.03 4.87
C PRO A 6 -26.97 -1.96 3.67
N ARG A 7 -27.44 -1.55 2.49
CA ARG A 7 -26.59 -1.61 1.30
C ARG A 7 -25.45 -0.59 1.45
N ILE A 8 -25.69 0.53 2.17
CA ILE A 8 -24.70 1.56 2.34
C ILE A 8 -23.69 1.16 3.43
N GLN A 9 -24.17 0.50 4.49
CA GLN A 9 -23.29 -0.13 5.46
C GLN A 9 -22.35 -1.10 4.77
N HIS A 10 -22.87 -1.95 3.89
CA HIS A 10 -22.06 -2.88 3.14
C HIS A 10 -21.04 -2.11 2.28
N TYR A 11 -21.47 -0.99 1.69
CA TYR A 11 -20.57 -0.17 0.89
C TYR A 11 -19.39 0.32 1.72
N GLU A 12 -19.65 0.84 2.92
CA GLU A 12 -18.59 1.39 3.76
C GLU A 12 -17.61 0.29 4.20
N ASP A 13 -18.08 -0.96 4.30
CA ASP A 13 -17.21 -2.08 4.63
C ASP A 13 -16.33 -2.46 3.47
N LEU A 14 -16.62 -1.98 2.25
CA LEU A 14 -15.80 -2.34 1.11
C LEU A 14 -14.40 -1.73 1.26
N GLY A 15 -14.35 -0.48 1.75
CA GLY A 15 -13.09 0.17 2.08
C GLY A 15 -12.36 0.70 0.85
N LEU A 16 -11.89 -0.24 0.03
CA LEU A 16 -11.01 0.05 -1.07
C LEU A 16 -11.58 -0.54 -2.35
N GLY A 17 -11.59 0.28 -3.42
CA GLY A 17 -11.92 -0.29 -4.71
C GLY A 17 -10.88 0.08 -5.76
N LEU A 18 -10.91 -0.63 -6.88
CA LEU A 18 -10.08 -0.30 -8.02
C LEU A 18 -10.93 0.45 -9.05
N PHE A 19 -10.46 1.61 -9.51
CA PHE A 19 -11.07 2.32 -10.62
C PHE A 19 -10.31 1.92 -11.90
N ILE A 20 -11.03 1.61 -12.97
CA ILE A 20 -10.39 1.26 -14.23
C ILE A 20 -10.92 2.14 -15.36
N HIS A 21 -10.01 2.90 -15.98
CA HIS A 21 -10.31 3.68 -17.17
C HIS A 21 -9.76 2.92 -18.38
N TRP A 22 -10.68 2.63 -19.30
CA TRP A 22 -10.34 1.98 -20.55
C TRP A 22 -11.38 2.37 -21.60
N GLY A 23 -10.93 2.91 -22.72
CA GLY A 23 -11.80 3.27 -23.82
C GLY A 23 -10.98 3.36 -25.10
N LEU A 24 -11.56 3.98 -26.13
CA LEU A 24 -10.83 4.15 -27.37
C LEU A 24 -9.60 5.04 -27.12
N TYR A 25 -9.73 6.03 -26.22
CA TYR A 25 -8.63 6.92 -25.88
C TYR A 25 -7.38 6.12 -25.49
N SER A 26 -7.56 4.93 -24.91
CA SER A 26 -6.41 4.17 -24.42
C SER A 26 -5.40 3.89 -25.52
N GLN A 27 -5.86 3.76 -26.74
CA GLN A 27 -4.97 3.50 -27.87
C GLN A 27 -3.96 4.63 -28.09
N MET A 28 -4.43 5.87 -27.97
CA MET A 28 -3.58 7.04 -28.05
C MET A 28 -2.55 7.17 -26.93
N ALA A 29 -2.94 6.79 -25.72
CA ALA A 29 -2.07 6.88 -24.56
C ALA A 29 -1.63 8.30 -24.24
N VAL A 30 -2.53 9.25 -24.45
CA VAL A 30 -2.27 10.65 -24.11
C VAL A 30 -3.46 11.19 -23.31
N GLY A 31 -4.04 10.36 -22.43
CA GLY A 31 -5.10 10.83 -21.53
C GLY A 31 -6.51 10.62 -22.12
N GLU A 32 -7.50 10.42 -21.26
CA GLU A 32 -8.84 10.04 -21.66
C GLU A 32 -9.61 11.22 -22.28
N TRP A 33 -9.20 12.47 -22.00
CA TRP A 33 -9.85 13.64 -22.60
C TRP A 33 -9.27 13.99 -23.97
N THR A 34 -8.45 13.11 -24.58
CA THR A 34 -7.68 13.51 -25.75
C THR A 34 -8.56 14.07 -26.88
N GLU A 35 -9.75 13.49 -27.11
CA GLU A 35 -10.56 13.89 -28.25
C GLU A 35 -10.92 15.37 -28.18
N LEU A 36 -11.41 15.84 -27.04
CA LEU A 36 -11.75 17.24 -26.86
C LEU A 36 -10.48 18.08 -26.69
N ILE A 37 -9.58 17.70 -25.76
CA ILE A 37 -8.52 18.63 -25.38
C ILE A 37 -7.51 18.79 -26.51
N HIS A 38 -7.28 17.74 -27.30
CA HIS A 38 -6.36 17.89 -28.41
C HIS A 38 -7.10 18.29 -29.70
N HIS A 39 -8.39 18.71 -29.60
CA HIS A 39 -9.21 19.16 -30.72
CA HIS A 39 -9.21 19.16 -30.71
C HIS A 39 -9.03 18.24 -31.93
N ARG A 40 -9.24 16.94 -31.74
CA ARG A 40 -9.10 15.99 -32.82
C ARG A 40 -10.33 16.03 -33.73
N ASN A 41 -10.13 15.65 -34.99
CA ASN A 41 -11.24 15.41 -35.90
C ASN A 41 -12.07 14.24 -35.37
N GLN A 42 -13.36 14.51 -35.09
CA GLN A 42 -14.22 13.48 -34.52
C GLN A 42 -14.28 12.22 -35.38
N HIS A 43 -14.48 12.40 -36.69
CA HIS A 43 -14.62 11.25 -37.56
C HIS A 43 -13.37 10.36 -37.44
N ASP A 44 -12.19 10.98 -37.46
CA ASP A 44 -10.93 10.25 -37.47
C ASP A 44 -10.70 9.55 -36.13
N TYR A 45 -10.99 10.24 -35.02
CA TYR A 45 -10.85 9.67 -33.68
C TYR A 45 -11.76 8.45 -33.54
N GLU A 46 -13.03 8.56 -34.01
CA GLU A 46 -13.98 7.49 -33.82
C GLU A 46 -13.63 6.24 -34.64
N GLN A 47 -12.71 6.37 -35.61
CA GLN A 47 -12.21 5.22 -36.34
C GLN A 47 -11.41 4.29 -35.44
N LEU A 48 -11.04 4.76 -34.23
CA LEU A 48 -10.35 3.91 -33.27
C LEU A 48 -11.17 2.67 -32.93
N ILE A 49 -12.51 2.72 -33.15
CA ILE A 49 -13.35 1.54 -32.96
C ILE A 49 -12.84 0.38 -33.80
N LYS A 50 -12.24 0.68 -34.97
CA LYS A 50 -11.89 -0.37 -35.92
C LYS A 50 -10.69 -1.16 -35.43
N THR A 51 -9.91 -0.58 -34.49
CA THR A 51 -8.73 -1.28 -33.98
C THR A 51 -8.93 -1.64 -32.51
N PHE A 52 -10.15 -1.55 -31.99
CA PHE A 52 -10.45 -1.96 -30.63
C PHE A 52 -10.67 -3.47 -30.58
N THR A 53 -9.57 -4.23 -30.39
CA THR A 53 -9.63 -5.69 -30.46
C THR A 53 -9.88 -6.28 -29.08
N ALA A 54 -9.56 -5.51 -28.02
CA ALA A 54 -9.52 -6.02 -26.66
C ALA A 54 -8.65 -7.26 -26.57
N ALA A 55 -7.59 -7.34 -27.38
CA ALA A 55 -6.83 -8.59 -27.50
C ALA A 55 -6.19 -8.99 -26.16
N GLN A 56 -5.99 -8.04 -25.23
CA GLN A 56 -5.28 -8.43 -24.02
C GLN A 56 -6.14 -8.18 -22.80
N PHE A 57 -7.43 -8.00 -23.00
CA PHE A 57 -8.33 -7.81 -21.88
C PHE A 57 -8.68 -9.18 -21.31
N ASP A 58 -8.35 -9.37 -20.03
CA ASP A 58 -8.67 -10.61 -19.35
C ASP A 58 -9.34 -10.25 -18.03
N ALA A 59 -10.69 -10.32 -18.01
CA ALA A 59 -11.44 -9.83 -16.87
C ALA A 59 -11.07 -10.65 -15.62
N LYS A 60 -10.75 -11.94 -15.82
CA LYS A 60 -10.39 -12.82 -14.73
C LYS A 60 -9.08 -12.36 -14.08
N LYS A 61 -8.09 -11.97 -14.91
CA LYS A 61 -6.83 -11.49 -14.38
C LYS A 61 -7.05 -10.18 -13.63
N ILE A 62 -7.90 -9.31 -14.17
CA ILE A 62 -8.17 -8.03 -13.53
C ILE A 62 -8.83 -8.28 -12.18
N ALA A 63 -9.81 -9.19 -12.12
CA ALA A 63 -10.51 -9.41 -10.87
C ALA A 63 -9.56 -10.06 -9.86
N HIS A 64 -8.67 -10.94 -10.33
CA HIS A 64 -7.67 -11.56 -9.45
C HIS A 64 -6.73 -10.50 -8.85
N ALA A 65 -6.24 -9.61 -9.70
CA ALA A 65 -5.38 -8.50 -9.29
C ALA A 65 -6.10 -7.63 -8.25
N ALA A 66 -7.38 -7.36 -8.46
CA ALA A 66 -8.15 -6.54 -7.51
C ALA A 66 -8.24 -7.25 -6.16
N LYS A 67 -8.48 -8.56 -6.22
CA LYS A 67 -8.58 -9.34 -4.99
C LYS A 67 -7.22 -9.28 -4.29
N ALA A 68 -6.13 -9.45 -5.03
CA ALA A 68 -4.79 -9.47 -4.45
C ALA A 68 -4.43 -8.12 -3.82
N VAL A 69 -4.95 -7.02 -4.35
CA VAL A 69 -4.58 -5.71 -3.81
C VAL A 69 -5.44 -5.38 -2.59
N GLY A 70 -6.46 -6.22 -2.30
CA GLY A 70 -7.33 -5.99 -1.16
C GLY A 70 -8.56 -5.14 -1.51
N ALA A 71 -8.81 -4.91 -2.82
CA ALA A 71 -10.00 -4.17 -3.22
C ALA A 71 -11.22 -5.08 -3.07
N LYS A 72 -12.39 -4.49 -2.78
CA LYS A 72 -13.60 -5.29 -2.63
C LYS A 72 -14.63 -4.94 -3.71
N TYR A 73 -14.30 -3.95 -4.55
CA TYR A 73 -15.15 -3.63 -5.70
C TYR A 73 -14.27 -3.02 -6.78
N ILE A 74 -14.80 -2.99 -8.00
CA ILE A 74 -14.13 -2.39 -9.13
C ILE A 74 -15.15 -1.51 -9.85
N VAL A 75 -14.73 -0.29 -10.17
CA VAL A 75 -15.51 0.63 -10.98
C VAL A 75 -14.87 0.65 -12.37
N LEU A 76 -15.60 0.16 -13.37
CA LEU A 76 -15.12 0.15 -14.75
C LEU A 76 -15.85 1.20 -15.58
N THR A 77 -15.11 1.93 -16.43
CA THR A 77 -15.71 2.89 -17.35
C THR A 77 -16.51 2.13 -18.40
N THR A 78 -17.85 2.17 -18.33
CA THR A 78 -18.65 1.47 -19.33
C THR A 78 -18.86 2.38 -20.55
N LYS A 79 -18.86 3.71 -20.30
CA LYS A 79 -18.86 4.69 -21.37
C LYS A 79 -18.31 5.99 -20.79
N HIS A 80 -17.24 6.52 -21.42
CA HIS A 80 -16.63 7.77 -20.99
C HIS A 80 -17.15 8.92 -21.89
N HIS A 81 -16.61 10.14 -21.73
CA HIS A 81 -17.07 11.26 -22.53
C HIS A 81 -17.03 10.96 -24.04
N GLU A 82 -16.03 10.21 -24.49
CA GLU A 82 -15.91 9.91 -25.91
C GLU A 82 -17.18 9.21 -26.41
N GLY A 83 -17.95 8.58 -25.49
CA GLY A 83 -19.28 8.09 -25.81
C GLY A 83 -19.28 6.69 -26.40
N PHE A 84 -18.15 5.98 -26.38
CA PHE A 84 -18.08 4.60 -26.85
C PHE A 84 -18.43 3.62 -25.72
N PHE A 85 -19.28 2.63 -26.01
CA PHE A 85 -19.79 1.74 -24.98
C PHE A 85 -19.05 0.40 -24.97
N LEU A 86 -18.68 -0.04 -23.76
CA LEU A 86 -17.89 -1.27 -23.64
C LEU A 86 -18.80 -2.50 -23.51
N TYR A 87 -20.09 -2.33 -23.77
CA TYR A 87 -21.03 -3.43 -23.70
C TYR A 87 -21.98 -3.40 -24.90
N ASP A 88 -22.81 -4.43 -25.03
CA ASP A 88 -23.78 -4.55 -26.08
C ASP A 88 -24.97 -3.65 -25.78
N THR A 89 -25.13 -2.57 -26.54
CA THR A 89 -26.23 -1.64 -26.25
C THR A 89 -27.56 -2.11 -26.88
N LYS A 90 -27.55 -3.29 -27.52
CA LYS A 90 -28.78 -3.93 -27.99
C LYS A 90 -29.55 -3.01 -28.95
N GLY A 91 -28.82 -2.36 -29.87
CA GLY A 91 -29.46 -1.51 -30.86
C GLY A 91 -29.52 -0.04 -30.46
N LEU A 92 -29.17 0.34 -29.22
CA LEU A 92 -29.20 1.76 -28.94
C LEU A 92 -28.17 2.54 -29.77
N SER A 93 -27.00 1.94 -30.02
CA SER A 93 -25.92 2.64 -30.68
C SER A 93 -25.06 1.63 -31.45
N ASP A 94 -24.47 2.08 -32.56
CA ASP A 94 -23.47 1.26 -33.25
C ASP A 94 -22.06 1.52 -32.73
N PHE A 95 -21.90 2.51 -31.86
CA PHE A 95 -20.59 2.89 -31.36
C PHE A 95 -20.36 2.11 -30.06
N ASP A 96 -20.25 0.78 -30.18
CA ASP A 96 -20.15 -0.08 -29.02
C ASP A 96 -19.27 -1.26 -29.38
N VAL A 97 -18.94 -2.06 -28.37
CA VAL A 97 -17.92 -3.07 -28.55
C VAL A 97 -18.41 -4.18 -29.50
N MET A 98 -19.73 -4.32 -29.67
CA MET A 98 -20.24 -5.36 -30.57
C MET A 98 -20.01 -4.98 -32.04
N HIS A 99 -19.73 -3.71 -32.30
CA HIS A 99 -19.44 -3.24 -33.64
C HIS A 99 -17.96 -3.05 -33.86
N ALA A 100 -17.19 -3.61 -32.95
CA ALA A 100 -15.76 -3.50 -32.97
C ALA A 100 -15.21 -4.89 -33.18
N PRO A 101 -13.95 -4.99 -33.53
CA PRO A 101 -13.37 -6.28 -33.88
C PRO A 101 -13.48 -7.22 -32.71
N ALA A 102 -13.46 -6.69 -31.49
CA ALA A 102 -13.50 -7.53 -30.30
C ALA A 102 -14.74 -8.42 -30.24
N ARG A 103 -15.89 -7.85 -30.60
CA ARG A 103 -17.14 -8.60 -30.72
C ARG A 103 -17.41 -9.34 -29.42
N ARG A 104 -17.09 -8.69 -28.32
CA ARG A 104 -17.27 -9.30 -27.03
C ARG A 104 -17.96 -8.31 -26.14
N ASP A 105 -18.90 -8.74 -25.32
CA ASP A 105 -19.50 -7.85 -24.35
C ASP A 105 -18.60 -7.89 -23.14
N LEU A 106 -17.84 -6.82 -22.95
CA LEU A 106 -16.74 -6.78 -21.98
C LEU A 106 -17.33 -6.61 -20.60
N ILE A 107 -18.46 -5.89 -20.50
CA ILE A 107 -19.15 -5.76 -19.22
C ILE A 107 -19.64 -7.14 -18.74
N ALA A 108 -20.07 -8.03 -19.66
CA ALA A 108 -20.51 -9.36 -19.23
C ALA A 108 -19.35 -10.14 -18.63
N GLU A 109 -18.18 -10.07 -19.31
CA GLU A 109 -16.97 -10.74 -18.84
C GLU A 109 -16.59 -10.16 -17.47
N PHE A 110 -16.71 -8.84 -17.33
CA PHE A 110 -16.30 -8.15 -16.12
C PHE A 110 -17.15 -8.60 -14.94
N VAL A 111 -18.47 -8.63 -15.14
CA VAL A 111 -19.40 -8.97 -14.08
C VAL A 111 -19.17 -10.42 -13.64
N ALA A 112 -18.97 -11.33 -14.60
CA ALA A 112 -18.77 -12.74 -14.26
C ALA A 112 -17.47 -12.87 -13.45
N ALA A 113 -16.43 -12.14 -13.86
CA ALA A 113 -15.13 -12.24 -13.20
C ALA A 113 -15.22 -11.67 -11.79
N CYS A 114 -15.95 -10.55 -11.61
CA CYS A 114 -16.11 -10.00 -10.26
C CYS A 114 -16.82 -10.98 -9.35
N ARG A 115 -17.89 -11.63 -9.84
CA ARG A 115 -18.65 -12.55 -9.01
C ARG A 115 -17.79 -13.72 -8.54
N GLU A 116 -16.96 -14.25 -9.43
CA GLU A 116 -16.10 -15.36 -9.08
C GLU A 116 -15.12 -15.00 -7.96
N GLU A 117 -14.76 -13.71 -7.84
CA GLU A 117 -13.78 -13.28 -6.86
C GLU A 117 -14.48 -12.62 -5.69
N ASP A 118 -15.82 -12.62 -5.68
CA ASP A 118 -16.56 -12.00 -4.61
C ASP A 118 -16.34 -10.49 -4.55
N LEU A 119 -16.17 -9.86 -5.71
CA LEU A 119 -16.06 -8.41 -5.78
C LEU A 119 -17.38 -7.85 -6.28
N LEU A 120 -17.74 -6.65 -5.84
CA LEU A 120 -18.88 -5.94 -6.40
C LEU A 120 -18.49 -5.24 -7.70
N PRO A 121 -19.19 -5.50 -8.84
CA PRO A 121 -18.96 -4.75 -10.07
C PRO A 121 -19.75 -3.42 -10.06
N PHE A 122 -19.05 -2.33 -10.35
CA PHE A 122 -19.67 -1.02 -10.43
C PHE A 122 -19.43 -0.48 -11.84
N PHE A 123 -20.40 0.28 -12.34
CA PHE A 123 -20.33 0.78 -13.71
C PHE A 123 -20.22 2.30 -13.67
N TYR A 124 -19.12 2.81 -14.21
CA TYR A 124 -19.00 4.24 -14.39
C TYR A 124 -19.74 4.59 -15.68
N MET A 125 -20.48 5.71 -15.66
CA MET A 125 -21.17 6.20 -16.85
C MET A 125 -21.01 7.71 -16.91
N ALA A 126 -20.43 8.20 -18.02
CA ALA A 126 -20.33 9.65 -18.22
C ALA A 126 -21.65 10.23 -18.74
N THR A 127 -22.10 11.33 -18.14
CA THR A 127 -23.33 11.94 -18.61
C THR A 127 -23.03 13.02 -19.66
N TYR A 128 -21.84 13.63 -19.60
CA TYR A 128 -21.40 14.51 -20.67
C TYR A 128 -20.83 13.67 -21.82
N ASP A 129 -21.48 13.73 -22.99
CA ASP A 129 -21.20 12.79 -24.07
C ASP A 129 -20.83 13.57 -25.32
N TRP A 130 -19.68 13.25 -25.96
CA TRP A 130 -19.19 13.97 -27.11
C TRP A 130 -19.60 13.25 -28.40
N HIS A 131 -20.16 12.03 -28.31
CA HIS A 131 -20.40 11.27 -29.53
C HIS A 131 -21.75 11.60 -30.17
N THR A 132 -22.84 11.50 -29.39
CA THR A 132 -24.17 11.60 -29.95
C THR A 132 -24.52 13.08 -30.13
N PRO A 133 -24.95 13.48 -31.36
CA PRO A 133 -25.42 14.85 -31.58
C PRO A 133 -26.64 15.24 -30.76
N LEU A 134 -27.36 14.23 -30.21
CA LEU A 134 -28.49 14.52 -29.33
C LEU A 134 -28.08 15.44 -28.18
N TYR A 135 -26.84 15.28 -27.67
CA TYR A 135 -26.41 15.99 -26.46
C TYR A 135 -26.62 17.49 -26.67
N ASP A 136 -26.18 18.03 -27.82
CA ASP A 136 -26.32 19.45 -28.10
C ASP A 136 -27.64 19.79 -28.80
N ASP A 137 -28.12 18.91 -29.70
CA ASP A 137 -29.16 19.25 -30.66
C ASP A 137 -30.57 18.93 -30.16
N ASP A 138 -30.69 17.99 -29.21
CA ASP A 138 -32.00 17.56 -28.73
C ASP A 138 -31.85 16.95 -27.33
N PHE A 139 -31.70 17.84 -26.36
CA PHE A 139 -31.28 17.43 -25.03
C PHE A 139 -32.30 16.45 -24.43
N PRO A 140 -33.62 16.69 -24.53
CA PRO A 140 -34.60 15.74 -24.00
C PRO A 140 -34.46 14.34 -24.61
N ALA A 141 -34.13 14.26 -25.90
CA ALA A 141 -33.90 12.94 -26.49
C ALA A 141 -32.59 12.33 -25.96
N TYR A 142 -31.59 13.19 -25.65
CA TYR A 142 -30.33 12.76 -25.04
C TYR A 142 -30.62 12.06 -23.69
N LEU A 143 -31.47 12.69 -22.86
CA LEU A 143 -31.83 12.09 -21.59
C LEU A 143 -32.44 10.70 -21.77
N THR A 144 -33.21 10.51 -22.84
CA THR A 144 -33.82 9.21 -23.11
C THR A 144 -32.74 8.20 -23.47
N TYR A 145 -31.77 8.65 -24.29
CA TYR A 145 -30.66 7.82 -24.73
C TYR A 145 -29.80 7.42 -23.52
N LEU A 146 -29.49 8.41 -22.67
CA LEU A 146 -28.71 8.18 -21.47
C LEU A 146 -29.43 7.13 -20.63
N GLN A 147 -30.72 7.38 -20.41
CA GLN A 147 -31.48 6.52 -19.52
C GLN A 147 -31.57 5.10 -20.08
N LYS A 148 -31.73 4.99 -21.40
CA LYS A 148 -31.81 3.67 -22.00
C LYS A 148 -30.47 2.94 -21.85
N SER A 149 -29.35 3.67 -21.97
CA SER A 149 -28.04 3.04 -21.85
C SER A 149 -27.84 2.50 -20.43
N VAL A 150 -28.33 3.23 -19.43
CA VAL A 150 -28.27 2.75 -18.07
C VAL A 150 -29.22 1.55 -17.85
N GLU A 151 -30.39 1.63 -18.49
CA GLU A 151 -31.37 0.56 -18.38
C GLU A 151 -30.82 -0.76 -18.89
N VAL A 152 -30.08 -0.75 -20.00
CA VAL A 152 -29.44 -1.98 -20.50
C VAL A 152 -28.55 -2.58 -19.41
N LEU A 153 -27.81 -1.72 -18.69
CA LEU A 153 -26.87 -2.16 -17.68
C LEU A 153 -27.64 -2.73 -16.49
N CYS A 154 -28.82 -2.17 -16.21
CA CYS A 154 -29.72 -2.63 -15.16
C CYS A 154 -30.42 -3.94 -15.39
N ARG A 155 -30.61 -4.30 -16.64
CA ARG A 155 -31.43 -5.44 -16.98
C ARG A 155 -30.73 -6.65 -17.57
N ASN A 156 -29.50 -6.48 -18.04
CA ASN A 156 -28.85 -7.56 -18.74
C ASN A 156 -27.69 -8.25 -18.05
N TYR A 157 -27.40 -7.92 -16.80
CA TYR A 157 -26.14 -8.39 -16.23
C TYR A 157 -26.32 -9.04 -14.86
N GLY A 158 -27.58 -9.20 -14.41
CA GLY A 158 -27.85 -9.68 -13.06
C GLY A 158 -27.72 -8.53 -12.06
N PRO A 159 -27.63 -8.83 -10.73
CA PRO A 159 -27.45 -7.77 -9.73
C PRO A 159 -26.11 -7.07 -9.87
N VAL A 160 -26.14 -5.75 -9.77
CA VAL A 160 -24.97 -4.91 -10.05
C VAL A 160 -24.60 -4.26 -8.71
N GLY A 161 -23.29 -4.13 -8.40
CA GLY A 161 -22.90 -3.54 -7.13
C GLY A 161 -23.31 -2.07 -7.07
N GLY A 162 -23.14 -1.36 -8.20
CA GLY A 162 -23.54 0.05 -8.20
C GLY A 162 -23.21 0.75 -9.50
N PHE A 163 -23.53 2.06 -9.51
CA PHE A 163 -23.35 2.93 -10.66
C PHE A 163 -22.60 4.13 -10.15
N TRP A 164 -21.65 4.57 -10.98
CA TRP A 164 -20.80 5.70 -10.64
C TRP A 164 -21.03 6.76 -11.72
N PHE A 165 -21.82 7.77 -11.37
CA PHE A 165 -22.27 8.74 -12.35
C PHE A 165 -21.33 9.94 -12.34
N ASP A 166 -20.79 10.23 -13.52
CA ASP A 166 -19.92 11.38 -13.64
C ASP A 166 -20.70 12.51 -14.31
N GLY A 167 -21.14 13.48 -13.48
CA GLY A 167 -22.01 14.56 -13.93
C GLY A 167 -21.29 15.90 -14.09
N ASN A 168 -19.94 15.85 -14.14
CA ASN A 168 -19.11 17.03 -14.29
C ASN A 168 -19.13 17.54 -15.72
N TRP A 169 -18.82 18.84 -15.89
CA TRP A 169 -18.67 19.50 -17.18
C TRP A 169 -20.00 19.65 -17.96
N ASN A 170 -21.09 19.44 -17.27
CA ASN A 170 -22.41 19.50 -17.87
C ASN A 170 -22.93 20.90 -18.09
N LYS A 171 -23.99 20.99 -18.88
CA LYS A 171 -24.68 22.24 -19.09
C LYS A 171 -25.24 22.70 -17.75
N LYS A 172 -25.17 23.99 -17.49
CA LYS A 172 -25.54 24.52 -16.18
C LYS A 172 -27.04 24.68 -16.02
N ASP A 173 -27.56 24.15 -14.92
CA ASP A 173 -28.95 24.36 -14.55
C ASP A 173 -29.90 23.62 -15.46
N ALA A 174 -29.36 22.68 -16.23
CA ALA A 174 -30.18 21.84 -17.08
C ALA A 174 -30.97 20.89 -16.20
N ASP A 175 -32.14 20.46 -16.66
CA ASP A 175 -32.90 19.48 -15.90
C ASP A 175 -32.48 18.11 -16.40
N TRP A 176 -31.91 17.33 -15.50
CA TRP A 176 -31.36 16.03 -15.83
C TRP A 176 -32.36 14.91 -15.60
N HIS A 177 -33.52 15.24 -14.99
CA HIS A 177 -34.55 14.24 -14.73
C HIS A 177 -33.93 13.11 -13.89
N LEU A 178 -33.28 13.48 -12.78
CA LEU A 178 -32.63 12.49 -11.93
C LEU A 178 -33.66 11.56 -11.30
N PRO A 179 -34.83 12.07 -10.82
CA PRO A 179 -35.84 11.19 -10.24
C PRO A 179 -36.20 10.01 -11.15
N GLU A 180 -36.28 10.26 -12.45
CA GLU A 180 -36.66 9.21 -13.39
C GLU A 180 -35.49 8.26 -13.63
N LEU A 181 -34.27 8.80 -13.75
CA LEU A 181 -33.09 7.97 -14.01
C LEU A 181 -32.84 7.05 -12.80
N TYR A 182 -32.77 7.66 -11.61
CA TYR A 182 -32.45 6.89 -10.42
C TYR A 182 -33.63 6.01 -10.00
N GLY A 183 -34.86 6.49 -10.28
CA GLY A 183 -36.07 5.72 -10.02
C GLY A 183 -36.07 4.44 -10.85
N MET A 184 -35.63 4.54 -12.10
CA MET A 184 -35.53 3.39 -12.97
C MET A 184 -34.54 2.37 -12.43
N ILE A 185 -33.41 2.85 -11.93
CA ILE A 185 -32.37 2.01 -11.36
C ILE A 185 -32.86 1.28 -10.12
N ARG A 186 -33.58 2.00 -9.28
CA ARG A 186 -34.14 1.42 -8.07
C ARG A 186 -35.09 0.31 -8.44
N HIS A 187 -35.87 0.55 -9.48
CA HIS A 187 -36.82 -0.44 -9.92
C HIS A 187 -36.15 -1.73 -10.38
N TYR A 188 -35.07 -1.66 -11.14
CA TYR A 188 -34.50 -2.92 -11.62
C TYR A 188 -33.36 -3.41 -10.73
N GLN A 189 -32.74 -2.51 -9.96
CA GLN A 189 -31.58 -2.85 -9.16
C GLN A 189 -31.77 -2.24 -7.78
N PRO A 190 -32.75 -2.73 -6.99
CA PRO A 190 -33.06 -2.09 -5.71
C PRO A 190 -31.84 -2.00 -4.80
N ASN A 191 -30.91 -2.96 -4.94
CA ASN A 191 -29.79 -3.04 -4.02
C ASN A 191 -28.53 -2.30 -4.51
N ALA A 192 -28.58 -1.65 -5.68
CA ALA A 192 -27.41 -1.02 -6.26
C ALA A 192 -27.00 0.23 -5.48
N ILE A 193 -25.68 0.45 -5.35
CA ILE A 193 -25.23 1.71 -4.79
C ILE A 193 -25.17 2.75 -5.89
N ILE A 194 -25.77 3.91 -5.65
CA ILE A 194 -25.67 4.98 -6.64
C ILE A 194 -24.67 6.02 -6.13
N VAL A 195 -23.58 6.18 -6.89
CA VAL A 195 -22.53 7.15 -6.54
C VAL A 195 -22.63 8.29 -7.54
N SER A 196 -22.54 9.52 -7.03
CA SER A 196 -22.53 10.68 -7.89
C SER A 196 -21.32 11.59 -7.58
N ASN A 197 -20.57 11.98 -8.62
CA ASN A 197 -19.49 12.94 -8.36
C ASN A 197 -19.97 14.39 -8.38
N THR A 198 -21.28 14.62 -8.51
CA THR A 198 -21.86 15.93 -8.27
C THR A 198 -23.10 15.72 -7.40
N GLY A 199 -22.95 14.90 -6.36
CA GLY A 199 -24.08 14.51 -5.51
C GLY A 199 -24.50 15.59 -4.51
N LEU A 200 -23.62 16.58 -4.25
CA LEU A 200 -23.95 17.79 -3.50
C LEU A 200 -24.21 18.96 -4.48
N GLN A 205 -27.15 20.12 0.47
CA GLN A 205 -28.30 19.42 -0.19
C GLN A 205 -27.75 18.40 -1.19
N VAL A 206 -28.23 17.14 -1.11
CA VAL A 206 -27.96 16.10 -2.11
C VAL A 206 -28.73 16.41 -3.39
N SER A 207 -28.24 15.89 -4.52
CA SER A 207 -28.84 16.26 -5.79
C SER A 207 -30.09 15.42 -6.05
N ASP A 208 -30.28 14.33 -5.28
CA ASP A 208 -31.46 13.49 -5.42
C ASP A 208 -31.53 12.53 -4.24
N PRO A 209 -32.73 12.27 -3.67
CA PRO A 209 -32.85 11.34 -2.56
C PRO A 209 -32.24 9.95 -2.80
N GLU A 210 -32.12 9.53 -4.08
CA GLU A 210 -31.71 8.17 -4.36
C GLU A 210 -30.19 7.99 -4.33
N ILE A 211 -29.43 9.10 -4.29
CA ILE A 211 -27.98 9.04 -4.18
C ILE A 211 -27.57 8.41 -2.85
N ASP A 212 -26.63 7.44 -2.91
CA ASP A 212 -26.16 6.69 -1.76
C ASP A 212 -24.78 7.18 -1.31
N VAL A 213 -23.97 7.58 -2.28
CA VAL A 213 -22.61 8.02 -2.05
C VAL A 213 -22.26 9.28 -2.84
N VAL A 214 -21.60 10.21 -2.19
CA VAL A 214 -21.03 11.36 -2.81
C VAL A 214 -19.51 11.27 -2.78
N THR A 215 -18.87 11.69 -3.85
CA THR A 215 -17.42 11.85 -3.93
C THR A 215 -16.86 13.16 -3.34
N TYR A 216 -15.66 13.08 -2.78
CA TYR A 216 -15.02 14.21 -2.18
C TYR A 216 -13.59 14.27 -2.64
N GLU A 217 -12.98 15.45 -2.57
CA GLU A 217 -11.58 15.59 -2.93
C GLU A 217 -10.69 14.92 -1.90
N ARG A 218 -9.63 14.31 -2.38
CA ARG A 218 -8.81 13.45 -1.55
C ARG A 218 -8.09 14.17 -0.45
N ARG A 219 -7.94 15.47 -0.59
CA ARG A 219 -7.24 16.24 0.42
C ARG A 219 -8.13 16.67 1.58
N THR A 220 -9.39 16.27 1.56
CA THR A 220 -10.32 16.74 2.56
C THR A 220 -9.74 16.42 3.94
N PRO A 221 -9.63 17.43 4.79
CA PRO A 221 -9.04 17.27 6.13
C PRO A 221 -9.80 16.48 7.19
N ASP A 222 -11.11 16.67 7.26
CA ASP A 222 -11.91 16.19 8.36
C ASP A 222 -12.89 15.18 7.89
N GLU A 223 -13.61 14.57 8.82
CA GLU A 223 -14.63 13.58 8.52
C GLU A 223 -15.67 14.22 7.62
N ILE A 224 -16.13 13.45 6.65
CA ILE A 224 -17.03 13.92 5.59
C ILE A 224 -18.51 14.10 5.95
N TYR A 225 -19.24 14.76 5.05
CA TYR A 225 -20.64 15.09 5.28
C TYR A 225 -21.54 13.89 4.97
N HIS A 226 -22.40 13.54 5.93
CA HIS A 226 -23.22 12.33 5.80
C HIS A 226 -24.69 12.60 5.50
N GLY A 227 -25.03 13.86 5.11
CA GLY A 227 -26.41 14.27 4.88
C GLY A 227 -27.00 15.03 6.08
N ALA A 228 -28.14 15.72 5.83
CA ALA A 228 -28.82 16.53 6.85
C ALA A 228 -29.36 15.63 7.96
N PRO A 229 -29.35 16.05 9.27
CA PRO A 229 -29.76 15.14 10.33
C PRO A 229 -31.25 14.77 10.22
N ASN A 230 -31.59 13.52 10.57
CA ASN A 230 -32.94 13.00 10.35
C ASN A 230 -33.22 12.74 8.87
N GLU A 231 -32.28 13.02 7.95
CA GLU A 231 -32.40 12.60 6.56
C GLU A 231 -31.57 11.33 6.28
N LYS A 232 -31.72 10.75 5.09
CA LYS A 232 -30.99 9.57 4.65
C LYS A 232 -29.47 9.79 4.81
N TYR A 233 -28.78 8.83 5.41
CA TYR A 233 -27.33 8.91 5.52
C TYR A 233 -26.70 8.59 4.17
N VAL A 234 -25.74 9.43 3.76
CA VAL A 234 -25.03 9.23 2.50
C VAL A 234 -23.55 9.02 2.80
N ALA A 235 -22.96 8.01 2.16
CA ALA A 235 -21.55 7.70 2.38
C ALA A 235 -20.68 8.62 1.51
N GLY A 236 -19.36 8.49 1.66
CA GLY A 236 -18.41 9.30 0.89
C GLY A 236 -17.28 8.45 0.31
N GLU A 237 -16.63 9.01 -0.72
CA GLU A 237 -15.60 8.25 -1.42
C GLU A 237 -14.61 9.25 -1.99
N ILE A 238 -13.31 8.91 -1.89
CA ILE A 238 -12.30 9.70 -2.57
C ILE A 238 -11.61 8.80 -3.58
N SER A 239 -10.87 9.40 -4.51
CA SER A 239 -10.25 8.77 -5.65
C SER A 239 -8.81 9.26 -5.76
N ILE A 240 -7.95 8.40 -6.27
CA ILE A 240 -6.59 8.82 -6.54
C ILE A 240 -6.15 8.12 -7.82
N THR A 241 -5.51 8.89 -8.70
CA THR A 241 -4.88 8.28 -9.85
C THR A 241 -3.36 8.31 -9.64
N LEU A 242 -2.64 7.40 -10.29
CA LEU A 242 -1.23 7.21 -9.96
C LEU A 242 -0.35 8.35 -10.49
N ASN A 243 -0.67 8.87 -11.69
CA ASN A 243 0.00 10.07 -12.22
C ASN A 243 -1.04 11.19 -12.30
N GLN A 244 -0.96 12.02 -13.34
CA GLN A 244 -1.86 13.16 -13.48
C GLN A 244 -3.11 12.81 -14.31
N HIS A 245 -3.15 11.63 -14.95
CA HIS A 245 -4.23 11.30 -15.87
C HIS A 245 -4.99 10.06 -15.38
N TRP A 246 -6.24 9.89 -15.85
CA TRP A 246 -7.03 8.74 -15.47
C TRP A 246 -6.90 7.62 -16.51
N GLY A 247 -7.06 7.94 -17.80
CA GLY A 247 -6.67 6.99 -18.83
C GLY A 247 -5.13 6.95 -18.91
N ILE A 248 -4.62 5.92 -19.60
CA ILE A 248 -3.19 5.72 -19.70
C ILE A 248 -2.57 6.92 -20.42
N ALA A 249 -1.37 7.32 -19.96
CA ALA A 249 -0.69 8.48 -20.52
C ALA A 249 0.81 8.21 -20.46
N ALA A 250 1.36 7.70 -21.57
CA ALA A 250 2.69 7.13 -21.66
C ALA A 250 3.78 8.10 -21.18
N ASN A 251 3.67 9.38 -21.54
CA ASN A 251 4.71 10.34 -21.18
C ASN A 251 4.28 11.25 -20.04
N ASP A 252 3.36 10.76 -19.21
CA ASP A 252 3.15 11.39 -17.92
C ASP A 252 4.03 10.62 -16.91
N LEU A 253 5.15 11.25 -16.51
CA LEU A 253 6.15 10.65 -15.64
C LEU A 253 5.89 11.06 -14.20
N ASN A 254 4.89 11.90 -14.00
CA ASN A 254 4.69 12.54 -12.70
C ASN A 254 3.86 11.62 -11.80
N TYR A 255 4.38 10.43 -11.50
CA TYR A 255 3.73 9.48 -10.60
C TYR A 255 3.94 9.91 -9.16
N LYS A 256 2.90 9.68 -8.34
CA LYS A 256 2.96 9.86 -6.89
C LYS A 256 3.79 8.72 -6.30
N SER A 257 4.37 8.94 -5.11
CA SER A 257 5.08 7.84 -4.47
C SER A 257 4.09 6.78 -4.00
N PRO A 258 4.51 5.51 -4.00
CA PRO A 258 3.79 4.47 -3.27
C PRO A 258 3.45 4.87 -1.83
N ALA A 259 4.36 5.59 -1.16
CA ALA A 259 4.11 6.03 0.21
C ALA A 259 2.87 6.93 0.28
N GLU A 260 2.79 7.90 -0.65
CA GLU A 260 1.65 8.80 -0.65
C GLU A 260 0.35 8.02 -0.91
N MET A 261 0.41 7.02 -1.79
CA MET A 261 -0.72 6.17 -2.08
C MET A 261 -1.22 5.48 -0.81
N ILE A 262 -0.30 4.89 -0.04
CA ILE A 262 -0.67 4.21 1.19
C ILE A 262 -1.24 5.23 2.18
N GLU A 263 -0.60 6.39 2.33
CA GLU A 263 -1.12 7.40 3.23
C GLU A 263 -2.52 7.87 2.80
N THR A 264 -2.82 7.89 1.49
CA THR A 264 -4.12 8.36 1.03
C THR A 264 -5.19 7.33 1.40
N VAL A 265 -4.87 6.06 1.24
CA VAL A 265 -5.76 4.99 1.62
C VAL A 265 -6.08 5.09 3.12
N ALA A 266 -5.05 5.24 3.94
CA ALA A 266 -5.26 5.36 5.37
C ALA A 266 -6.12 6.59 5.66
N HIS A 267 -5.85 7.67 4.97
CA HIS A 267 -6.53 8.92 5.17
C HIS A 267 -8.02 8.80 4.86
N ALA A 268 -8.36 8.04 3.84
CA ALA A 268 -9.72 7.87 3.47
C ALA A 268 -10.49 7.26 4.63
N ARG A 269 -9.93 6.23 5.23
CA ARG A 269 -10.56 5.57 6.35
C ARG A 269 -10.68 6.48 7.55
N HIS A 270 -9.67 7.29 7.77
CA HIS A 270 -9.68 8.21 8.87
C HIS A 270 -10.82 9.19 8.76
N ILE A 271 -11.16 9.64 7.56
CA ILE A 271 -12.23 10.63 7.46
C ILE A 271 -13.58 9.92 7.22
N GLY A 272 -13.61 8.58 7.22
CA GLY A 272 -14.85 7.86 7.05
C GLY A 272 -15.31 7.81 5.58
N ALA A 273 -14.38 7.57 4.65
CA ALA A 273 -14.72 7.45 3.25
C ALA A 273 -14.11 6.15 2.70
N ASN A 274 -14.67 5.66 1.57
CA ASN A 274 -13.99 4.68 0.76
C ASN A 274 -12.94 5.38 -0.08
N ILE A 275 -12.02 4.59 -0.66
CA ILE A 275 -11.04 5.11 -1.58
C ILE A 275 -11.02 4.22 -2.82
N LEU A 276 -11.01 4.87 -4.00
CA LEU A 276 -10.74 4.18 -5.27
C LEU A 276 -9.33 4.51 -5.72
N VAL A 277 -8.55 3.47 -6.07
CA VAL A 277 -7.26 3.69 -6.68
C VAL A 277 -7.40 3.37 -8.16
N ASN A 278 -6.99 4.31 -9.00
CA ASN A 278 -7.29 4.22 -10.41
C ASN A 278 -6.13 3.61 -11.19
N ILE A 279 -6.44 2.76 -12.17
CA ILE A 279 -5.47 2.38 -13.19
C ILE A 279 -6.08 2.61 -14.59
N GLY A 280 -5.25 3.08 -15.54
CA GLY A 280 -5.62 3.17 -16.94
C GLY A 280 -5.13 1.96 -17.72
N LEU A 281 -5.99 1.16 -18.37
CA LEU A 281 -5.53 0.01 -19.15
C LEU A 281 -4.84 0.47 -20.44
N THR A 282 -4.02 -0.41 -21.05
CA THR A 282 -3.47 -0.14 -22.38
C THR A 282 -4.61 -0.19 -23.41
N GLY A 283 -4.33 0.25 -24.64
CA GLY A 283 -5.31 0.24 -25.72
C GLY A 283 -6.01 -1.12 -25.82
N THR A 284 -5.26 -2.23 -25.69
CA THR A 284 -5.83 -3.56 -25.89
C THR A 284 -6.34 -4.16 -24.58
N GLY A 285 -6.31 -3.39 -23.47
CA GLY A 285 -6.97 -3.84 -22.25
C GLY A 285 -6.06 -4.54 -21.22
N ALA A 286 -4.72 -4.39 -21.33
CA ALA A 286 -3.84 -4.96 -20.30
C ALA A 286 -3.65 -3.96 -19.14
N ILE A 287 -3.40 -4.48 -17.94
CA ILE A 287 -2.91 -3.65 -16.85
C ILE A 287 -1.46 -3.29 -17.17
N PRO A 288 -1.09 -2.01 -17.26
CA PRO A 288 0.30 -1.66 -17.55
C PRO A 288 1.24 -2.00 -16.41
N ALA A 289 2.52 -2.24 -16.75
CA ALA A 289 3.52 -2.69 -15.77
C ALA A 289 3.62 -1.70 -14.61
N ALA A 290 3.55 -0.39 -14.90
CA ALA A 290 3.67 0.59 -13.81
C ALA A 290 2.55 0.41 -12.78
N ALA A 291 1.32 0.17 -13.25
CA ALA A 291 0.20 -0.02 -12.36
C ALA A 291 0.36 -1.29 -11.51
N GLN A 292 0.85 -2.39 -12.11
CA GLN A 292 1.16 -3.62 -11.40
CA GLN A 292 1.15 -3.61 -11.39
C GLN A 292 2.09 -3.35 -10.20
N THR A 293 3.14 -2.53 -10.41
CA THR A 293 4.08 -2.23 -9.34
C THR A 293 3.36 -1.59 -8.16
N TYR A 294 2.49 -0.61 -8.42
CA TYR A 294 1.77 0.08 -7.36
C TYR A 294 0.80 -0.87 -6.67
N MET A 295 0.17 -1.76 -7.45
CA MET A 295 -0.78 -2.69 -6.88
C MET A 295 -0.06 -3.68 -5.96
N HIS A 296 1.13 -4.15 -6.36
CA HIS A 296 1.88 -5.09 -5.53
C HIS A 296 2.26 -4.41 -4.21
N LEU A 297 2.70 -3.14 -4.26
CA LEU A 297 3.10 -2.48 -3.03
C LEU A 297 1.88 -2.25 -2.14
N LEU A 298 0.78 -1.76 -2.70
CA LEU A 298 -0.43 -1.52 -1.94
C LEU A 298 -1.00 -2.80 -1.35
N GLY A 299 -0.91 -3.87 -2.10
CA GLY A 299 -1.35 -5.17 -1.68
C GLY A 299 -0.63 -5.65 -0.45
N ARG A 300 0.67 -5.40 -0.35
CA ARG A 300 1.39 -5.77 0.85
C ARG A 300 0.90 -5.01 2.07
N TRP A 301 0.64 -3.72 1.91
CA TRP A 301 0.06 -2.93 2.97
C TRP A 301 -1.36 -3.33 3.34
N THR A 302 -2.22 -3.59 2.37
CA THR A 302 -3.61 -3.85 2.71
C THR A 302 -3.72 -5.23 3.33
N ALA A 303 -2.87 -6.20 2.92
CA ALA A 303 -2.92 -7.51 3.59
C ALA A 303 -2.54 -7.34 5.06
N MET A 304 -1.56 -6.49 5.36
CA MET A 304 -1.18 -6.28 6.76
C MET A 304 -2.32 -5.56 7.50
N ALA A 305 -2.98 -4.60 6.82
CA ALA A 305 -3.97 -3.74 7.48
C ALA A 305 -5.38 -4.34 7.51
N ALA A 306 -5.56 -5.55 6.94
CA ALA A 306 -6.86 -6.21 6.81
C ALA A 306 -7.70 -6.19 8.11
N PRO A 307 -7.14 -6.39 9.33
CA PRO A 307 -7.98 -6.35 10.53
C PRO A 307 -8.75 -5.05 10.70
N VAL A 308 -8.28 -3.95 10.09
CA VAL A 308 -8.91 -2.67 10.38
C VAL A 308 -9.42 -1.98 9.10
N LEU A 309 -8.91 -2.37 7.95
CA LEU A 309 -9.14 -1.57 6.76
C LEU A 309 -10.64 -1.54 6.38
N TYR A 310 -11.35 -2.68 6.55
CA TYR A 310 -12.73 -2.84 6.13
C TYR A 310 -13.70 -2.31 7.20
N LYS A 311 -13.51 -2.76 8.45
CA LYS A 311 -14.51 -2.49 9.47
C LYS A 311 -14.13 -1.26 10.29
N GLY A 312 -12.90 -0.74 10.13
CA GLY A 312 -12.48 0.35 11.00
C GLY A 312 -13.25 1.63 10.68
N ARG A 313 -13.60 2.38 11.73
CA ARG A 313 -14.38 3.59 11.56
C ARG A 313 -13.75 4.71 12.36
N PRO A 314 -13.92 5.98 11.94
CA PRO A 314 -13.45 7.10 12.73
C PRO A 314 -14.04 7.11 14.13
N VAL A 315 -13.35 7.68 15.10
CA VAL A 315 -13.86 7.70 16.45
C VAL A 315 -13.32 8.97 17.08
N PRO A 316 -13.98 9.61 18.07
CA PRO A 316 -13.47 10.87 18.63
C PRO A 316 -12.27 10.67 19.56
N VAL A 317 -11.13 10.33 18.97
CA VAL A 317 -9.87 10.16 19.67
C VAL A 317 -8.87 10.91 18.82
N THR A 318 -8.20 11.90 19.40
CA THR A 318 -7.25 12.65 18.60
C THR A 318 -5.82 12.29 19.02
N SER A 319 -4.84 12.72 18.21
CA SER A 319 -3.46 12.46 18.53
C SER A 319 -2.84 13.71 19.14
N ALA A 320 -1.69 13.57 19.79
CA ALA A 320 -1.02 14.69 20.41
C ALA A 320 -0.54 15.69 19.34
N HIS A 321 -0.23 16.89 19.82
CA HIS A 321 0.34 17.99 19.07
C HIS A 321 1.53 17.53 18.23
N GLY A 322 1.45 17.85 16.93
CA GLY A 322 2.59 17.71 16.04
C GLY A 322 2.72 16.32 15.42
N THR A 323 1.75 15.42 15.65
CA THR A 323 1.81 14.13 14.97
C THR A 323 0.65 14.01 13.99
N ARG A 324 0.72 13.08 13.06
CA ARG A 324 -0.36 12.87 12.10
C ARG A 324 -1.06 11.54 12.42
N ASP A 325 -0.81 10.97 13.60
CA ASP A 325 -1.38 9.69 13.97
C ASP A 325 -2.90 9.80 14.11
N PHE A 326 -3.62 8.68 14.01
CA PHE A 326 -5.06 8.68 14.21
C PHE A 326 -5.52 7.31 14.66
N VAL A 327 -6.81 7.19 15.03
CA VAL A 327 -7.33 5.94 15.57
C VAL A 327 -8.51 5.47 14.75
N LEU A 328 -8.61 4.14 14.53
CA LEU A 328 -9.79 3.56 13.93
C LEU A 328 -10.40 2.55 14.90
N HIS A 329 -11.73 2.46 14.90
CA HIS A 329 -12.49 1.67 15.85
C HIS A 329 -13.21 0.54 15.13
N THR A 330 -13.04 -0.69 15.61
CA THR A 330 -13.95 -1.79 15.28
C THR A 330 -14.73 -2.16 16.55
N SER A 331 -15.61 -3.16 16.46
CA SER A 331 -16.44 -3.42 17.63
C SER A 331 -15.62 -4.11 18.72
N LYS A 332 -14.56 -4.84 18.35
CA LYS A 332 -13.73 -5.49 19.36
C LYS A 332 -12.45 -4.71 19.72
N HIS A 333 -11.94 -3.83 18.84
CA HIS A 333 -10.64 -3.22 19.07
C HIS A 333 -10.58 -1.75 18.65
N ASP A 334 -9.62 -1.03 19.24
CA ASP A 334 -9.13 0.19 18.62
C ASP A 334 -7.78 -0.07 17.96
N PHE A 335 -7.49 0.74 16.94
CA PHE A 335 -6.23 0.57 16.22
C PHE A 335 -5.57 1.94 16.10
N LEU A 336 -4.30 2.03 16.50
CA LEU A 336 -3.53 3.25 16.33
C LEU A 336 -2.81 3.18 15.00
N CYS A 337 -3.07 4.18 14.13
CA CYS A 337 -2.40 4.31 12.84
C CYS A 337 -1.31 5.35 12.99
N ILE A 338 -0.06 4.91 12.82
CA ILE A 338 1.05 5.74 13.24
C ILE A 338 1.94 6.01 12.03
N LEU A 339 2.20 7.31 11.82
CA LEU A 339 2.97 7.80 10.67
C LEU A 339 4.33 8.33 11.10
N ASP A 340 5.23 8.56 10.12
CA ASP A 340 6.51 9.23 10.35
C ASP A 340 7.38 8.41 11.31
N LEU A 341 7.37 7.08 11.14
CA LEU A 341 8.30 6.23 11.88
C LEU A 341 9.54 6.03 11.04
N GLN A 342 10.67 5.71 11.69
CA GLN A 342 11.87 5.36 10.94
C GLN A 342 12.31 3.93 11.19
N VAL A 343 13.31 3.49 10.43
CA VAL A 343 13.89 2.16 10.57
C VAL A 343 14.85 2.14 11.75
N VAL A 344 14.92 1.00 12.46
CA VAL A 344 15.82 0.81 13.58
C VAL A 344 17.10 0.14 13.09
N GLY A 345 18.25 0.82 13.24
CA GLY A 345 19.56 0.24 13.00
C GLY A 345 20.09 -0.55 14.20
N LYS A 346 21.42 -0.56 14.39
CA LYS A 346 21.99 -1.31 15.50
C LYS A 346 23.34 -0.71 15.89
N ASP A 347 23.56 -0.63 17.21
CA ASP A 347 24.75 -0.04 17.82
C ASP A 347 25.05 1.32 17.18
N ASN A 348 26.16 1.43 16.45
CA ASN A 348 26.63 2.71 15.93
C ASN A 348 26.01 3.00 14.57
N VAL A 349 25.24 2.04 14.02
CA VAL A 349 24.47 2.27 12.80
C VAL A 349 23.08 2.81 13.19
N VAL A 350 22.92 4.13 13.02
CA VAL A 350 21.75 4.87 13.47
C VAL A 350 20.91 5.19 12.25
N LEU A 351 19.67 4.67 12.21
CA LEU A 351 18.80 4.88 11.06
C LEU A 351 17.65 5.85 11.36
N GLY A 352 17.55 6.21 12.63
CA GLY A 352 16.56 7.10 13.18
C GLY A 352 15.40 6.59 14.00
N GLY A 353 15.10 5.31 13.95
CA GLY A 353 14.00 4.78 14.71
C GLY A 353 14.30 4.30 16.11
N GLU A 354 15.56 4.37 16.51
CA GLU A 354 16.06 3.74 17.73
C GLU A 354 15.55 4.22 19.09
N GLY A 355 15.42 5.53 19.27
CA GLY A 355 15.06 6.07 20.56
C GLY A 355 13.63 5.82 20.96
N VAL A 356 13.34 5.92 22.24
CA VAL A 356 11.95 5.87 22.70
C VAL A 356 11.15 6.97 22.02
N ASN A 357 9.95 6.61 21.54
CA ASN A 357 9.18 7.47 20.66
C ASN A 357 7.75 7.55 21.20
N PRO A 358 7.51 8.37 22.25
CA PRO A 358 6.19 8.45 22.86
C PRO A 358 5.17 9.13 21.93
N ARG A 359 4.13 8.39 21.55
CA ARG A 359 3.03 8.90 20.74
C ARG A 359 1.77 8.83 21.61
N SER A 360 1.10 9.97 21.79
CA SER A 360 -0.05 10.10 22.64
C SER A 360 -1.35 10.33 21.84
N PHE A 361 -2.46 9.93 22.48
CA PHE A 361 -3.81 9.99 21.95
C PHE A 361 -4.72 10.40 23.12
N VAL A 362 -5.75 11.17 22.79
CA VAL A 362 -6.67 11.67 23.79
C VAL A 362 -8.07 11.20 23.41
N GLY A 363 -8.75 10.54 24.34
CA GLY A 363 -10.11 10.08 24.11
C GLY A 363 -10.28 8.58 24.37
N ILE A 364 -9.23 7.91 24.83
CA ILE A 364 -9.37 6.51 25.22
C ILE A 364 -9.52 6.43 26.74
N GLY A 365 -10.70 5.98 27.19
CA GLY A 365 -11.10 6.00 28.59
C GLY A 365 -11.09 4.63 29.27
N GLN A 366 -10.90 3.53 28.52
CA GLN A 366 -10.98 2.18 29.05
C GLN A 366 -9.58 1.64 29.33
N PRO A 367 -9.35 0.88 30.43
CA PRO A 367 -8.04 0.28 30.68
C PRO A 367 -7.62 -0.72 29.61
N ILE A 368 -6.34 -0.70 29.24
CA ILE A 368 -5.88 -1.50 28.13
C ILE A 368 -5.09 -2.69 28.68
N GLN A 369 -5.26 -3.85 28.05
CA GLN A 369 -4.47 -5.00 28.46
C GLN A 369 -3.16 -5.09 27.65
N ARG A 370 -3.23 -4.95 26.32
CA ARG A 370 -2.05 -5.18 25.49
C ARG A 370 -2.18 -4.35 24.21
N ILE A 371 -1.05 -3.86 23.69
CA ILE A 371 -1.01 -3.19 22.40
C ILE A 371 0.11 -3.83 21.58
N HIS A 372 -0.15 -4.13 20.31
CA HIS A 372 0.88 -4.79 19.52
C HIS A 372 0.81 -4.35 18.06
N TRP A 373 1.97 -4.31 17.39
CA TRP A 373 2.01 -3.97 15.97
C TRP A 373 1.39 -5.10 15.14
N LEU A 374 0.63 -4.76 14.11
CA LEU A 374 0.04 -5.76 13.22
C LEU A 374 1.09 -6.47 12.39
N ASP A 375 2.17 -5.77 12.01
CA ASP A 375 3.10 -6.35 11.05
C ASP A 375 3.98 -7.46 11.69
N ASN A 376 4.39 -7.28 12.94
CA ASN A 376 5.26 -8.27 13.57
C ASN A 376 4.81 -8.82 14.92
N ASP A 377 3.71 -8.28 15.42
CA ASP A 377 3.13 -8.69 16.68
C ASP A 377 3.96 -8.28 17.91
N GLU A 378 4.86 -7.33 17.72
CA GLU A 378 5.64 -6.83 18.85
C GLU A 378 4.72 -6.11 19.83
N VAL A 379 4.92 -6.37 21.11
CA VAL A 379 4.11 -5.76 22.16
C VAL A 379 4.74 -4.41 22.52
N LEU A 380 3.90 -3.37 22.62
CA LEU A 380 4.38 -2.02 22.89
C LEU A 380 4.16 -1.66 24.35
N SER A 381 5.05 -0.86 24.90
CA SER A 381 4.78 -0.38 26.25
C SER A 381 3.93 0.88 26.18
N PHE A 382 3.12 1.10 27.23
CA PHE A 382 2.20 2.24 27.20
C PHE A 382 1.90 2.68 28.62
N THR A 383 1.39 3.92 28.77
CA THR A 383 0.83 4.37 30.04
C THR A 383 -0.52 5.00 29.73
N GLN A 384 -1.43 4.99 30.72
CA GLN A 384 -2.70 5.66 30.55
C GLN A 384 -2.94 6.62 31.71
N ASP A 385 -3.63 7.71 31.41
CA ASP A 385 -4.34 8.47 32.44
C ASP A 385 -5.83 8.37 32.11
N LEU A 386 -6.54 7.50 32.85
CA LEU A 386 -7.94 7.21 32.57
C LEU A 386 -8.84 8.44 32.78
N ASP A 387 -8.53 9.30 33.75
CA ASP A 387 -9.40 10.47 33.97
C ASP A 387 -9.37 11.45 32.81
N LYS A 388 -8.18 11.68 32.24
CA LYS A 388 -8.03 12.63 31.14
C LYS A 388 -8.12 11.92 29.79
N LYS A 389 -8.21 10.58 29.83
CA LYS A 389 -8.33 9.75 28.63
C LYS A 389 -7.09 9.86 27.75
N VAL A 390 -5.91 9.80 28.38
CA VAL A 390 -4.66 9.91 27.67
C VAL A 390 -4.07 8.52 27.54
N LEU A 391 -3.62 8.18 26.33
CA LEU A 391 -2.82 6.99 26.10
C LEU A 391 -1.50 7.44 25.50
N THR A 392 -0.37 6.96 26.06
CA THR A 392 0.93 7.18 25.45
C THR A 392 1.58 5.84 25.17
N VAL A 393 2.01 5.60 23.92
CA VAL A 393 2.68 4.36 23.57
C VAL A 393 4.11 4.68 23.16
N ASP A 394 5.06 3.76 23.42
CA ASP A 394 6.38 3.85 22.81
C ASP A 394 6.31 3.21 21.43
N ALA A 395 6.22 4.04 20.39
CA ALA A 395 6.01 3.52 19.04
C ALA A 395 7.38 3.16 18.44
N THR A 396 7.77 1.89 18.60
CA THR A 396 9.10 1.50 18.14
C THR A 396 9.16 1.63 16.61
N GLY A 397 10.38 1.84 16.09
CA GLY A 397 10.60 1.99 14.66
C GLY A 397 10.58 0.63 13.96
N TYR A 398 10.67 0.65 12.62
CA TYR A 398 10.52 -0.57 11.84
C TYR A 398 11.76 -1.46 12.03
N PRO A 399 11.58 -2.78 12.06
CA PRO A 399 12.71 -3.69 11.92
C PRO A 399 13.47 -3.38 10.63
N TYR A 400 14.81 -3.40 10.70
CA TYR A 400 15.64 -3.19 9.53
C TYR A 400 15.11 -4.10 8.43
N GLY A 401 15.02 -3.58 7.21
CA GLY A 401 14.55 -4.37 6.08
C GLY A 401 13.08 -4.15 5.81
N SER A 402 12.41 -3.33 6.63
CA SER A 402 11.00 -3.14 6.36
C SER A 402 10.62 -1.68 6.63
N ASP A 403 9.52 -1.22 6.03
CA ASP A 403 9.01 0.14 6.26
C ASP A 403 7.59 0.19 5.69
N TRP A 404 6.58 0.28 6.57
CA TRP A 404 5.18 0.10 6.20
C TRP A 404 4.49 1.43 5.88
N VAL A 405 5.18 2.55 6.14
CA VAL A 405 4.67 3.88 5.82
C VAL A 405 3.61 4.29 6.84
N VAL A 406 2.55 3.50 6.93
CA VAL A 406 1.57 3.65 7.99
C VAL A 406 1.59 2.37 8.79
N ARG A 407 1.88 2.50 10.08
CA ARG A 407 2.01 1.35 10.93
C ARG A 407 0.81 1.28 11.86
N ILE A 408 0.25 0.09 12.00
CA ILE A 408 -0.95 -0.07 12.79
C ILE A 408 -0.71 -0.90 14.03
N ALA A 409 -1.08 -0.34 15.18
CA ALA A 409 -1.03 -1.08 16.44
C ALA A 409 -2.46 -1.41 16.89
N GLN A 410 -2.70 -2.67 17.23
CA GLN A 410 -4.00 -3.11 17.73
C GLN A 410 -4.05 -3.00 19.25
N ILE A 411 -5.11 -2.39 19.76
CA ILE A 411 -5.32 -2.31 21.21
C ILE A 411 -6.26 -3.42 21.65
N ASP A 412 -5.85 -4.18 22.65
CA ASP A 412 -6.70 -5.18 23.29
C ASP A 412 -7.11 -4.69 24.68
N TYR A 413 -8.39 -4.48 24.88
CA TYR A 413 -8.89 -4.00 26.15
C TYR A 413 -9.01 -5.06 27.23
N GLU A 414 -8.84 -4.65 28.47
CA GLU A 414 -9.04 -5.50 29.61
C GLU A 414 -10.46 -5.94 29.62
N THR B 2 42.27 24.47 -11.17
CA THR B 2 42.64 23.30 -12.03
C THR B 2 41.39 22.71 -12.67
N GLU B 3 41.58 22.16 -13.86
CA GLU B 3 40.59 21.57 -14.71
C GLU B 3 40.75 20.04 -14.64
N PRO B 4 39.68 19.26 -14.89
CA PRO B 4 39.76 17.82 -14.73
C PRO B 4 40.71 17.13 -15.69
N LEU B 5 41.45 16.13 -15.22
CA LEU B 5 42.24 15.29 -16.10
C LEU B 5 41.31 14.61 -17.11
N PRO B 6 41.82 14.15 -18.22
CA PRO B 6 40.92 13.65 -19.26
C PRO B 6 40.04 12.48 -18.80
N ARG B 7 40.53 11.54 -18.01
CA ARG B 7 39.67 10.46 -17.53
C ARG B 7 38.51 10.93 -16.65
N ILE B 8 38.77 11.91 -15.80
CA ILE B 8 37.74 12.59 -15.01
C ILE B 8 36.71 13.41 -15.81
N GLN B 9 37.17 14.13 -16.84
CA GLN B 9 36.27 14.75 -17.78
C GLN B 9 35.36 13.69 -18.42
N HIS B 10 35.91 12.55 -18.85
CA HIS B 10 35.10 11.48 -19.42
CA HIS B 10 35.09 11.49 -19.42
C HIS B 10 34.09 11.01 -18.37
N TYR B 11 34.51 10.91 -17.10
CA TYR B 11 33.64 10.48 -16.02
C TYR B 11 32.43 11.43 -15.91
N GLU B 12 32.68 12.73 -15.91
CA GLU B 12 31.62 13.71 -15.75
C GLU B 12 30.64 13.65 -16.93
N ASP B 13 31.10 13.25 -18.12
CA ASP B 13 30.23 13.09 -19.28
C ASP B 13 29.34 11.86 -19.14
N LEU B 14 29.65 10.94 -18.21
CA LEU B 14 28.82 9.77 -18.06
C LEU B 14 27.43 10.15 -17.55
N GLY B 15 27.37 11.11 -16.63
CA GLY B 15 26.13 11.69 -16.14
C GLY B 15 25.43 10.77 -15.13
N LEU B 16 24.97 9.62 -15.64
CA LEU B 16 24.06 8.76 -14.90
C LEU B 16 24.63 7.34 -14.93
N GLY B 17 24.64 6.71 -13.77
CA GLY B 17 24.97 5.29 -13.74
C GLY B 17 23.93 4.51 -12.95
N LEU B 18 23.96 3.19 -13.13
CA LEU B 18 23.11 2.31 -12.35
C LEU B 18 23.97 1.65 -11.27
N PHE B 19 23.50 1.69 -10.02
CA PHE B 19 24.13 0.99 -8.90
C PHE B 19 23.38 -0.32 -8.72
N ILE B 20 24.11 -1.44 -8.56
CA ILE B 20 23.46 -2.73 -8.38
C ILE B 20 23.97 -3.42 -7.13
N HIS B 21 23.05 -3.66 -6.18
CA HIS B 21 23.36 -4.41 -4.97
C HIS B 21 22.82 -5.81 -5.13
N TRP B 22 23.73 -6.77 -5.00
CA TRP B 22 23.39 -8.18 -5.07
C TRP B 22 24.44 -8.95 -4.29
N GLY B 23 23.98 -9.74 -3.32
CA GLY B 23 24.86 -10.59 -2.57
C GLY B 23 24.04 -11.71 -1.94
N LEU B 24 24.63 -12.38 -0.94
CA LEU B 24 23.88 -13.44 -0.28
C LEU B 24 22.67 -12.85 0.44
N TYR B 25 22.81 -11.61 0.96
CA TYR B 25 21.73 -10.95 1.66
C TYR B 25 20.46 -10.92 0.80
N SER B 26 20.57 -10.89 -0.51
CA SER B 26 19.41 -10.74 -1.38
C SER B 26 18.40 -11.87 -1.23
N GLN B 27 18.85 -13.05 -0.88
CA GLN B 27 17.97 -14.17 -0.63
C GLN B 27 17.00 -13.91 0.54
N MET B 28 17.46 -13.24 1.57
CA MET B 28 16.64 -12.79 2.68
C MET B 28 15.64 -11.71 2.39
N ALA B 29 16.01 -10.79 1.53
CA ALA B 29 15.20 -9.67 1.14
C ALA B 29 14.76 -8.83 2.32
N VAL B 30 15.66 -8.65 3.27
CA VAL B 30 15.44 -7.73 4.39
C VAL B 30 16.62 -6.78 4.51
N GLY B 31 17.18 -6.34 3.37
CA GLY B 31 18.26 -5.34 3.36
C GLY B 31 19.67 -5.95 3.48
N GLU B 32 20.66 -5.22 2.97
CA GLU B 32 22.00 -5.79 2.75
C GLU B 32 22.78 -5.86 4.07
N TRP B 33 22.39 -5.08 5.10
CA TRP B 33 23.09 -5.15 6.38
C TRP B 33 22.46 -6.22 7.29
N THR B 34 21.63 -7.13 6.78
CA THR B 34 20.87 -8.02 7.64
C THR B 34 21.76 -8.81 8.62
N GLU B 35 22.94 -9.27 8.18
CA GLU B 35 23.77 -10.13 9.01
C GLU B 35 24.16 -9.43 10.31
N LEU B 36 24.63 -8.19 10.23
CA LEU B 36 24.98 -7.43 11.42
C LEU B 36 23.73 -6.92 12.13
N ILE B 37 22.81 -6.26 11.41
CA ILE B 37 21.75 -5.51 12.08
C ILE B 37 20.75 -6.46 12.72
N HIS B 38 20.50 -7.62 12.11
CA HIS B 38 19.61 -8.57 12.74
C HIS B 38 20.38 -9.57 13.62
N HIS B 39 21.67 -9.31 13.91
CA HIS B 39 22.52 -10.09 14.80
C HIS B 39 22.36 -11.58 14.51
N ARG B 40 22.57 -11.98 13.26
CA ARG B 40 22.45 -13.38 12.91
C ARG B 40 23.71 -14.15 13.36
N ASN B 41 23.55 -15.45 13.61
CA ASN B 41 24.69 -16.34 13.69
C ASN B 41 25.36 -16.37 12.30
N GLN B 42 26.66 -16.04 12.28
CA GLN B 42 27.43 -16.03 11.07
C GLN B 42 27.36 -17.36 10.31
N HIS B 43 27.58 -18.48 10.99
CA HIS B 43 27.57 -19.77 10.30
C HIS B 43 26.24 -19.95 9.58
N ASP B 44 25.11 -19.64 10.23
CA ASP B 44 23.79 -19.88 9.68
C ASP B 44 23.53 -18.98 8.46
N TYR B 45 23.89 -17.68 8.60
CA TYR B 45 23.78 -16.75 7.49
C TYR B 45 24.62 -17.21 6.28
N GLU B 46 25.86 -17.65 6.53
CA GLU B 46 26.79 -17.95 5.45
C GLU B 46 26.38 -19.22 4.71
N GLN B 47 25.42 -20.00 5.25
CA GLN B 47 24.84 -21.14 4.51
C GLN B 47 24.13 -20.67 3.25
N LEU B 48 23.78 -19.38 3.19
CA LEU B 48 23.15 -18.84 1.98
C LEU B 48 24.02 -19.07 0.72
N ILE B 49 25.33 -19.29 0.89
CA ILE B 49 26.19 -19.62 -0.25
C ILE B 49 25.68 -20.89 -0.95
N LYS B 50 25.06 -21.81 -0.19
CA LYS B 50 24.70 -23.10 -0.76
C LYS B 50 23.50 -22.97 -1.70
N THR B 51 22.76 -21.86 -1.58
CA THR B 51 21.59 -21.70 -2.44
C THR B 51 21.80 -20.51 -3.37
N PHE B 52 23.04 -19.99 -3.49
CA PHE B 52 23.35 -18.93 -4.44
C PHE B 52 23.55 -19.49 -5.84
N THR B 53 22.46 -19.63 -6.61
CA THR B 53 22.50 -20.32 -7.89
C THR B 53 22.73 -19.30 -9.00
N ALA B 54 22.40 -18.02 -8.74
CA ALA B 54 22.38 -17.00 -9.78
C ALA B 54 21.49 -17.45 -10.94
N ALA B 55 20.44 -18.23 -10.67
CA ALA B 55 19.66 -18.86 -11.74
C ALA B 55 18.98 -17.79 -12.62
N GLN B 56 18.82 -16.55 -12.15
CA GLN B 56 18.09 -15.61 -12.99
C GLN B 56 18.95 -14.40 -13.29
N PHE B 57 20.26 -14.53 -13.06
CA PHE B 57 21.16 -13.44 -13.37
C PHE B 57 21.48 -13.49 -14.86
N ASP B 58 21.15 -12.41 -15.57
CA ASP B 58 21.49 -12.29 -16.97
C ASP B 58 22.16 -10.93 -17.16
N ALA B 59 23.49 -10.94 -17.27
CA ALA B 59 24.25 -9.70 -17.34
C ALA B 59 23.85 -8.90 -18.58
N LYS B 60 23.46 -9.59 -19.65
CA LYS B 60 23.03 -8.95 -20.88
C LYS B 60 21.74 -8.18 -20.65
N LYS B 61 20.79 -8.74 -19.89
CA LYS B 61 19.55 -8.05 -19.57
C LYS B 61 19.85 -6.80 -18.74
N ILE B 62 20.77 -6.94 -17.79
CA ILE B 62 21.09 -5.83 -16.92
C ILE B 62 21.74 -4.71 -17.74
N ALA B 63 22.68 -5.08 -18.65
CA ALA B 63 23.36 -4.06 -19.42
C ALA B 63 22.38 -3.39 -20.37
N HIS B 64 21.43 -4.17 -20.92
CA HIS B 64 20.42 -3.62 -21.80
C HIS B 64 19.52 -2.60 -21.06
N ALA B 65 19.08 -2.96 -19.86
CA ALA B 65 18.27 -2.10 -19.03
C ALA B 65 19.01 -0.80 -18.71
N ALA B 66 20.31 -0.89 -18.41
CA ALA B 66 21.10 0.30 -18.14
C ALA B 66 21.16 1.20 -19.39
N LYS B 67 21.35 0.57 -20.55
CA LYS B 67 21.44 1.31 -21.79
C LYS B 67 20.10 2.02 -22.01
N ALA B 68 18.99 1.30 -21.82
CA ALA B 68 17.66 1.85 -22.07
C ALA B 68 17.36 3.00 -21.11
N VAL B 69 17.91 2.98 -19.89
CA VAL B 69 17.58 4.03 -18.94
C VAL B 69 18.46 5.25 -19.18
N GLY B 70 19.45 5.15 -20.08
CA GLY B 70 20.34 6.27 -20.35
C GLY B 70 21.58 6.27 -19.44
N ALA B 71 21.81 5.18 -18.69
CA ALA B 71 23.01 5.10 -17.86
C ALA B 71 24.22 4.82 -18.75
N LYS B 72 25.40 5.30 -18.35
CA LYS B 72 26.58 5.11 -19.18
C LYS B 72 27.62 4.27 -18.43
N TYR B 73 27.32 3.92 -17.17
CA TYR B 73 28.13 2.98 -16.43
C TYR B 73 27.26 2.27 -15.40
N ILE B 74 27.79 1.17 -14.87
CA ILE B 74 27.13 0.38 -13.85
C ILE B 74 28.16 0.08 -12.75
N VAL B 75 27.77 0.28 -11.50
CA VAL B 75 28.56 -0.07 -10.34
C VAL B 75 27.91 -1.31 -9.75
N LEU B 76 28.64 -2.44 -9.78
CA LEU B 76 28.14 -3.69 -9.22
C LEU B 76 28.89 -4.02 -7.93
N THR B 77 28.16 -4.46 -6.92
CA THR B 77 28.77 -4.91 -5.66
C THR B 77 29.55 -6.20 -5.92
N THR B 78 30.90 -6.13 -5.93
CA THR B 78 31.68 -7.35 -6.15
C THR B 78 31.92 -8.07 -4.82
N LYS B 79 31.93 -7.29 -3.72
CA LYS B 79 31.99 -7.85 -2.37
C LYS B 79 31.46 -6.80 -1.41
N HIS B 80 30.40 -7.14 -0.65
CA HIS B 80 29.79 -6.22 0.30
C HIS B 80 30.34 -6.52 1.70
N HIS B 81 29.81 -5.86 2.75
CA HIS B 81 30.30 -6.12 4.11
C HIS B 81 30.24 -7.62 4.45
N GLU B 82 29.23 -8.34 3.96
CA GLU B 82 29.09 -9.75 4.29
C GLU B 82 30.35 -10.52 3.84
N GLY B 83 31.11 -9.95 2.89
CA GLY B 83 32.46 -10.45 2.59
C GLY B 83 32.45 -11.58 1.56
N PHE B 84 31.31 -11.84 0.92
CA PHE B 84 31.21 -12.85 -0.12
C PHE B 84 31.54 -12.24 -1.49
N PHE B 85 32.37 -12.93 -2.28
CA PHE B 85 32.87 -12.37 -3.54
C PHE B 85 32.08 -12.93 -4.73
N LEU B 86 31.69 -12.03 -5.64
CA LEU B 86 30.88 -12.43 -6.78
C LEU B 86 31.76 -12.85 -7.96
N TYR B 87 33.07 -13.01 -7.71
CA TYR B 87 33.98 -13.42 -8.76
C TYR B 87 34.94 -14.48 -8.24
N ASP B 88 35.74 -15.04 -9.15
CA ASP B 88 36.69 -16.08 -8.82
C ASP B 88 37.90 -15.43 -8.17
N THR B 89 38.10 -15.67 -6.86
CA THR B 89 39.21 -15.01 -6.18
C THR B 89 40.51 -15.81 -6.34
N LYS B 90 40.47 -16.91 -7.11
CA LYS B 90 41.67 -17.66 -7.50
C LYS B 90 42.43 -18.14 -6.27
N GLY B 91 41.71 -18.64 -5.26
CA GLY B 91 42.34 -19.17 -4.07
C GLY B 91 42.48 -18.16 -2.92
N LEU B 92 42.17 -16.87 -3.13
CA LEU B 92 42.25 -15.98 -1.97
C LEU B 92 41.22 -16.37 -0.89
N SER B 93 40.04 -16.85 -1.32
CA SER B 93 38.98 -17.14 -0.38
C SER B 93 38.10 -18.25 -0.94
N ASP B 94 37.52 -19.09 -0.07
CA ASP B 94 36.52 -20.07 -0.47
C ASP B 94 35.10 -19.48 -0.41
N PHE B 95 34.98 -18.26 0.11
CA PHE B 95 33.67 -17.64 0.23
C PHE B 95 33.42 -16.81 -1.03
N ASP B 96 33.28 -17.50 -2.17
CA ASP B 96 33.18 -16.81 -3.44
C ASP B 96 32.27 -17.63 -4.33
N VAL B 97 31.94 -17.06 -5.49
CA VAL B 97 30.89 -17.63 -6.31
C VAL B 97 31.33 -18.97 -6.90
N MET B 98 32.65 -19.22 -6.97
CA MET B 98 33.13 -20.49 -7.50
C MET B 98 32.88 -21.63 -6.52
N HIS B 99 32.60 -21.32 -5.25
CA HIS B 99 32.23 -22.34 -4.28
C HIS B 99 30.72 -22.35 -4.03
N ALA B 100 29.95 -21.68 -4.88
CA ALA B 100 28.50 -21.69 -4.77
C ALA B 100 27.96 -22.52 -5.94
N PRO B 101 26.70 -23.00 -5.90
CA PRO B 101 26.14 -23.71 -7.04
C PRO B 101 26.21 -22.93 -8.36
N ALA B 102 26.27 -21.62 -8.32
CA ALA B 102 26.28 -20.87 -9.55
C ALA B 102 27.47 -21.23 -10.42
N ARG B 103 28.64 -21.35 -9.81
CA ARG B 103 29.85 -21.79 -10.47
C ARG B 103 30.20 -20.97 -11.69
N ARG B 104 29.95 -19.68 -11.62
CA ARG B 104 30.18 -18.78 -12.72
C ARG B 104 30.87 -17.58 -12.17
N ASP B 105 31.82 -17.02 -12.90
CA ASP B 105 32.38 -15.76 -12.53
C ASP B 105 31.44 -14.69 -13.05
N LEU B 106 30.72 -14.08 -12.14
CA LEU B 106 29.64 -13.18 -12.48
C LEU B 106 30.22 -11.85 -12.91
N ILE B 107 31.37 -11.49 -12.33
CA ILE B 107 32.07 -10.29 -12.77
C ILE B 107 32.50 -10.44 -14.24
N ALA B 108 32.90 -11.66 -14.68
CA ALA B 108 33.31 -11.84 -16.07
C ALA B 108 32.11 -11.59 -17.00
N GLU B 109 30.96 -12.15 -16.64
CA GLU B 109 29.73 -11.98 -17.42
C GLU B 109 29.37 -10.49 -17.47
N PHE B 110 29.53 -9.80 -16.32
CA PHE B 110 29.13 -8.41 -16.20
C PHE B 110 29.98 -7.54 -17.12
N VAL B 111 31.29 -7.74 -17.08
CA VAL B 111 32.22 -6.94 -17.86
C VAL B 111 31.96 -7.15 -19.35
N ALA B 112 31.73 -8.41 -19.78
CA ALA B 112 31.48 -8.67 -21.19
C ALA B 112 30.19 -7.95 -21.62
N ALA B 113 29.16 -8.02 -20.77
CA ALA B 113 27.87 -7.43 -21.10
C ALA B 113 27.98 -5.92 -21.19
N CYS B 114 28.74 -5.30 -20.29
CA CYS B 114 28.93 -3.85 -20.33
C CYS B 114 29.62 -3.38 -21.61
N ARG B 115 30.65 -4.10 -22.04
CA ARG B 115 31.41 -3.75 -23.23
C ARG B 115 30.55 -3.81 -24.48
N GLU B 116 29.68 -4.79 -24.53
CA GLU B 116 28.79 -4.99 -25.67
C GLU B 116 27.89 -3.77 -25.84
N GLU B 117 27.50 -3.18 -24.72
CA GLU B 117 26.54 -2.08 -24.73
C GLU B 117 27.26 -0.76 -24.64
N ASP B 118 28.59 -0.79 -24.66
CA ASP B 118 29.36 0.43 -24.55
C ASP B 118 29.17 1.12 -23.19
N LEU B 119 29.00 0.33 -22.13
CA LEU B 119 28.93 0.88 -20.77
C LEU B 119 30.24 0.62 -20.07
N LEU B 120 30.64 1.52 -19.17
CA LEU B 120 31.80 1.30 -18.32
C LEU B 120 31.41 0.43 -17.13
N PRO B 121 32.09 -0.73 -16.90
CA PRO B 121 31.89 -1.50 -15.68
C PRO B 121 32.70 -0.94 -14.51
N PHE B 122 32.02 -0.74 -13.38
CA PHE B 122 32.67 -0.28 -12.16
C PHE B 122 32.45 -1.35 -11.09
N PHE B 123 33.42 -1.49 -10.19
CA PHE B 123 33.35 -2.52 -9.17
C PHE B 123 33.27 -1.86 -7.80
N TYR B 124 32.17 -2.12 -7.09
CA TYR B 124 32.10 -1.70 -5.70
C TYR B 124 32.84 -2.74 -4.86
N MET B 125 33.59 -2.26 -3.87
CA MET B 125 34.32 -3.14 -2.96
C MET B 125 34.21 -2.57 -1.54
N ALA B 126 33.64 -3.37 -0.62
CA ALA B 126 33.57 -2.92 0.78
C ALA B 126 34.90 -3.16 1.51
N THR B 127 35.38 -2.15 2.25
CA THR B 127 36.62 -2.35 2.97
C THR B 127 36.33 -2.84 4.39
N TYR B 128 35.16 -2.51 4.95
CA TYR B 128 34.74 -3.10 6.21
C TYR B 128 34.14 -4.48 5.92
N ASP B 129 34.78 -5.54 6.43
CA ASP B 129 34.47 -6.90 6.02
C ASP B 129 34.11 -7.69 7.29
N TRP B 130 32.96 -8.39 7.27
CA TRP B 130 32.47 -9.15 8.42
C TRP B 130 32.92 -10.61 8.34
N HIS B 131 33.45 -11.05 7.20
CA HIS B 131 33.68 -12.47 7.05
C HIS B 131 35.08 -12.88 7.53
N THR B 132 36.15 -12.23 7.04
CA THR B 132 37.50 -12.61 7.37
C THR B 132 37.90 -12.12 8.75
N PRO B 133 38.36 -13.04 9.63
CA PRO B 133 38.86 -12.63 10.95
C PRO B 133 40.11 -11.74 10.88
N LEU B 134 40.79 -11.71 9.72
CA LEU B 134 41.96 -10.84 9.56
C LEU B 134 41.62 -9.41 9.92
N TYR B 135 40.37 -8.99 9.61
CA TYR B 135 39.94 -7.61 9.75
C TYR B 135 40.26 -7.13 11.17
N ASP B 136 39.87 -7.88 12.20
CA ASP B 136 40.13 -7.49 13.57
C ASP B 136 41.44 -8.05 14.11
N ASP B 137 41.83 -9.26 13.68
CA ASP B 137 42.87 -10.03 14.36
C ASP B 137 44.27 -9.75 13.81
N ASP B 138 44.37 -9.32 12.55
CA ASP B 138 45.65 -9.09 11.92
C ASP B 138 45.47 -8.08 10.79
N PHE B 139 45.39 -6.81 11.17
CA PHE B 139 44.99 -5.77 10.26
C PHE B 139 45.97 -5.66 9.08
N PRO B 140 47.31 -5.70 9.30
CA PRO B 140 48.26 -5.70 8.19
C PRO B 140 48.01 -6.81 7.16
N ALA B 141 47.65 -8.00 7.65
CA ALA B 141 47.32 -9.08 6.73
C ALA B 141 45.99 -8.80 6.02
N TYR B 142 45.06 -8.12 6.70
CA TYR B 142 43.78 -7.70 6.11
C TYR B 142 44.04 -6.79 4.90
N LEU B 143 44.92 -5.81 5.07
CA LEU B 143 45.26 -4.91 3.97
C LEU B 143 45.79 -5.69 2.77
N THR B 144 46.56 -6.75 3.03
CA THR B 144 47.12 -7.56 1.95
C THR B 144 45.99 -8.29 1.25
N TYR B 145 45.03 -8.81 2.04
CA TYR B 145 43.90 -9.56 1.51
C TYR B 145 43.03 -8.63 0.67
N LEU B 146 42.74 -7.44 1.22
CA LEU B 146 41.96 -6.46 0.49
C LEU B 146 42.66 -6.14 -0.83
N GLN B 147 43.97 -5.85 -0.75
CA GLN B 147 44.74 -5.45 -1.93
C GLN B 147 44.75 -6.59 -2.95
N LYS B 148 44.89 -7.82 -2.48
CA LYS B 148 44.90 -8.95 -3.39
C LYS B 148 43.55 -9.10 -4.09
N SER B 149 42.47 -8.84 -3.36
CA SER B 149 41.13 -8.99 -3.94
C SER B 149 40.93 -7.93 -5.04
N VAL B 150 41.46 -6.73 -4.82
CA VAL B 150 41.40 -5.70 -5.85
C VAL B 150 42.32 -6.05 -7.03
N GLU B 151 43.49 -6.63 -6.73
CA GLU B 151 44.44 -7.02 -7.76
C GLU B 151 43.81 -8.01 -8.73
N VAL B 152 43.03 -8.99 -8.22
CA VAL B 152 42.36 -9.92 -9.12
C VAL B 152 41.44 -9.17 -10.07
N LEU B 153 40.76 -8.12 -9.57
CA LEU B 153 39.78 -7.39 -10.36
C LEU B 153 40.54 -6.55 -11.40
N CYS B 154 41.72 -6.08 -11.04
CA CYS B 154 42.62 -5.37 -11.95
C CYS B 154 43.20 -6.19 -13.08
N ARG B 155 43.54 -7.44 -12.82
CA ARG B 155 44.26 -8.22 -13.80
C ARG B 155 43.49 -9.23 -14.63
N ASN B 156 42.29 -9.60 -14.19
CA ASN B 156 41.60 -10.70 -14.82
C ASN B 156 40.42 -10.37 -15.74
N TYR B 157 40.15 -9.10 -16.01
CA TYR B 157 38.88 -8.80 -16.67
C TYR B 157 39.09 -7.77 -17.78
N GLY B 158 40.33 -7.42 -18.13
CA GLY B 158 40.57 -6.41 -19.15
C GLY B 158 40.47 -5.00 -18.52
N PRO B 159 40.37 -3.92 -19.35
CA PRO B 159 40.22 -2.57 -18.82
C PRO B 159 38.89 -2.38 -18.11
N VAL B 160 38.92 -1.75 -16.94
CA VAL B 160 37.70 -1.57 -16.18
C VAL B 160 37.45 -0.07 -16.04
N GLY B 161 36.17 0.31 -15.96
CA GLY B 161 35.83 1.71 -15.91
C GLY B 161 36.28 2.32 -14.58
N GLY B 162 36.13 1.57 -13.48
CA GLY B 162 36.57 2.18 -12.22
C GLY B 162 36.24 1.29 -11.01
N PHE B 163 36.60 1.83 -9.85
CA PHE B 163 36.43 1.16 -8.57
C PHE B 163 35.69 2.11 -7.67
N TRP B 164 34.76 1.53 -6.90
CA TRP B 164 33.94 2.31 -5.99
C TRP B 164 34.20 1.76 -4.58
N PHE B 165 35.02 2.49 -3.83
CA PHE B 165 35.48 1.97 -2.55
C PHE B 165 34.59 2.48 -1.43
N ASP B 166 34.05 1.54 -0.66
CA ASP B 166 33.22 1.92 0.45
C ASP B 166 34.02 1.80 1.75
N GLY B 167 34.48 2.95 2.27
CA GLY B 167 35.38 3.00 3.42
C GLY B 167 34.69 3.41 4.73
N ASN B 168 33.35 3.36 4.74
CA ASN B 168 32.55 3.75 5.90
C ASN B 168 32.58 2.66 6.96
N TRP B 169 32.31 3.05 8.21
CA TRP B 169 32.18 2.13 9.35
C TRP B 169 33.51 1.47 9.76
N ASN B 170 34.61 2.09 9.35
CA ASN B 170 35.92 1.54 9.62
C ASN B 170 36.42 1.95 11.00
N LYS B 171 37.62 1.50 11.34
CA LYS B 171 38.33 2.07 12.48
C LYS B 171 38.95 3.39 12.02
N LYS B 172 38.74 4.45 12.81
CA LYS B 172 38.89 5.81 12.28
C LYS B 172 40.38 6.13 12.13
N ASP B 173 41.21 5.59 13.04
CA ASP B 173 42.59 6.04 13.12
C ASP B 173 43.50 5.33 12.12
N ALA B 174 43.00 4.29 11.41
CA ALA B 174 43.88 3.25 10.92
C ALA B 174 44.62 3.72 9.67
N ASP B 175 45.82 3.18 9.43
CA ASP B 175 46.55 3.46 8.20
C ASP B 175 46.15 2.41 7.18
N TRP B 176 45.44 2.84 6.12
CA TRP B 176 44.87 1.91 5.14
C TRP B 176 45.85 1.68 3.99
N HIS B 177 47.00 2.36 4.00
CA HIS B 177 48.01 2.16 2.95
C HIS B 177 47.37 2.43 1.60
N LEU B 178 46.72 3.60 1.50
CA LEU B 178 46.03 3.94 0.26
C LEU B 178 47.02 4.15 -0.89
N PRO B 179 48.19 4.72 -0.63
CA PRO B 179 49.08 4.98 -1.74
C PRO B 179 49.45 3.67 -2.43
N GLU B 180 49.69 2.62 -1.65
CA GLU B 180 49.93 1.31 -2.21
C GLU B 180 48.75 0.67 -2.94
N LEU B 181 47.56 0.73 -2.35
CA LEU B 181 46.38 0.16 -2.97
C LEU B 181 45.96 0.84 -4.26
N TYR B 182 45.95 2.16 -4.23
CA TYR B 182 45.64 2.97 -5.38
C TYR B 182 46.74 2.94 -6.42
N GLY B 183 47.97 2.89 -5.96
CA GLY B 183 49.14 2.81 -6.81
C GLY B 183 49.16 1.56 -7.63
N MET B 184 48.76 0.45 -7.02
CA MET B 184 48.65 -0.81 -7.72
C MET B 184 47.60 -0.75 -8.82
N ILE B 185 46.48 -0.10 -8.53
CA ILE B 185 45.41 0.06 -9.50
C ILE B 185 45.89 0.88 -10.68
N ARG B 186 46.65 1.93 -10.39
CA ARG B 186 47.17 2.79 -11.44
C ARG B 186 48.07 2.00 -12.37
N HIS B 187 48.91 1.15 -11.80
CA HIS B 187 49.82 0.35 -12.62
C HIS B 187 49.10 -0.62 -13.56
N TYR B 188 48.14 -1.37 -13.03
CA TYR B 188 47.28 -2.23 -13.82
C TYR B 188 46.22 -1.57 -14.70
N GLN B 189 45.61 -0.52 -14.18
CA GLN B 189 44.43 0.07 -14.79
C GLN B 189 44.62 1.58 -14.79
N PRO B 190 45.57 2.12 -15.59
CA PRO B 190 45.91 3.55 -15.48
C PRO B 190 44.69 4.45 -15.66
N ASN B 191 43.74 4.00 -16.50
CA ASN B 191 42.60 4.84 -16.85
C ASN B 191 41.36 4.63 -15.98
N ALA B 192 41.45 3.81 -14.93
CA ALA B 192 40.33 3.53 -14.05
C ALA B 192 39.98 4.75 -13.21
N ILE B 193 38.66 4.97 -13.05
CA ILE B 193 38.22 6.01 -12.13
C ILE B 193 38.18 5.43 -10.72
N ILE B 194 38.82 6.12 -9.78
CA ILE B 194 38.73 5.67 -8.40
C ILE B 194 37.75 6.55 -7.65
N VAL B 195 36.66 5.94 -7.17
CA VAL B 195 35.65 6.64 -6.41
C VAL B 195 35.78 6.19 -4.95
N SER B 196 35.71 7.16 -4.03
CA SER B 196 35.74 6.84 -2.61
C SER B 196 34.55 7.51 -1.89
N ASN B 197 33.81 6.73 -1.08
CA ASN B 197 32.74 7.37 -0.31
C ASN B 197 33.26 7.96 1.02
N THR B 198 34.56 7.93 1.24
CA THR B 198 35.17 8.69 2.33
C THR B 198 36.41 9.39 1.77
N GLY B 199 36.24 10.00 0.58
CA GLY B 199 37.37 10.61 -0.13
C GLY B 199 37.82 11.94 0.47
N LEU B 200 36.96 12.60 1.28
CA LEU B 200 37.28 13.75 2.09
C LEU B 200 37.46 13.31 3.54
N GLN B 205 40.44 18.30 2.53
CA GLN B 205 41.59 17.45 2.14
C GLN B 205 41.10 16.07 1.67
N VAL B 206 41.59 15.64 0.51
CA VAL B 206 41.29 14.33 -0.07
C VAL B 206 42.05 13.24 0.69
N SER B 207 41.55 12.02 0.66
CA SER B 207 42.16 10.99 1.49
C SER B 207 43.40 10.38 0.79
N ASP B 208 43.55 10.64 -0.51
CA ASP B 208 44.71 10.21 -1.25
C ASP B 208 44.73 10.91 -2.60
N PRO B 209 45.91 11.34 -3.10
CA PRO B 209 46.01 11.98 -4.42
C PRO B 209 45.37 11.20 -5.55
N GLU B 210 45.26 9.86 -5.43
CA GLU B 210 44.83 9.06 -6.56
C GLU B 210 43.28 9.01 -6.68
N ILE B 211 42.57 9.49 -5.67
CA ILE B 211 41.11 9.56 -5.73
C ILE B 211 40.68 10.53 -6.83
N ASP B 212 39.73 10.07 -7.66
CA ASP B 212 39.24 10.82 -8.81
C ASP B 212 37.85 11.42 -8.53
N VAL B 213 37.06 10.72 -7.74
CA VAL B 213 35.71 11.08 -7.43
C VAL B 213 35.39 10.89 -5.97
N VAL B 214 34.69 11.84 -5.40
CA VAL B 214 34.19 11.74 -4.05
C VAL B 214 32.66 11.75 -4.11
N THR B 215 32.04 11.05 -3.17
CA THR B 215 30.59 11.04 -2.98
C THR B 215 30.01 12.12 -2.07
N TYR B 216 28.77 12.51 -2.36
CA TYR B 216 28.08 13.55 -1.64
C TYR B 216 26.65 13.16 -1.40
N GLU B 217 26.04 13.79 -0.40
CA GLU B 217 24.64 13.58 -0.05
C GLU B 217 23.73 14.09 -1.14
N ARG B 218 22.61 13.40 -1.34
CA ARG B 218 21.67 13.75 -2.38
C ARG B 218 21.23 15.20 -2.27
N ARG B 219 21.12 15.65 -1.01
CA ARG B 219 20.45 16.92 -0.72
C ARG B 219 21.42 18.10 -0.76
N THR B 220 22.70 17.87 -1.07
CA THR B 220 23.67 18.97 -1.12
C THR B 220 23.05 20.12 -1.92
N PRO B 221 22.92 21.36 -1.34
CA PRO B 221 22.17 22.43 -2.02
C PRO B 221 22.89 23.10 -3.19
N ASP B 222 24.22 23.26 -3.06
CA ASP B 222 25.00 24.07 -3.99
C ASP B 222 26.04 23.17 -4.64
N GLU B 223 26.66 23.71 -5.72
CA GLU B 223 27.73 23.07 -6.46
C GLU B 223 28.78 22.48 -5.50
N ILE B 224 29.27 21.27 -5.84
CA ILE B 224 30.07 20.44 -4.95
C ILE B 224 31.52 20.92 -4.91
N TYR B 225 32.31 20.34 -4.00
CA TYR B 225 33.71 20.69 -3.79
C TYR B 225 34.63 19.92 -4.75
N HIS B 226 35.49 20.66 -5.47
CA HIS B 226 36.30 20.04 -6.50
C HIS B 226 37.78 19.86 -6.11
N GLY B 227 38.11 20.08 -4.81
CA GLY B 227 39.48 20.05 -4.34
C GLY B 227 40.07 21.47 -4.15
N ALA B 228 41.18 21.55 -3.39
CA ALA B 228 41.85 22.81 -3.06
C ALA B 228 42.43 23.43 -4.34
N PRO B 229 42.57 24.78 -4.44
CA PRO B 229 43.24 25.38 -5.61
C PRO B 229 44.71 24.94 -5.72
N ASN B 230 45.16 24.80 -6.96
CA ASN B 230 46.44 24.21 -7.30
C ASN B 230 46.47 22.70 -7.05
N GLU B 231 45.38 22.10 -6.57
CA GLU B 231 45.35 20.65 -6.37
C GLU B 231 44.57 20.00 -7.51
N LYS B 232 44.74 18.69 -7.67
CA LYS B 232 44.02 17.87 -8.63
C LYS B 232 42.51 18.10 -8.45
N TYR B 233 41.81 18.29 -9.59
CA TYR B 233 40.37 18.41 -9.54
C TYR B 233 39.75 17.03 -9.30
N VAL B 234 38.80 16.96 -8.35
CA VAL B 234 38.11 15.71 -8.05
C VAL B 234 36.61 15.92 -8.34
N ALA B 235 36.02 14.97 -9.06
CA ALA B 235 34.61 15.05 -9.43
C ALA B 235 33.76 14.60 -8.23
N GLY B 236 32.43 14.69 -8.39
CA GLY B 236 31.48 14.32 -7.35
C GLY B 236 30.38 13.39 -7.88
N GLU B 237 29.74 12.68 -6.95
CA GLU B 237 28.71 11.74 -7.36
C GLU B 237 27.72 11.62 -6.20
N ILE B 238 26.42 11.61 -6.54
CA ILE B 238 25.42 11.32 -5.54
C ILE B 238 24.71 10.02 -5.93
N SER B 239 24.02 9.43 -4.97
CA SER B 239 23.37 8.14 -5.08
C SER B 239 21.93 8.24 -4.56
N ILE B 240 21.04 7.46 -5.17
CA ILE B 240 19.70 7.42 -4.65
C ILE B 240 19.25 5.96 -4.75
N THR B 241 18.62 5.50 -3.67
CA THR B 241 17.98 4.20 -3.74
C THR B 241 16.47 4.43 -3.79
N LEU B 242 15.74 3.46 -4.32
CA LEU B 242 14.33 3.69 -4.63
C LEU B 242 13.46 3.69 -3.37
N ASN B 243 13.76 2.81 -2.40
CA ASN B 243 13.13 2.82 -1.11
C ASN B 243 14.19 3.19 -0.06
N GLN B 244 14.13 2.60 1.13
CA GLN B 244 15.03 2.96 2.22
C GLN B 244 16.28 2.05 2.21
N HIS B 245 16.32 0.97 1.41
CA HIS B 245 17.39 -0.01 1.49
C HIS B 245 18.14 -0.08 0.17
N TRP B 246 19.38 -0.59 0.21
CA TRP B 246 20.17 -0.73 -1.02
C TRP B 246 20.02 -2.14 -1.61
N GLY B 247 20.21 -3.19 -0.79
CA GLY B 247 19.76 -4.51 -1.22
C GLY B 247 18.23 -4.58 -1.20
N ILE B 248 17.67 -5.60 -1.85
CA ILE B 248 16.24 -5.77 -1.97
C ILE B 248 15.65 -5.95 -0.57
N ALA B 249 14.45 -5.40 -0.38
CA ALA B 249 13.78 -5.41 0.90
C ALA B 249 12.27 -5.46 0.62
N ALA B 250 11.73 -6.68 0.70
CA ALA B 250 10.39 -7.02 0.23
C ALA B 250 9.33 -6.19 0.94
N ASN B 251 9.48 -5.96 2.26
CA ASN B 251 8.46 -5.23 2.99
C ASN B 251 8.85 -3.78 3.27
N ASP B 252 9.76 -3.26 2.46
CA ASP B 252 9.98 -1.82 2.48
C ASP B 252 9.09 -1.21 1.39
N LEU B 253 7.98 -0.59 1.80
CA LEU B 253 6.99 -0.04 0.88
C LEU B 253 7.24 1.43 0.66
N ASN B 254 8.26 1.98 1.34
CA ASN B 254 8.45 3.42 1.38
C ASN B 254 9.28 3.85 0.16
N TYR B 255 8.74 3.61 -1.05
CA TYR B 255 9.37 4.06 -2.27
C TYR B 255 9.18 5.57 -2.48
N LYS B 256 10.21 6.21 -3.03
CA LYS B 256 10.16 7.61 -3.47
C LYS B 256 9.32 7.68 -4.74
N SER B 257 8.76 8.87 -5.02
CA SER B 257 8.04 9.00 -6.27
C SER B 257 8.99 8.98 -7.46
N PRO B 258 8.56 8.45 -8.62
CA PRO B 258 9.29 8.66 -9.87
C PRO B 258 9.63 10.14 -10.12
N ALA B 259 8.75 11.05 -9.72
CA ALA B 259 9.00 12.48 -9.89
C ALA B 259 10.24 12.89 -9.10
N GLU B 260 10.32 12.46 -7.85
CA GLU B 260 11.48 12.79 -7.03
C GLU B 260 12.76 12.20 -7.65
N MET B 261 12.68 11.01 -8.21
CA MET B 261 13.81 10.38 -8.89
C MET B 261 14.32 11.27 -10.04
N ILE B 262 13.38 11.74 -10.88
CA ILE B 262 13.75 12.62 -12.00
C ILE B 262 14.33 13.92 -11.47
N GLU B 263 13.70 14.52 -10.46
CA GLU B 263 14.24 15.75 -9.88
C GLU B 263 15.65 15.53 -9.32
N THR B 264 15.93 14.33 -8.77
CA THR B 264 17.24 14.10 -8.15
C THR B 264 18.30 14.01 -9.24
N VAL B 265 17.97 13.32 -10.33
CA VAL B 265 18.88 13.25 -11.47
C VAL B 265 19.20 14.66 -11.98
N ALA B 266 18.19 15.47 -12.15
CA ALA B 266 18.38 16.82 -12.62
C ALA B 266 19.22 17.63 -11.65
N HIS B 267 18.97 17.45 -10.37
CA HIS B 267 19.65 18.15 -9.32
C HIS B 267 21.14 17.85 -9.29
N ALA B 268 21.50 16.60 -9.51
CA ALA B 268 22.88 16.19 -9.52
C ALA B 268 23.64 16.92 -10.62
N ARG B 269 23.07 17.03 -11.80
CA ARG B 269 23.67 17.80 -12.87
C ARG B 269 23.79 19.27 -12.52
N HIS B 270 22.80 19.79 -11.85
CA HIS B 270 22.79 21.17 -11.45
C HIS B 270 23.96 21.50 -10.53
N ILE B 271 24.31 20.61 -9.63
CA ILE B 271 25.43 20.80 -8.73
C ILE B 271 26.76 20.26 -9.27
N GLY B 272 26.75 19.77 -10.48
CA GLY B 272 27.97 19.30 -11.12
C GLY B 272 28.44 17.96 -10.57
N ALA B 273 27.50 17.00 -10.39
CA ALA B 273 27.84 15.67 -9.96
C ALA B 273 27.22 14.66 -10.93
N ASN B 274 27.77 13.45 -10.94
CA ASN B 274 27.07 12.31 -11.51
C ASN B 274 26.04 11.82 -10.50
N ILE B 275 25.13 10.95 -10.97
CA ILE B 275 24.13 10.36 -10.10
C ILE B 275 24.10 8.86 -10.40
N LEU B 276 24.09 8.05 -9.34
CA LEU B 276 23.81 6.62 -9.42
C LEU B 276 22.38 6.37 -8.94
N VAL B 277 21.60 5.63 -9.74
CA VAL B 277 20.31 5.16 -9.26
C VAL B 277 20.46 3.68 -8.93
N ASN B 278 20.06 3.31 -7.72
CA ASN B 278 20.35 1.98 -7.22
C ASN B 278 19.19 1.03 -7.47
N ILE B 279 19.51 -0.21 -7.86
CA ILE B 279 18.54 -1.29 -7.77
C ILE B 279 19.15 -2.46 -6.98
N GLY B 280 18.34 -3.09 -6.13
CA GLY B 280 18.73 -4.34 -5.48
C GLY B 280 18.17 -5.55 -6.21
N LEU B 281 19.03 -6.47 -6.70
CA LEU B 281 18.53 -7.66 -7.39
C LEU B 281 17.87 -8.63 -6.41
N THR B 282 17.03 -9.53 -6.95
CA THR B 282 16.50 -10.64 -6.16
C THR B 282 17.63 -11.61 -5.78
N GLY B 283 17.35 -12.54 -4.86
CA GLY B 283 18.31 -13.53 -4.44
C GLY B 283 18.99 -14.22 -5.62
N THR B 284 18.22 -14.55 -6.67
CA THR B 284 18.75 -15.30 -7.80
C THR B 284 19.27 -14.35 -8.90
N GLY B 285 19.26 -13.03 -8.67
CA GLY B 285 19.90 -12.11 -9.60
C GLY B 285 18.96 -11.45 -10.63
N ALA B 286 17.64 -11.47 -10.44
CA ALA B 286 16.76 -10.76 -11.37
C ALA B 286 16.59 -9.30 -10.96
N ILE B 287 16.36 -8.42 -11.96
CA ILE B 287 15.90 -7.08 -11.68
C ILE B 287 14.45 -7.21 -11.22
N PRO B 288 14.06 -6.74 -10.01
CA PRO B 288 12.66 -6.85 -9.60
C PRO B 288 11.76 -5.94 -10.43
N ALA B 289 10.49 -6.34 -10.54
CA ALA B 289 9.49 -5.64 -11.33
C ALA B 289 9.38 -4.17 -10.88
N ALA B 290 9.46 -3.91 -9.57
CA ALA B 290 9.33 -2.52 -9.10
C ALA B 290 10.44 -1.66 -9.69
N ALA B 291 11.68 -2.19 -9.73
CA ALA B 291 12.80 -1.44 -10.25
C ALA B 291 12.62 -1.18 -11.76
N GLN B 292 12.15 -2.17 -12.52
CA GLN B 292 11.84 -2.01 -13.93
CA GLN B 292 11.83 -2.03 -13.94
C GLN B 292 10.90 -0.82 -14.17
N THR B 293 9.89 -0.63 -13.33
CA THR B 293 8.97 0.49 -13.54
C THR B 293 9.69 1.84 -13.46
N TYR B 294 10.51 2.02 -12.43
CA TYR B 294 11.23 3.27 -12.26
C TYR B 294 12.22 3.51 -13.39
N MET B 295 12.87 2.45 -13.85
CA MET B 295 13.82 2.58 -14.94
C MET B 295 13.14 2.96 -16.26
N HIS B 296 11.94 2.46 -16.49
CA HIS B 296 11.21 2.80 -17.70
C HIS B 296 10.76 4.24 -17.67
N LEU B 297 10.36 4.72 -16.50
CA LEU B 297 9.95 6.11 -16.37
C LEU B 297 11.16 7.01 -16.47
N LEU B 298 12.23 6.64 -15.79
CA LEU B 298 13.46 7.41 -15.85
C LEU B 298 14.00 7.40 -17.27
N GLY B 299 13.88 6.25 -17.93
CA GLY B 299 14.36 6.09 -19.29
C GLY B 299 13.69 7.04 -20.26
N ARG B 300 12.38 7.24 -20.09
CA ARG B 300 11.67 8.17 -20.94
C ARG B 300 12.19 9.60 -20.76
N TRP B 301 12.44 9.99 -19.51
CA TRP B 301 13.00 11.30 -19.24
C TRP B 301 14.42 11.50 -19.77
N THR B 302 15.28 10.50 -19.61
CA THR B 302 16.67 10.69 -19.99
C THR B 302 16.78 10.68 -21.52
N ALA B 303 15.91 9.93 -22.22
CA ALA B 303 15.93 9.99 -23.68
C ALA B 303 15.59 11.42 -24.14
N MET B 304 14.62 12.05 -23.47
CA MET B 304 14.25 13.40 -23.85
C MET B 304 15.40 14.36 -23.52
N ALA B 305 16.06 14.15 -22.36
CA ALA B 305 17.05 15.08 -21.84
C ALA B 305 18.46 14.86 -22.41
N ALA B 306 18.63 13.85 -23.28
CA ALA B 306 19.94 13.44 -23.83
C ALA B 306 20.77 14.62 -24.36
N PRO B 307 20.22 15.65 -25.05
CA PRO B 307 21.06 16.75 -25.52
C PRO B 307 21.83 17.46 -24.40
N VAL B 308 21.38 17.36 -23.14
CA VAL B 308 22.02 18.14 -22.10
C VAL B 308 22.53 17.25 -20.95
N LEU B 309 21.99 16.03 -20.83
CA LEU B 309 22.22 15.27 -19.60
C LEU B 309 23.71 14.91 -19.45
N TYR B 310 24.40 14.60 -20.57
CA TYR B 310 25.80 14.16 -20.56
C TYR B 310 26.78 15.33 -20.50
N LYS B 311 26.62 16.29 -21.42
CA LYS B 311 27.64 17.33 -21.57
C LYS B 311 27.27 18.59 -20.79
N GLY B 312 26.04 18.67 -20.25
CA GLY B 312 25.64 19.89 -19.59
C GLY B 312 26.41 20.13 -18.29
N ARG B 313 26.77 21.38 -18.01
CA ARG B 313 27.55 21.70 -16.82
C ARG B 313 26.91 22.89 -16.12
N PRO B 314 27.11 23.03 -14.78
CA PRO B 314 26.60 24.19 -14.09
C PRO B 314 27.22 25.48 -14.62
N VAL B 315 26.52 26.60 -14.47
CA VAL B 315 27.02 27.86 -15.00
C VAL B 315 26.47 28.95 -14.09
N PRO B 316 27.13 30.11 -13.90
CA PRO B 316 26.64 31.12 -12.97
C PRO B 316 25.44 31.91 -13.52
N VAL B 317 24.30 31.23 -13.64
CA VAL B 317 23.05 31.83 -14.06
C VAL B 317 22.05 31.38 -13.02
N THR B 318 21.42 32.34 -12.34
CA THR B 318 20.46 31.94 -11.32
C THR B 318 19.04 32.18 -11.81
N SER B 319 18.07 31.61 -11.09
CA SER B 319 16.68 31.77 -11.46
C SER B 319 16.06 32.84 -10.57
N ALA B 320 14.92 33.39 -10.98
CA ALA B 320 14.22 34.39 -10.20
C ALA B 320 13.75 33.83 -8.85
N HIS B 321 13.45 34.75 -7.95
CA HIS B 321 12.89 34.50 -6.64
C HIS B 321 11.69 33.54 -6.72
N GLY B 322 11.76 32.49 -5.88
CA GLY B 322 10.63 31.62 -5.67
C GLY B 322 10.49 30.49 -6.69
N THR B 323 11.46 30.33 -7.60
CA THR B 323 11.41 29.18 -8.51
C THR B 323 12.59 28.27 -8.22
N ARG B 324 12.54 27.04 -8.71
CA ARG B 324 13.61 26.07 -8.50
C ARG B 324 14.29 25.82 -9.84
N ASP B 325 14.04 26.67 -10.84
CA ASP B 325 14.62 26.51 -12.17
C ASP B 325 16.14 26.68 -12.13
N PHE B 326 16.84 26.11 -13.12
CA PHE B 326 18.29 26.28 -13.18
C PHE B 326 18.74 26.12 -14.64
N VAL B 327 20.03 26.41 -14.90
CA VAL B 327 20.54 26.39 -16.25
C VAL B 327 21.71 25.42 -16.36
N LEU B 328 21.79 24.69 -17.49
CA LEU B 328 22.98 23.91 -17.79
C LEU B 328 23.58 24.38 -19.11
N HIS B 329 24.91 24.34 -19.19
CA HIS B 329 25.68 24.87 -20.32
C HIS B 329 26.39 23.73 -21.05
N THR B 330 26.24 23.66 -22.37
CA THR B 330 27.15 22.90 -23.22
C THR B 330 27.92 23.90 -24.08
N SER B 331 28.81 23.39 -24.95
CA SER B 331 29.63 24.34 -25.69
C SER B 331 28.80 25.08 -26.76
N LYS B 332 27.74 24.45 -27.27
CA LYS B 332 26.90 25.08 -28.28
C LYS B 332 25.63 25.76 -27.72
N HIS B 333 25.12 25.31 -26.54
CA HIS B 333 23.82 25.78 -26.08
C HIS B 333 23.76 25.99 -24.58
N ASP B 334 22.82 26.84 -24.15
CA ASP B 334 22.33 26.79 -22.77
C ASP B 334 20.98 26.10 -22.74
N PHE B 335 20.66 25.51 -21.59
CA PHE B 335 19.41 24.79 -21.43
C PHE B 335 18.76 25.25 -20.14
N LEU B 336 17.48 25.64 -20.22
CA LEU B 336 16.72 26.01 -19.04
C LEU B 336 15.99 24.76 -18.54
N CYS B 337 16.28 24.37 -17.29
CA CYS B 337 15.59 23.26 -16.64
C CYS B 337 14.49 23.83 -15.74
N ILE B 338 13.25 23.51 -16.08
CA ILE B 338 12.13 24.24 -15.49
C ILE B 338 11.25 23.25 -14.74
N LEU B 339 10.99 23.58 -13.47
CA LEU B 339 10.24 22.73 -12.54
C LEU B 339 8.88 23.35 -12.23
N ASP B 340 7.97 22.55 -11.62
CA ASP B 340 6.70 23.04 -11.10
C ASP B 340 5.83 23.57 -12.24
N LEU B 341 5.82 22.88 -13.38
CA LEU B 341 4.89 23.22 -14.46
C LEU B 341 3.62 22.41 -14.31
N GLN B 342 2.51 22.88 -14.87
CA GLN B 342 1.29 22.08 -14.85
C GLN B 342 0.82 21.72 -16.27
N VAL B 343 -0.18 20.85 -16.34
CA VAL B 343 -0.75 20.42 -17.62
C VAL B 343 -1.70 21.49 -18.15
N VAL B 344 -1.77 21.64 -19.47
CA VAL B 344 -2.64 22.61 -20.13
C VAL B 344 -3.93 21.90 -20.55
N GLY B 345 -5.08 22.34 -20.01
CA GLY B 345 -6.40 21.92 -20.47
C GLY B 345 -6.87 22.69 -21.72
N LYS B 346 -8.17 23.00 -21.79
CA LYS B 346 -8.72 23.74 -22.92
C LYS B 346 -10.07 24.31 -22.52
N ASP B 347 -10.31 25.57 -22.93
CA ASP B 347 -11.56 26.30 -22.69
C ASP B 347 -11.90 26.22 -21.20
N ASN B 348 -13.01 25.54 -20.87
CA ASN B 348 -13.56 25.50 -19.52
C ASN B 348 -12.86 24.44 -18.68
N VAL B 349 -12.05 23.59 -19.32
CA VAL B 349 -11.29 22.56 -18.61
C VAL B 349 -9.91 23.12 -18.24
N VAL B 350 -9.77 23.50 -16.97
CA VAL B 350 -8.61 24.24 -16.48
C VAL B 350 -7.78 23.26 -15.65
N LEU B 351 -6.54 23.01 -16.08
CA LEU B 351 -5.68 22.03 -15.42
C LEU B 351 -4.54 22.70 -14.64
N GLY B 352 -4.42 24.00 -14.81
CA GLY B 352 -3.44 24.85 -14.17
C GLY B 352 -2.26 25.38 -14.95
N GLY B 353 -1.94 24.79 -16.09
CA GLY B 353 -0.82 25.25 -16.87
C GLY B 353 -1.09 26.28 -17.94
N GLU B 354 -2.36 26.63 -18.15
CA GLU B 354 -2.74 27.48 -19.29
C GLU B 354 -2.26 28.94 -19.36
N GLY B 355 -2.19 29.64 -18.25
CA GLY B 355 -1.81 31.05 -18.26
C GLY B 355 -0.35 31.33 -18.55
N VAL B 356 -0.05 32.53 -19.01
CA VAL B 356 1.31 32.91 -19.29
C VAL B 356 2.12 32.80 -17.99
N ASN B 357 3.30 32.21 -18.07
CA ASN B 357 4.05 31.74 -16.91
C ASN B 357 5.48 32.26 -17.05
N PRO B 358 5.74 33.56 -16.73
CA PRO B 358 7.07 34.12 -16.91
C PRO B 358 8.07 33.54 -15.90
N ARG B 359 9.10 32.89 -16.43
CA ARG B 359 10.20 32.35 -15.64
C ARG B 359 11.46 33.11 -16.05
N SER B 360 12.14 33.71 -15.08
CA SER B 360 13.30 34.55 -15.31
C SER B 360 14.59 33.93 -14.78
N PHE B 361 15.71 34.34 -15.40
CA PHE B 361 17.05 33.91 -15.13
C PHE B 361 17.95 35.12 -15.21
N VAL B 362 18.97 35.16 -14.36
CA VAL B 362 19.93 36.26 -14.33
C VAL B 362 21.32 35.69 -14.63
N GLY B 363 22.00 36.26 -15.63
CA GLY B 363 23.37 35.87 -15.94
C GLY B 363 23.50 35.49 -17.42
N ILE B 364 22.45 35.65 -18.21
CA ILE B 364 22.57 35.44 -19.65
C ILE B 364 22.76 36.79 -20.35
N GLY B 365 23.94 36.97 -20.96
CA GLY B 365 24.40 38.24 -21.48
C GLY B 365 24.36 38.34 -23.02
N GLN B 366 24.16 37.23 -23.72
CA GLN B 366 24.22 37.16 -25.17
C GLN B 366 22.80 37.21 -25.77
N PRO B 367 22.59 37.89 -26.92
CA PRO B 367 21.28 37.87 -27.55
C PRO B 367 20.87 36.48 -28.02
N ILE B 368 19.58 36.16 -27.85
CA ILE B 368 19.12 34.81 -28.13
C ILE B 368 18.35 34.83 -29.44
N GLN B 369 18.50 33.79 -30.24
CA GLN B 369 17.73 33.71 -31.46
C GLN B 369 16.42 32.94 -31.23
N ARG B 370 16.48 31.77 -30.57
CA ARG B 370 15.28 30.95 -30.43
C ARG B 370 15.39 30.08 -29.17
N ILE B 371 14.25 29.79 -28.55
CA ILE B 371 14.19 28.89 -27.40
C ILE B 371 13.07 27.89 -27.64
N HIS B 372 13.32 26.60 -27.39
CA HIS B 372 12.28 25.62 -27.67
C HIS B 372 12.36 24.48 -26.65
N TRP B 373 11.18 23.88 -26.35
CA TRP B 373 11.14 22.74 -25.46
C TRP B 373 11.73 21.52 -26.15
N LEU B 374 12.50 20.71 -25.40
CA LEU B 374 13.07 19.48 -25.96
C LEU B 374 11.98 18.46 -26.26
N ASP B 375 10.90 18.42 -25.47
CA ASP B 375 9.96 17.31 -25.61
C ASP B 375 9.10 17.42 -26.86
N ASN B 376 8.79 18.63 -27.35
CA ASN B 376 7.86 18.72 -28.47
C ASN B 376 8.27 19.81 -29.46
N ASP B 377 9.42 20.45 -29.27
CA ASP B 377 9.91 21.49 -30.18
C ASP B 377 9.08 22.77 -30.20
N GLU B 378 8.15 22.98 -29.25
CA GLU B 378 7.42 24.24 -29.25
C GLU B 378 8.38 25.39 -28.98
N VAL B 379 8.25 26.47 -29.75
CA VAL B 379 9.06 27.67 -29.61
C VAL B 379 8.46 28.53 -28.51
N LEU B 380 9.30 29.04 -27.61
CA LEU B 380 8.83 29.85 -26.49
C LEU B 380 9.06 31.33 -26.77
N SER B 381 8.18 32.17 -26.27
CA SER B 381 8.47 33.59 -26.39
C SER B 381 9.32 34.03 -25.19
N PHE B 382 10.13 35.08 -25.38
CA PHE B 382 11.04 35.53 -24.34
C PHE B 382 11.33 37.02 -24.52
N THR B 383 11.85 37.67 -23.47
CA THR B 383 12.42 39.00 -23.59
C THR B 383 13.76 38.97 -22.85
N GLN B 384 14.67 39.88 -23.25
CA GLN B 384 15.96 39.99 -22.55
C GLN B 384 16.20 41.44 -22.17
N ASP B 385 16.87 41.63 -21.04
CA ASP B 385 17.57 42.87 -20.76
C ASP B 385 19.05 42.53 -20.72
N LEU B 386 19.78 42.83 -21.80
CA LEU B 386 21.16 42.45 -21.97
C LEU B 386 22.06 43.15 -20.94
N ASP B 387 21.76 44.39 -20.55
CA ASP B 387 22.63 45.07 -19.59
C ASP B 387 22.60 44.41 -18.22
N LYS B 388 21.42 43.98 -17.75
CA LYS B 388 21.29 43.35 -16.45
C LYS B 388 21.39 41.83 -16.55
N LYS B 389 21.45 41.32 -17.78
CA LYS B 389 21.59 39.89 -18.07
C LYS B 389 20.34 39.14 -17.59
N VAL B 390 19.16 39.71 -17.88
CA VAL B 390 17.91 39.08 -17.48
C VAL B 390 17.31 38.43 -18.72
N LEU B 391 16.88 37.17 -18.56
CA LEU B 391 16.08 36.50 -19.56
C LEU B 391 14.75 36.12 -18.91
N THR B 392 13.63 36.43 -19.59
CA THR B 392 12.32 35.98 -19.11
C THR B 392 11.66 35.19 -20.22
N VAL B 393 11.23 33.95 -19.93
CA VAL B 393 10.57 33.12 -20.94
C VAL B 393 9.13 32.87 -20.47
N ASP B 394 8.21 32.70 -21.43
CA ASP B 394 6.88 32.20 -21.10
C ASP B 394 6.95 30.69 -21.12
N ALA B 395 7.04 30.07 -19.93
CA ALA B 395 7.21 28.63 -19.85
C ALA B 395 5.85 27.96 -19.94
N THR B 396 5.43 27.60 -21.16
CA THR B 396 4.10 27.04 -21.32
C THR B 396 4.03 25.69 -20.61
N GLY B 397 2.81 25.30 -20.20
CA GLY B 397 2.59 24.07 -19.47
C GLY B 397 2.59 22.85 -20.40
N TYR B 398 2.49 21.65 -19.83
CA TYR B 398 2.63 20.44 -20.62
C TYR B 398 1.41 20.25 -21.52
N PRO B 399 1.59 19.74 -22.74
CA PRO B 399 0.45 19.22 -23.50
C PRO B 399 -0.30 18.17 -22.69
N TYR B 400 -1.63 18.25 -22.72
CA TYR B 400 -2.47 17.24 -22.07
C TYR B 400 -1.95 15.87 -22.46
N GLY B 401 -1.88 14.95 -21.49
CA GLY B 401 -1.40 13.61 -21.75
C GLY B 401 0.08 13.44 -21.41
N SER B 402 0.76 14.52 -21.05
CA SER B 402 2.18 14.37 -20.77
C SER B 402 2.55 15.21 -19.54
N ASP B 403 3.67 14.84 -18.88
CA ASP B 403 4.15 15.58 -17.71
C ASP B 403 5.58 15.11 -17.42
N TRP B 404 6.57 15.96 -17.68
CA TRP B 404 7.97 15.56 -17.72
C TRP B 404 8.66 15.82 -16.38
N VAL B 405 7.97 16.51 -15.46
CA VAL B 405 8.49 16.76 -14.13
C VAL B 405 9.56 17.85 -14.17
N VAL B 406 10.64 17.62 -14.92
CA VAL B 406 11.64 18.64 -15.18
C VAL B 406 11.63 18.83 -16.69
N ARG B 407 11.17 20.00 -17.13
CA ARG B 407 11.06 20.25 -18.57
C ARG B 407 12.29 21.06 -18.99
N ILE B 408 12.78 20.81 -20.20
CA ILE B 408 14.05 21.42 -20.59
C ILE B 408 13.86 22.22 -21.88
N ALA B 409 14.26 23.50 -21.83
CA ALA B 409 14.23 24.34 -23.02
C ALA B 409 15.64 24.59 -23.53
N GLN B 410 15.87 24.39 -24.82
CA GLN B 410 17.18 24.67 -25.42
C GLN B 410 17.22 26.11 -25.93
N ILE B 411 18.28 26.83 -25.58
CA ILE B 411 18.52 28.17 -26.08
C ILE B 411 19.47 28.11 -27.27
N ASP B 412 19.07 28.72 -28.41
CA ASP B 412 19.95 28.88 -29.57
C ASP B 412 20.35 30.35 -29.66
N TYR B 413 21.65 30.61 -29.58
CA TYR B 413 22.16 31.98 -29.62
C TYR B 413 22.27 32.49 -31.05
N GLU B 414 22.12 33.82 -31.17
CA GLU B 414 22.37 34.56 -32.39
C GLU B 414 23.82 34.31 -32.87
N THR C 2 36.14 19.41 30.93
CA THR C 2 36.79 20.26 31.95
C THR C 2 35.74 21.11 32.64
N GLU C 3 36.06 21.58 33.85
CA GLU C 3 35.18 22.50 34.56
C GLU C 3 35.45 23.93 34.10
N PRO C 4 34.39 24.74 33.92
CA PRO C 4 34.58 26.17 33.66
C PRO C 4 35.31 26.89 34.80
N LEU C 5 36.19 27.81 34.46
CA LEU C 5 36.78 28.70 35.46
C LEU C 5 35.67 29.44 36.20
N PRO C 6 35.86 29.81 37.48
CA PRO C 6 34.89 30.65 38.19
C PRO C 6 34.27 31.79 37.38
N ARG C 7 35.10 32.56 36.66
CA ARG C 7 34.58 33.75 36.01
C ARG C 7 33.64 33.35 34.87
N ILE C 8 33.88 32.19 34.26
CA ILE C 8 33.06 31.71 33.15
C ILE C 8 31.75 31.10 33.67
N GLN C 9 31.82 30.39 34.80
CA GLN C 9 30.62 29.94 35.50
C GLN C 9 29.73 31.15 35.83
N HIS C 10 30.33 32.22 36.35
CA HIS C 10 29.59 33.42 36.67
C HIS C 10 28.94 33.99 35.39
N TYR C 11 29.70 33.96 34.30
CA TYR C 11 29.21 34.45 33.03
C TYR C 11 27.93 33.69 32.61
N GLU C 12 27.98 32.36 32.67
CA GLU C 12 26.85 31.55 32.22
C GLU C 12 25.60 31.80 33.08
N ASP C 13 25.79 32.17 34.35
CA ASP C 13 24.69 32.49 35.23
C ASP C 13 24.07 33.84 34.89
N LEU C 14 24.76 34.67 34.09
CA LEU C 14 24.21 35.97 33.73
C LEU C 14 22.95 35.78 32.86
N GLY C 15 23.00 34.81 31.93
CA GLY C 15 21.86 34.43 31.11
C GLY C 15 21.60 35.41 29.98
N LEU C 16 21.25 36.65 30.35
CA LEU C 16 20.70 37.61 29.43
C LEU C 16 21.47 38.92 29.63
N GLY C 17 21.90 39.52 28.52
CA GLY C 17 22.46 40.85 28.59
C GLY C 17 21.79 41.77 27.57
N LEU C 18 21.99 43.06 27.77
CA LEU C 18 21.53 44.06 26.82
C LEU C 18 22.72 44.54 26.00
N PHE C 19 22.58 44.53 24.66
CA PHE C 19 23.58 45.08 23.75
C PHE C 19 23.13 46.50 23.42
N ILE C 20 24.06 47.47 23.45
CA ILE C 20 23.71 48.83 23.12
C ILE C 20 24.64 49.35 22.02
N HIS C 21 24.05 49.73 20.88
CA HIS C 21 24.78 50.38 19.80
C HIS C 21 24.47 51.86 19.84
N TRP C 22 25.53 52.65 19.95
CA TRP C 22 25.45 54.09 19.95
C TRP C 22 26.79 54.66 19.47
N GLY C 23 26.74 55.49 18.43
CA GLY C 23 27.93 56.16 17.93
C GLY C 23 27.50 57.37 17.12
N LEU C 24 28.41 57.90 16.30
CA LEU C 24 28.07 59.05 15.50
C LEU C 24 26.98 58.66 14.50
N TYR C 25 27.02 57.39 14.00
CA TYR C 25 26.04 56.90 13.05
C TYR C 25 24.62 57.11 13.58
N SER C 26 24.43 57.09 14.91
CA SER C 26 23.09 57.19 15.48
C SER C 26 22.39 58.47 15.02
N GLN C 27 23.15 59.53 14.79
CA GLN C 27 22.58 60.80 14.34
C GLN C 27 21.88 60.68 12.99
N MET C 28 22.48 59.93 12.08
CA MET C 28 21.91 59.64 10.77
C MET C 28 20.64 58.78 10.80
N ALA C 29 20.60 57.83 11.72
CA ALA C 29 19.46 56.93 11.87
C ALA C 29 19.18 56.09 10.63
N VAL C 30 20.25 55.69 9.95
CA VAL C 30 20.15 54.80 8.80
C VAL C 30 21.16 53.66 8.97
N GLY C 31 21.35 53.18 10.22
CA GLY C 31 22.19 51.99 10.44
C GLY C 31 23.65 52.34 10.74
N GLU C 32 24.33 51.48 11.48
CA GLU C 32 25.65 51.77 12.01
C GLU C 32 26.72 51.66 10.93
N TRP C 33 26.44 50.94 9.82
CA TRP C 33 27.43 50.83 8.75
C TRP C 33 27.32 51.98 7.73
N THR C 34 26.57 53.04 8.06
CA THR C 34 26.23 54.04 7.05
C THR C 34 27.47 54.63 6.34
N GLU C 35 28.57 54.86 7.07
CA GLU C 35 29.71 55.54 6.47
C GLU C 35 30.28 54.75 5.29
N LEU C 36 30.50 53.44 5.47
CA LEU C 36 30.98 52.61 4.38
C LEU C 36 29.86 52.33 3.37
N ILE C 37 28.69 51.84 3.83
CA ILE C 37 27.75 51.26 2.88
C ILE C 37 27.10 52.37 2.05
N HIS C 38 26.93 53.56 2.61
CA HIS C 38 26.40 54.65 1.80
C HIS C 38 27.53 55.47 1.13
N HIS C 39 28.78 54.96 1.15
CA HIS C 39 29.95 55.57 0.52
C HIS C 39 29.97 57.07 0.80
N ARG C 40 29.91 57.45 2.08
CA ARG C 40 29.93 58.86 2.44
C ARG C 40 31.36 59.40 2.38
N ASN C 41 31.46 60.71 2.15
CA ASN C 41 32.72 61.42 2.27
C ASN C 41 33.17 61.34 3.74
N GLN C 42 34.36 60.77 3.96
CA GLN C 42 34.84 60.60 5.33
C GLN C 42 34.92 61.93 6.10
N HIS C 43 35.48 62.96 5.48
CA HIS C 43 35.62 64.22 6.18
C HIS C 43 34.26 64.70 6.67
N ASP C 44 33.24 64.62 5.80
CA ASP C 44 31.91 65.16 6.09
C ASP C 44 31.23 64.34 7.18
N TYR C 45 31.34 63.00 7.09
CA TYR C 45 30.78 62.10 8.09
C TYR C 45 31.38 62.38 9.47
N GLU C 46 32.72 62.55 9.52
CA GLU C 46 33.39 62.72 10.81
C GLU C 46 33.05 64.06 11.46
N GLN C 47 32.45 65.00 10.72
CA GLN C 47 31.95 66.24 11.31
C GLN C 47 30.81 65.98 12.28
N LEU C 48 30.22 64.77 12.23
CA LEU C 48 29.16 64.42 13.18
C LEU C 48 29.64 64.54 14.64
N ILE C 49 30.98 64.49 14.86
CA ILE C 49 31.53 64.72 16.19
C ILE C 49 31.07 66.07 16.75
N LYS C 50 30.85 67.06 15.87
CA LYS C 50 30.57 68.41 16.32
C LYS C 50 29.16 68.52 16.89
N THR C 51 28.28 67.56 16.55
CA THR C 51 26.92 67.61 17.07
C THR C 51 26.66 66.44 18.02
N PHE C 52 27.72 65.74 18.45
CA PHE C 52 27.55 64.67 19.43
C PHE C 52 27.48 65.26 20.85
N THR C 53 26.28 65.63 21.30
CA THR C 53 26.09 66.32 22.58
C THR C 53 25.85 65.33 23.69
N ALA C 54 25.39 64.12 23.34
CA ALA C 54 24.91 63.14 24.31
C ALA C 54 23.84 63.75 25.22
N ALA C 55 23.05 64.69 24.70
CA ALA C 55 22.16 65.47 25.56
C ALA C 55 21.10 64.58 26.23
N GLN C 56 20.83 63.38 25.73
CA GLN C 56 19.76 62.60 26.34
C GLN C 56 20.29 61.26 26.84
N PHE C 57 21.61 61.16 26.96
CA PHE C 57 22.19 59.93 27.48
C PHE C 57 22.13 59.98 28.99
N ASP C 58 21.44 58.99 29.56
CA ASP C 58 21.39 58.84 31.00
C ASP C 58 21.74 57.39 31.33
N ALA C 59 22.99 57.15 31.74
CA ALA C 59 23.48 55.81 31.99
C ALA C 59 22.63 55.13 33.08
N LYS C 60 22.13 55.91 34.04
CA LYS C 60 21.32 55.37 35.12
C LYS C 60 20.01 54.84 34.58
N LYS C 61 19.38 55.56 33.64
CA LYS C 61 18.15 55.10 33.01
C LYS C 61 18.40 53.79 32.24
N ILE C 62 19.53 53.73 31.54
CA ILE C 62 19.86 52.55 30.76
C ILE C 62 20.09 51.36 31.69
N ALA C 63 20.82 51.58 32.79
CA ALA C 63 21.10 50.51 33.72
C ALA C 63 19.79 50.04 34.39
N HIS C 64 18.90 50.98 34.67
CA HIS C 64 17.62 50.65 35.28
C HIS C 64 16.78 49.78 34.34
N ALA C 65 16.72 50.17 33.07
CA ALA C 65 16.00 49.43 32.04
C ALA C 65 16.57 48.01 31.91
N ALA C 66 17.89 47.87 31.96
CA ALA C 66 18.51 46.56 31.88
C ALA C 66 18.08 45.70 33.08
N LYS C 67 18.09 46.31 34.26
CA LYS C 67 17.72 45.60 35.47
C LYS C 67 16.26 45.15 35.35
N ALA C 68 15.38 46.05 34.90
CA ALA C 68 13.97 45.75 34.81
C ALA C 68 13.71 44.63 33.79
N VAL C 69 14.53 44.52 32.74
CA VAL C 69 14.26 43.52 31.72
C VAL C 69 14.82 42.17 32.15
N GLY C 70 15.54 42.13 33.28
CA GLY C 70 16.14 40.89 33.75
C GLY C 70 17.56 40.63 33.21
N ALA C 71 18.16 41.63 32.55
CA ALA C 71 19.54 41.49 32.06
C ALA C 71 20.51 41.61 33.24
N LYS C 72 21.66 40.94 33.15
CA LYS C 72 22.63 40.95 34.25
C LYS C 72 23.95 41.57 33.81
N TYR C 73 24.04 41.93 32.52
CA TYR C 73 25.18 42.67 32.00
C TYR C 73 24.74 43.48 30.80
N ILE C 74 25.57 44.47 30.43
CA ILE C 74 25.33 45.32 29.29
C ILE C 74 26.64 45.40 28.50
N VAL C 75 26.54 45.19 27.18
CA VAL C 75 27.65 45.39 26.26
C VAL C 75 27.40 46.71 25.54
N LEU C 76 28.28 47.69 25.77
CA LEU C 76 28.15 48.98 25.11
C LEU C 76 29.25 49.15 24.04
N THR C 77 28.86 49.69 22.87
CA THR C 77 29.83 49.98 21.83
C THR C 77 30.76 51.12 22.29
N THR C 78 32.02 50.81 22.62
CA THR C 78 32.93 51.88 23.05
C THR C 78 33.62 52.51 21.84
N LYS C 79 33.76 51.72 20.77
CA LYS C 79 34.23 52.20 19.49
C LYS C 79 33.75 51.20 18.43
N HIS C 80 32.98 51.70 17.44
CA HIS C 80 32.48 50.86 16.36
C HIS C 80 33.40 51.03 15.12
N HIS C 81 33.04 50.43 13.97
CA HIS C 81 33.87 50.54 12.79
C HIS C 81 34.17 52.00 12.43
N GLU C 82 33.22 52.93 12.66
CA GLU C 82 33.44 54.31 12.32
C GLU C 82 34.68 54.85 13.06
N GLY C 83 35.05 54.21 14.17
CA GLY C 83 36.33 54.47 14.82
C GLY C 83 36.29 55.63 15.82
N PHE C 84 35.10 56.13 16.14
CA PHE C 84 34.94 57.19 17.15
C PHE C 84 34.82 56.57 18.55
N PHE C 85 35.55 57.12 19.53
CA PHE C 85 35.62 56.53 20.87
C PHE C 85 34.67 57.25 21.83
N LEU C 86 33.90 56.47 22.60
CA LEU C 86 32.94 57.05 23.51
C LEU C 86 33.57 57.31 24.88
N TYR C 87 34.90 57.23 24.96
CA TYR C 87 35.60 57.50 26.21
C TYR C 87 36.83 58.37 25.96
N ASP C 88 37.47 58.80 27.05
CA ASP C 88 38.66 59.63 26.97
C ASP C 88 39.85 58.76 26.61
N THR C 89 40.40 58.92 25.40
CA THR C 89 41.50 58.06 24.99
C THR C 89 42.85 58.58 25.51
N LYS C 90 42.84 59.68 26.28
CA LYS C 90 44.02 60.17 26.98
C LYS C 90 45.17 60.44 25.99
N GLY C 91 44.84 61.07 24.85
CA GLY C 91 45.84 61.43 23.87
C GLY C 91 46.03 60.42 22.75
N LEU C 92 45.42 59.22 22.82
CA LEU C 92 45.58 58.32 21.68
C LEU C 92 44.94 58.90 20.41
N SER C 93 43.82 59.61 20.55
CA SER C 93 43.08 60.07 19.38
C SER C 93 42.31 61.33 19.74
N ASP C 94 42.11 62.23 18.78
CA ASP C 94 41.21 63.39 18.95
C ASP C 94 39.78 63.05 18.54
N PHE C 95 39.57 61.86 17.96
CA PHE C 95 38.25 61.48 17.51
C PHE C 95 37.55 60.73 18.65
N ASP C 96 37.29 61.45 19.74
CA ASP C 96 36.75 60.84 20.93
C ASP C 96 35.80 61.84 21.59
N VAL C 97 35.09 61.37 22.61
CA VAL C 97 33.97 62.12 23.16
C VAL C 97 34.48 63.38 23.87
N MET C 98 35.77 63.40 24.28
CA MET C 98 36.30 64.57 24.97
C MET C 98 36.51 65.71 23.97
N HIS C 99 36.52 65.44 22.66
CA HIS C 99 36.61 66.48 21.66
C HIS C 99 35.25 66.77 21.02
N ALA C 100 34.18 66.27 21.65
CA ALA C 100 32.83 66.52 21.16
C ALA C 100 32.18 67.45 22.14
N PRO C 101 31.08 68.16 21.79
CA PRO C 101 30.39 68.99 22.77
C PRO C 101 30.00 68.25 24.05
N ALA C 102 29.77 66.93 23.99
CA ALA C 102 29.42 66.16 25.18
C ALA C 102 30.43 66.40 26.31
N ARG C 103 31.73 66.28 25.99
CA ARG C 103 32.83 66.55 26.90
C ARG C 103 32.68 65.74 28.19
N ARG C 104 32.25 64.48 28.07
CA ARG C 104 32.02 63.65 29.23
C ARG C 104 32.55 62.27 28.86
N ASP C 105 33.22 61.61 29.82
CA ASP C 105 33.61 60.24 29.60
C ASP C 105 32.38 59.34 29.81
N LEU C 106 31.78 58.89 28.69
CA LEU C 106 30.50 58.20 28.74
C LEU C 106 30.71 56.80 29.28
N ILE C 107 31.88 56.21 28.99
CA ILE C 107 32.20 54.91 29.55
C ILE C 107 32.28 55.01 31.08
N ALA C 108 32.79 56.14 31.64
CA ALA C 108 32.87 56.27 33.09
C ALA C 108 31.46 56.29 33.67
N GLU C 109 30.55 57.05 33.04
CA GLU C 109 29.17 57.13 33.48
C GLU C 109 28.52 55.74 33.41
N PHE C 110 28.82 55.01 32.33
CA PHE C 110 28.23 53.70 32.10
C PHE C 110 28.65 52.71 33.20
N VAL C 111 29.94 52.68 33.49
CA VAL C 111 30.49 51.74 34.46
C VAL C 111 29.90 52.04 35.85
N ALA C 112 29.80 53.32 36.21
CA ALA C 112 29.26 53.68 37.52
C ALA C 112 27.79 53.23 37.60
N ALA C 113 27.04 53.44 36.52
CA ALA C 113 25.62 53.11 36.51
C ALA C 113 25.42 51.61 36.60
N CYS C 114 26.28 50.83 35.90
CA CYS C 114 26.17 49.38 35.99
C CYS C 114 26.42 48.90 37.43
N ARG C 115 27.46 49.45 38.08
CA ARG C 115 27.80 49.00 39.42
C ARG C 115 26.67 49.28 40.40
N GLU C 116 26.02 50.44 40.30
CA GLU C 116 24.92 50.77 41.19
C GLU C 116 23.77 49.78 41.06
N GLU C 117 23.61 49.14 39.88
CA GLU C 117 22.50 48.26 39.63
C GLU C 117 22.96 46.81 39.70
N ASP C 118 24.22 46.60 40.08
CA ASP C 118 24.75 45.24 40.18
C ASP C 118 24.80 44.55 38.80
N LEU C 119 25.08 45.31 37.74
CA LEU C 119 25.24 44.73 36.42
C LEU C 119 26.73 44.72 36.09
N LEU C 120 27.16 43.74 35.30
CA LEU C 120 28.52 43.74 34.77
C LEU C 120 28.61 44.63 33.53
N PRO C 121 29.53 45.64 33.50
CA PRO C 121 29.79 46.41 32.29
C PRO C 121 30.73 45.70 31.35
N PHE C 122 30.33 45.57 30.07
CA PHE C 122 31.16 44.97 29.05
C PHE C 122 31.41 46.01 27.98
N PHE C 123 32.58 45.96 27.38
CA PHE C 123 32.97 46.91 26.36
C PHE C 123 33.06 46.27 24.99
N TYR C 124 32.28 46.77 24.04
CA TYR C 124 32.40 46.35 22.67
C TYR C 124 33.49 47.19 22.01
N MET C 125 34.43 46.51 21.38
CA MET C 125 35.48 47.15 20.60
C MET C 125 35.57 46.54 19.22
N ALA C 126 35.48 47.37 18.21
CA ALA C 126 35.59 46.91 16.84
C ALA C 126 37.06 46.87 16.41
N THR C 127 37.49 45.79 15.79
CA THR C 127 38.87 45.71 15.39
C THR C 127 39.03 46.17 13.94
N TYR C 128 37.98 46.05 13.13
CA TYR C 128 37.97 46.67 11.80
C TYR C 128 37.60 48.14 11.95
N ASP C 129 38.53 49.04 11.58
CA ASP C 129 38.40 50.46 11.90
C ASP C 129 38.49 51.27 10.62
N TRP C 130 37.54 52.18 10.35
CA TRP C 130 37.50 52.98 9.11
C TRP C 130 38.11 54.36 9.34
N HIS C 131 38.44 54.71 10.59
CA HIS C 131 38.89 56.08 10.84
C HIS C 131 40.40 56.24 10.64
N THR C 132 41.20 55.41 11.30
CA THR C 132 42.64 55.56 11.29
C THR C 132 43.20 54.96 10.01
N PRO C 133 44.02 55.73 9.25
CA PRO C 133 44.69 55.19 8.07
C PRO C 133 45.65 54.04 8.37
N LEU C 134 46.05 53.90 9.64
CA LEU C 134 46.92 52.82 10.06
C LEU C 134 46.32 51.48 9.64
N TYR C 135 44.98 51.35 9.71
CA TYR C 135 44.33 50.06 9.53
C TYR C 135 44.77 49.46 8.20
N ASP C 136 44.71 50.25 7.10
CA ASP C 136 45.09 49.71 5.80
C ASP C 136 46.58 49.89 5.50
N ASP C 137 47.13 51.03 5.94
CA ASP C 137 48.37 51.57 5.42
C ASP C 137 49.56 51.17 6.29
N ASP C 138 49.36 50.74 7.55
CA ASP C 138 50.45 50.41 8.47
C ASP C 138 49.91 49.48 9.57
N PHE C 139 49.66 48.23 9.19
CA PHE C 139 48.89 47.33 10.02
C PHE C 139 49.57 47.12 11.37
N PRO C 140 50.92 46.91 11.42
CA PRO C 140 51.59 46.73 12.71
C PRO C 140 51.38 47.90 13.66
N ALA C 141 51.38 49.12 13.10
CA ALA C 141 51.11 50.29 13.94
C ALA C 141 49.63 50.31 14.40
N TYR C 142 48.73 49.79 13.55
CA TYR C 142 47.32 49.67 13.88
C TYR C 142 47.17 48.77 15.12
N LEU C 143 47.83 47.61 15.12
CA LEU C 143 47.75 46.72 16.26
C LEU C 143 48.16 47.44 17.56
N THR C 144 49.15 48.33 17.48
CA THR C 144 49.62 49.06 18.64
C THR C 144 48.52 50.01 19.10
N TYR C 145 47.88 50.68 18.12
CA TYR C 145 46.82 51.64 18.39
C TYR C 145 45.61 50.92 19.02
N LEU C 146 45.24 49.79 18.44
CA LEU C 146 44.13 48.99 18.94
C LEU C 146 44.44 48.60 20.39
N GLN C 147 45.66 48.08 20.59
CA GLN C 147 46.04 47.57 21.90
C GLN C 147 46.06 48.71 22.92
N LYS C 148 46.52 49.89 22.51
CA LYS C 148 46.54 51.01 23.44
C LYS C 148 45.10 51.40 23.81
N SER C 149 44.18 51.35 22.83
CA SER C 149 42.80 51.76 23.10
C SER C 149 42.16 50.80 24.10
N VAL C 150 42.49 49.51 24.01
CA VAL C 150 42.01 48.55 24.98
C VAL C 150 42.67 48.76 26.35
N GLU C 151 43.97 49.10 26.34
CA GLU C 151 44.70 49.33 27.58
C GLU C 151 44.07 50.46 28.37
N VAL C 152 43.65 51.55 27.71
CA VAL C 152 42.97 52.63 28.41
C VAL C 152 41.73 52.09 29.16
N LEU C 153 40.98 51.18 28.49
CA LEU C 153 39.74 50.66 29.04
C LEU C 153 40.08 49.75 30.22
N CYS C 154 41.25 49.09 30.17
CA CYS C 154 41.64 48.19 31.22
C CYS C 154 42.22 48.90 32.44
N ARG C 155 42.54 50.20 32.34
CA ARG C 155 43.32 50.79 33.42
C ARG C 155 42.60 51.98 34.03
N ASN C 156 41.54 52.50 33.41
CA ASN C 156 41.01 53.77 33.91
C ASN C 156 39.61 53.65 34.49
N TYR C 157 39.04 52.44 34.66
CA TYR C 157 37.62 52.37 34.96
C TYR C 157 37.31 51.40 36.12
N GLY C 158 38.34 50.85 36.75
CA GLY C 158 38.16 49.85 37.78
C GLY C 158 37.96 48.48 37.15
N PRO C 159 37.51 47.45 37.93
CA PRO C 159 37.28 46.12 37.36
C PRO C 159 36.12 46.13 36.36
N VAL C 160 36.32 45.49 35.20
CA VAL C 160 35.29 45.53 34.18
C VAL C 160 34.79 44.11 33.95
N GLY C 161 33.52 43.98 33.58
CA GLY C 161 32.95 42.65 33.43
C GLY C 161 33.60 41.91 32.28
N GLY C 162 33.83 42.62 31.17
CA GLY C 162 34.43 41.92 30.04
C GLY C 162 34.57 42.78 28.80
N PHE C 163 35.10 42.17 27.76
CA PHE C 163 35.39 42.81 26.50
C PHE C 163 34.72 41.95 25.43
N TRP C 164 34.12 42.64 24.46
CA TRP C 164 33.42 41.98 23.38
C TRP C 164 34.10 42.43 22.08
N PHE C 165 34.93 41.55 21.54
CA PHE C 165 35.78 41.92 20.42
C PHE C 165 35.09 41.52 19.14
N ASP C 166 34.90 42.51 18.26
CA ASP C 166 34.28 42.22 16.98
C ASP C 166 35.37 42.15 15.90
N GLY C 167 35.74 40.90 15.52
CA GLY C 167 36.83 40.63 14.61
C GLY C 167 36.37 40.25 13.20
N ASN C 168 35.09 40.55 12.88
CA ASN C 168 34.53 40.30 11.56
C ASN C 168 35.01 41.32 10.55
N TRP C 169 34.97 40.95 9.26
CA TRP C 169 35.27 41.81 8.11
C TRP C 169 36.74 42.20 8.02
N ASN C 170 37.58 41.39 8.69
CA ASN C 170 38.99 41.70 8.75
C ASN C 170 39.73 41.16 7.54
N LYS C 171 41.04 41.41 7.57
CA LYS C 171 41.98 40.94 6.58
C LYS C 171 42.14 39.44 6.79
N LYS C 172 42.07 38.73 5.66
CA LYS C 172 42.15 37.28 5.68
C LYS C 172 43.61 36.93 5.99
N ASP C 173 43.78 36.05 6.99
CA ASP C 173 45.06 35.43 7.29
C ASP C 173 45.99 36.34 8.08
N ALA C 174 45.50 37.49 8.57
CA ALA C 174 46.39 38.46 9.22
C ALA C 174 46.80 37.98 10.60
N ASP C 175 47.99 38.39 11.06
CA ASP C 175 48.42 38.05 12.41
C ASP C 175 47.97 39.18 13.33
N TRP C 176 47.01 38.89 14.23
CA TRP C 176 46.41 39.91 15.07
C TRP C 176 47.16 40.06 16.40
N HIS C 177 48.17 39.19 16.65
CA HIS C 177 48.95 39.27 17.88
C HIS C 177 48.00 39.18 19.08
N LEU C 178 47.19 38.13 19.07
CA LEU C 178 46.19 37.95 20.12
C LEU C 178 46.85 37.66 21.46
N PRO C 179 47.95 36.84 21.52
CA PRO C 179 48.64 36.60 22.78
C PRO C 179 48.99 37.88 23.52
N GLU C 180 49.44 38.90 22.77
CA GLU C 180 49.85 40.14 23.40
C GLU C 180 48.65 40.96 23.83
N LEU C 181 47.60 41.01 22.98
CA LEU C 181 46.41 41.80 23.29
C LEU C 181 45.71 41.21 24.52
N TYR C 182 45.42 39.92 24.47
CA TYR C 182 44.67 39.28 25.56
C TYR C 182 45.56 39.12 26.80
N GLY C 183 46.88 38.95 26.58
CA GLY C 183 47.83 38.86 27.69
C GLY C 183 47.83 40.17 28.47
N MET C 184 47.75 41.30 27.74
CA MET C 184 47.70 42.60 28.37
C MET C 184 46.41 42.74 29.21
N ILE C 185 45.27 42.29 28.66
CA ILE C 185 44.00 42.34 29.37
C ILE C 185 44.10 41.50 30.64
N ARG C 186 44.62 40.28 30.51
CA ARG C 186 44.76 39.41 31.68
C ARG C 186 45.60 40.06 32.76
N HIS C 187 46.65 40.80 32.35
CA HIS C 187 47.50 41.48 33.30
C HIS C 187 46.67 42.51 34.10
N TYR C 188 45.91 43.38 33.44
CA TYR C 188 45.27 44.45 34.19
C TYR C 188 43.86 44.09 34.65
N GLN C 189 43.22 43.13 33.98
CA GLN C 189 41.85 42.76 34.29
C GLN C 189 41.77 41.26 34.36
N PRO C 190 42.40 40.61 35.38
CA PRO C 190 42.48 39.15 35.41
C PRO C 190 41.09 38.51 35.35
N ASN C 191 40.08 39.20 35.90
CA ASN C 191 38.76 38.60 36.04
C ASN C 191 37.81 38.95 34.88
N ALA C 192 38.28 39.69 33.86
CA ALA C 192 37.42 40.11 32.75
C ALA C 192 37.06 38.91 31.86
N ILE C 193 35.82 38.89 31.38
CA ILE C 193 35.44 37.90 30.39
C ILE C 193 35.86 38.43 29.02
N ILE C 194 36.57 37.60 28.26
CA ILE C 194 36.91 38.00 26.90
C ILE C 194 35.99 37.25 25.93
N VAL C 195 35.17 38.01 25.19
CA VAL C 195 34.26 37.44 24.21
C VAL C 195 34.81 37.80 22.84
N SER C 196 34.79 36.85 21.94
CA SER C 196 35.18 37.06 20.57
C SER C 196 34.15 36.61 19.53
N ASN C 197 33.90 37.48 18.58
CA ASN C 197 33.08 37.26 17.40
C ASN C 197 33.67 36.18 16.51
N THR C 198 34.99 36.07 16.54
CA THR C 198 35.74 35.17 15.70
C THR C 198 36.60 34.27 16.57
N GLY C 199 36.02 33.81 17.67
CA GLY C 199 36.68 32.93 18.62
C GLY C 199 37.12 31.56 18.15
N LEU C 200 36.34 30.94 17.26
CA LEU C 200 36.73 29.69 16.67
C LEU C 200 37.70 29.85 15.50
N GLN C 205 38.81 24.88 16.41
CA GLN C 205 39.64 25.24 17.54
C GLN C 205 39.59 26.74 17.80
N VAL C 206 39.76 27.12 19.06
CA VAL C 206 39.67 28.51 19.48
C VAL C 206 40.82 29.36 18.97
N SER C 207 40.62 30.65 18.85
CA SER C 207 41.63 31.51 18.27
C SER C 207 42.74 31.95 19.23
N ASP C 208 42.53 31.75 20.52
CA ASP C 208 43.54 32.06 21.51
C ASP C 208 43.11 31.47 22.84
N PRO C 209 44.04 30.87 23.62
CA PRO C 209 43.71 30.32 24.93
C PRO C 209 42.98 31.28 25.86
N GLU C 210 43.16 32.59 25.69
CA GLU C 210 42.62 33.54 26.65
C GLU C 210 41.13 33.88 26.42
N ILE C 211 40.59 33.46 25.27
CA ILE C 211 39.17 33.64 24.97
C ILE C 211 38.33 32.82 25.94
N ASP C 212 37.30 33.45 26.51
CA ASP C 212 36.41 32.86 27.49
C ASP C 212 35.06 32.47 26.87
N VAL C 213 34.61 33.21 25.85
CA VAL C 213 33.30 33.06 25.25
C VAL C 213 33.42 33.28 23.74
N VAL C 214 32.75 32.45 22.99
CA VAL C 214 32.60 32.58 21.56
C VAL C 214 31.14 32.83 21.23
N THR C 215 30.89 33.56 20.16
CA THR C 215 29.55 33.84 19.66
C THR C 215 29.06 32.87 18.60
N TYR C 216 27.77 32.60 18.62
CA TYR C 216 27.16 31.68 17.69
C TYR C 216 25.96 32.34 17.04
N GLU C 217 25.57 31.86 15.88
CA GLU C 217 24.39 32.42 15.23
C GLU C 217 23.14 31.98 15.93
N ARG C 218 22.15 32.84 15.89
CA ARG C 218 20.91 32.71 16.64
C ARG C 218 20.25 31.36 16.37
N ARG C 219 20.42 30.87 15.16
CA ARG C 219 19.63 29.72 14.70
C ARG C 219 20.31 28.40 15.02
N THR C 220 21.50 28.42 15.66
CA THR C 220 22.22 27.19 15.94
C THR C 220 21.25 26.15 16.53
N PRO C 221 21.09 24.95 15.92
CA PRO C 221 20.05 24.00 16.36
C PRO C 221 20.36 23.28 17.67
N ASP C 222 21.64 22.92 17.88
CA ASP C 222 22.04 22.00 18.94
C ASP C 222 22.95 22.74 19.91
N GLU C 223 23.12 22.15 21.12
CA GLU C 223 24.05 22.63 22.14
C GLU C 223 25.42 22.97 21.53
N ILE C 224 26.01 24.08 21.99
CA ILE C 224 27.17 24.72 21.37
C ILE C 224 28.47 24.02 21.77
N TYR C 225 29.58 24.44 21.15
CA TYR C 225 30.92 23.90 21.35
C TYR C 225 31.59 24.53 22.57
N HIS C 226 32.08 23.68 23.48
CA HIS C 226 32.66 24.17 24.74
C HIS C 226 34.18 24.05 24.82
N GLY C 227 34.85 23.77 23.69
CA GLY C 227 36.31 23.62 23.65
C GLY C 227 36.76 22.15 23.60
N ALA C 228 38.03 21.95 23.18
CA ALA C 228 38.62 20.62 22.98
C ALA C 228 38.77 19.90 24.33
N PRO C 229 38.68 18.55 24.39
CA PRO C 229 38.85 17.84 25.67
C PRO C 229 40.24 18.04 26.28
N ASN C 230 40.26 18.14 27.62
CA ASN C 230 41.46 18.49 28.38
C ASN C 230 41.85 19.96 28.20
N GLU C 231 41.12 20.73 27.38
CA GLU C 231 41.42 22.15 27.21
C GLU C 231 40.45 22.98 28.02
N LYS C 232 40.69 24.30 28.06
CA LYS C 232 39.86 25.26 28.76
C LYS C 232 38.42 25.18 28.23
N TYR C 233 37.45 25.17 29.15
CA TYR C 233 36.04 25.27 28.75
C TYR C 233 35.74 26.70 28.31
N VAL C 234 35.09 26.87 27.16
CA VAL C 234 34.68 28.18 26.69
C VAL C 234 33.15 28.23 26.59
N ALA C 235 32.55 29.33 27.04
CA ALA C 235 31.11 29.50 26.99
C ALA C 235 30.68 29.99 25.60
N GLY C 236 29.36 30.15 25.42
CA GLY C 236 28.81 30.63 24.15
C GLY C 236 27.78 31.73 24.34
N GLU C 237 27.51 32.50 23.27
CA GLU C 237 26.60 33.62 23.37
C GLU C 237 25.99 33.85 22.00
N ILE C 238 24.67 34.13 21.94
CA ILE C 238 24.03 34.55 20.71
C ILE C 238 23.48 35.95 20.92
N SER C 239 23.13 36.61 19.80
CA SER C 239 22.67 37.99 19.78
C SER C 239 21.42 38.11 18.92
N ILE C 240 20.56 39.07 19.25
CA ILE C 240 19.43 39.36 18.38
C ILE C 240 19.24 40.87 18.38
N THR C 241 18.95 41.43 17.21
CA THR C 241 18.52 42.82 17.16
C THR C 241 17.03 42.85 16.79
N LEU C 242 16.33 43.93 17.12
CA LEU C 242 14.88 43.93 17.03
C LEU C 242 14.41 44.05 15.59
N ASN C 243 15.11 44.85 14.75
CA ASN C 243 14.82 44.91 13.32
C ASN C 243 16.03 44.35 12.57
N GLN C 244 16.37 44.93 11.42
CA GLN C 244 17.46 44.40 10.60
C GLN C 244 18.80 45.07 10.93
N HIS C 245 18.80 46.15 11.74
CA HIS C 245 20.00 46.94 11.95
C HIS C 245 20.34 46.92 13.44
N TRP C 246 21.62 47.19 13.75
CA TRP C 246 22.09 47.23 15.13
C TRP C 246 22.04 48.65 15.66
N GLY C 247 22.60 49.62 14.95
CA GLY C 247 22.33 51.02 15.26
C GLY C 247 20.91 51.38 14.84
N ILE C 248 20.39 52.50 15.36
CA ILE C 248 19.04 52.91 15.09
C ILE C 248 18.84 53.14 13.59
N ALA C 249 17.65 52.78 13.11
CA ALA C 249 17.34 52.87 11.68
C ALA C 249 15.84 53.17 11.56
N ALA C 250 15.54 54.48 11.42
CA ALA C 250 14.20 55.03 11.57
C ALA C 250 13.21 54.40 10.58
N ASN C 251 13.63 54.11 9.36
CA ASN C 251 12.72 53.55 8.37
C ASN C 251 12.94 52.06 8.16
N ASP C 252 13.52 51.40 9.16
CA ASP C 252 13.51 49.94 9.16
C ASP C 252 12.28 49.50 9.96
N LEU C 253 11.22 49.05 9.24
CA LEU C 253 9.95 48.70 9.88
C LEU C 253 9.90 47.20 10.11
N ASN C 254 10.96 46.49 9.69
CA ASN C 254 10.93 45.04 9.68
C ASN C 254 11.32 44.49 11.05
N TYR C 255 10.53 44.84 12.08
CA TYR C 255 10.76 44.34 13.43
C TYR C 255 10.25 42.91 13.55
N LYS C 256 10.99 42.10 14.32
CA LYS C 256 10.59 40.76 14.71
C LYS C 256 9.43 40.85 15.71
N SER C 257 8.64 39.78 15.82
CA SER C 257 7.62 39.79 16.86
C SER C 257 8.24 39.69 18.25
N PRO C 258 7.61 40.31 19.26
CA PRO C 258 7.97 40.01 20.65
C PRO C 258 7.99 38.51 20.96
N ALA C 259 7.10 37.73 20.32
CA ALA C 259 7.08 36.29 20.53
C ALA C 259 8.41 35.67 20.08
N GLU C 260 8.90 36.06 18.90
CA GLU C 260 10.16 35.52 18.41
C GLU C 260 11.31 35.90 19.35
N MET C 261 11.28 37.12 19.88
CA MET C 261 12.27 37.56 20.86
C MET C 261 12.29 36.62 22.07
N ILE C 262 11.11 36.32 22.63
CA ILE C 262 11.03 35.46 23.80
C ILE C 262 11.52 34.05 23.44
N GLU C 263 11.10 33.54 22.27
CA GLU C 263 11.54 32.21 21.87
C GLU C 263 13.07 32.17 21.69
N THR C 264 13.68 33.30 21.23
CA THR C 264 15.12 33.29 21.01
C THR C 264 15.84 33.24 22.36
N VAL C 265 15.34 34.00 23.34
CA VAL C 265 15.93 33.98 24.67
C VAL C 265 15.87 32.56 25.23
N ALA C 266 14.71 31.91 25.13
CA ALA C 266 14.57 30.55 25.66
C ALA C 266 15.52 29.63 24.90
N HIS C 267 15.63 29.83 23.60
CA HIS C 267 16.46 29.01 22.76
C HIS C 267 17.94 29.08 23.13
N ALA C 268 18.41 30.26 23.50
CA ALA C 268 19.78 30.42 23.88
C ALA C 268 20.06 29.55 25.08
N ARG C 269 19.15 29.55 26.03
CA ARG C 269 19.31 28.73 27.23
C ARG C 269 19.31 27.24 26.92
N HIS C 270 18.48 26.85 25.99
CA HIS C 270 18.37 25.49 25.58
C HIS C 270 19.67 24.94 25.00
N ILE C 271 20.40 25.78 24.28
CA ILE C 271 21.67 25.38 23.72
C ILE C 271 22.85 25.73 24.62
N GLY C 272 22.57 26.12 25.84
CA GLY C 272 23.59 26.54 26.78
C GLY C 272 24.43 27.73 26.39
N ALA C 273 23.76 28.78 25.94
CA ALA C 273 24.42 30.03 25.59
C ALA C 273 23.76 31.16 26.36
N ASN C 274 24.50 32.26 26.54
CA ASN C 274 23.88 33.52 26.90
C ASN C 274 23.21 34.14 25.66
N ILE C 275 22.37 35.15 25.89
CA ILE C 275 21.75 35.89 24.81
C ILE C 275 21.91 37.37 25.09
N LEU C 276 22.31 38.13 24.05
CA LEU C 276 22.24 39.59 24.10
C LEU C 276 21.05 40.05 23.27
N VAL C 277 20.23 40.93 23.84
CA VAL C 277 19.20 41.58 23.04
C VAL C 277 19.65 43.01 22.79
N ASN C 278 19.67 43.42 21.52
CA ASN C 278 20.28 44.68 21.14
C ASN C 278 19.27 45.81 21.09
N ILE C 279 19.66 47.00 21.55
CA ILE C 279 18.95 48.22 21.22
C ILE C 279 19.93 49.26 20.64
N GLY C 280 19.49 50.00 19.61
CA GLY C 280 20.22 51.15 19.10
C GLY C 280 19.71 52.46 19.71
N LEU C 281 20.57 53.22 20.39
CA LEU C 281 20.14 54.50 20.96
C LEU C 281 19.92 55.53 19.85
N THR C 282 19.16 56.60 20.18
CA THR C 282 19.03 57.74 19.29
C THR C 282 20.38 58.48 19.21
N GLY C 283 20.49 59.42 18.26
CA GLY C 283 21.69 60.24 18.11
C GLY C 283 22.17 60.80 19.45
N THR C 284 21.23 61.28 20.29
CA THR C 284 21.58 61.96 21.52
C THR C 284 21.63 60.99 22.70
N GLY C 285 21.46 59.68 22.45
CA GLY C 285 21.70 58.70 23.51
C GLY C 285 20.44 58.23 24.27
N ALA C 286 19.23 58.47 23.74
CA ALA C 286 18.02 57.98 24.40
C ALA C 286 17.70 56.54 23.95
N ILE C 287 17.03 55.79 24.83
CA ILE C 287 16.40 54.53 24.41
C ILE C 287 15.18 54.91 23.58
N PRO C 288 15.04 54.48 22.32
CA PRO C 288 13.82 54.75 21.58
C PRO C 288 12.58 54.05 22.14
N ALA C 289 11.43 54.67 21.90
CA ALA C 289 10.13 54.19 22.36
C ALA C 289 9.89 52.74 21.89
N ALA C 290 10.28 52.42 20.65
CA ALA C 290 9.99 51.09 20.14
C ALA C 290 10.75 50.04 20.96
N ALA C 291 11.99 50.36 21.34
CA ALA C 291 12.81 49.44 22.12
C ALA C 291 12.19 49.24 23.50
N GLN C 292 11.71 50.32 24.14
CA GLN C 292 11.05 50.26 25.43
C GLN C 292 9.88 49.24 25.38
N THR C 293 9.07 49.25 24.31
CA THR C 293 7.95 48.32 24.22
C THR C 293 8.46 46.87 24.28
N TYR C 294 9.53 46.55 23.54
CA TYR C 294 10.05 45.19 23.53
C TYR C 294 10.65 44.82 24.88
N MET C 295 11.29 45.81 25.53
CA MET C 295 11.89 45.55 26.83
C MET C 295 10.82 45.28 27.88
N HIS C 296 9.70 46.01 27.81
CA HIS C 296 8.62 45.80 28.78
C HIS C 296 8.05 44.39 28.60
N LEU C 297 7.84 43.98 27.34
CA LEU C 297 7.31 42.64 27.11
C LEU C 297 8.30 41.58 27.59
N LEU C 298 9.57 41.71 27.24
CA LEU C 298 10.59 40.76 27.62
C LEU C 298 10.75 40.69 29.14
N GLY C 299 10.66 41.83 29.78
CA GLY C 299 10.70 41.92 31.21
C GLY C 299 9.60 41.16 31.91
N ARG C 300 8.39 41.16 31.38
CA ARG C 300 7.34 40.34 31.96
C ARG C 300 7.66 38.86 31.89
N TRP C 301 8.17 38.40 30.76
CA TRP C 301 8.60 37.03 30.64
C TRP C 301 9.78 36.65 31.53
N THR C 302 10.79 37.51 31.61
CA THR C 302 11.99 37.10 32.34
C THR C 302 11.68 37.11 33.84
N ALA C 303 10.79 38.02 34.29
CA ALA C 303 10.37 37.97 35.70
C ALA C 303 9.71 36.63 36.01
N MET C 304 8.88 36.13 35.10
CA MET C 304 8.20 34.86 35.33
C MET C 304 9.23 33.73 35.30
N ALA C 305 10.21 33.82 34.39
CA ALA C 305 11.16 32.73 34.15
C ALA C 305 12.36 32.75 35.10
N ALA C 306 12.44 33.73 36.00
CA ALA C 306 13.56 33.93 36.93
C ALA C 306 14.05 32.64 37.60
N PRO C 307 13.19 31.71 38.08
CA PRO C 307 13.69 30.49 38.72
C PRO C 307 14.60 29.66 37.82
N VAL C 308 14.52 29.83 36.51
CA VAL C 308 15.27 28.91 35.65
C VAL C 308 16.20 29.69 34.69
N LEU C 309 15.94 30.98 34.47
CA LEU C 309 16.60 31.67 33.39
C LEU C 309 18.11 31.74 33.63
N TYR C 310 18.54 31.96 34.89
CA TYR C 310 19.93 32.18 35.26
C TYR C 310 20.68 30.85 35.45
N LYS C 311 20.12 29.95 36.25
CA LYS C 311 20.86 28.75 36.64
C LYS C 311 20.51 27.56 35.74
N GLY C 312 19.49 27.68 34.90
CA GLY C 312 19.06 26.50 34.13
C GLY C 312 20.09 26.13 33.08
N ARG C 313 20.31 24.84 32.90
CA ARG C 313 21.27 24.35 31.97
C ARG C 313 20.71 23.25 31.11
N PRO C 314 21.27 23.08 29.90
CA PRO C 314 20.79 22.00 29.03
C PRO C 314 20.93 20.62 29.67
N VAL C 315 20.06 19.71 29.29
CA VAL C 315 20.08 18.38 29.87
C VAL C 315 19.77 17.37 28.76
N PRO C 316 20.26 16.14 28.90
CA PRO C 316 20.02 15.13 27.87
C PRO C 316 18.59 14.61 27.90
N VAL C 317 17.61 15.51 27.77
CA VAL C 317 16.21 15.11 27.73
C VAL C 317 15.62 15.66 26.46
N THR C 318 14.89 14.85 25.72
CA THR C 318 14.34 15.27 24.45
C THR C 318 12.83 15.22 24.48
N SER C 319 12.22 15.95 23.57
CA SER C 319 10.78 16.06 23.59
C SER C 319 10.22 15.09 22.56
N ALA C 320 8.92 14.84 22.64
CA ALA C 320 8.27 13.95 21.69
C ALA C 320 8.26 14.47 20.27
N HIS C 321 7.96 13.59 19.33
CA HIS C 321 7.94 13.96 17.92
C HIS C 321 6.95 15.06 17.60
N GLY C 322 7.42 16.07 16.88
CA GLY C 322 6.54 17.14 16.47
C GLY C 322 6.37 18.28 17.44
N THR C 323 7.15 18.30 18.52
CA THR C 323 7.04 19.45 19.41
C THR C 323 8.39 20.16 19.49
N ARG C 324 8.39 21.39 19.97
CA ARG C 324 9.62 22.15 20.10
C ARG C 324 9.96 22.30 21.59
N ASP C 325 9.30 21.52 22.45
CA ASP C 325 9.51 21.66 23.90
C ASP C 325 10.93 21.21 24.28
N PHE C 326 11.42 21.70 25.41
CA PHE C 326 12.74 21.32 25.88
C PHE C 326 12.84 21.40 27.41
N VAL C 327 13.91 20.87 27.96
CA VAL C 327 14.06 20.84 29.42
C VAL C 327 15.30 21.55 29.92
N LEU C 328 15.17 22.24 31.06
CA LEU C 328 16.31 22.90 31.67
C LEU C 328 16.52 22.34 33.08
N HIS C 329 17.76 22.22 33.49
CA HIS C 329 18.10 21.59 34.76
C HIS C 329 18.76 22.62 35.68
N THR C 330 18.25 22.72 36.92
CA THR C 330 19.01 23.37 38.00
C THR C 330 19.34 22.28 39.02
N SER C 331 20.03 22.66 40.10
CA SER C 331 20.48 21.61 41.02
C SER C 331 19.31 21.04 41.81
N LYS C 332 18.24 21.83 42.02
CA LYS C 332 17.08 21.34 42.75
C LYS C 332 15.93 20.86 41.84
N HIS C 333 15.82 21.36 40.60
CA HIS C 333 14.63 21.11 39.78
C HIS C 333 14.94 20.88 38.30
N ASP C 334 14.02 20.19 37.62
CA ASP C 334 13.95 20.30 36.17
C ASP C 334 12.80 21.23 35.80
N PHE C 335 12.91 21.84 34.62
CA PHE C 335 11.88 22.76 34.15
C PHE C 335 11.54 22.38 32.71
N LEU C 336 10.24 22.20 32.44
CA LEU C 336 9.76 21.94 31.09
C LEU C 336 9.41 23.29 30.47
N CYS C 337 10.06 23.60 29.34
CA CYS C 337 9.77 24.79 28.55
C CYS C 337 8.89 24.37 27.39
N ILE C 338 7.66 24.88 27.38
CA ILE C 338 6.66 24.36 26.48
C ILE C 338 6.18 25.46 25.55
N LEU C 339 6.24 25.15 24.24
CA LEU C 339 5.92 26.09 23.16
C LEU C 339 4.62 25.69 22.47
N ASP C 340 4.07 26.62 21.67
CA ASP C 340 2.92 26.36 20.81
C ASP C 340 1.71 26.00 21.65
N LEU C 341 1.50 26.67 22.79
CA LEU C 341 0.27 26.51 23.55
C LEU C 341 -0.75 27.53 23.08
N GLN C 342 -2.03 27.22 23.30
CA GLN C 342 -3.07 28.18 22.98
C GLN C 342 -3.82 28.64 24.23
N VAL C 343 -4.63 29.68 24.04
CA VAL C 343 -5.46 30.22 25.11
C VAL C 343 -6.69 29.32 25.31
N VAL C 344 -7.16 29.20 26.56
CA VAL C 344 -8.33 28.39 26.88
C VAL C 344 -9.55 29.28 26.92
N GLY C 345 -10.54 29.03 26.03
CA GLY C 345 -11.85 29.68 26.07
C GLY C 345 -12.79 28.98 27.06
N LYS C 346 -14.10 28.91 26.70
CA LYS C 346 -15.08 28.28 27.57
C LYS C 346 -16.32 27.95 26.75
N ASP C 347 -16.90 26.78 27.04
CA ASP C 347 -18.11 26.25 26.39
C ASP C 347 -17.94 26.35 24.87
N ASN C 348 -18.76 27.19 24.22
CA ASN C 348 -18.81 27.26 22.77
C ASN C 348 -17.76 28.23 22.24
N VAL C 349 -17.07 28.94 23.13
CA VAL C 349 -15.96 29.81 22.74
C VAL C 349 -14.66 29.01 22.79
N VAL C 350 -14.19 28.59 21.61
CA VAL C 350 -13.07 27.67 21.46
C VAL C 350 -11.89 28.50 20.97
N LEU C 351 -10.82 28.55 21.78
CA LEU C 351 -9.65 29.35 21.45
C LEU C 351 -8.45 28.46 21.05
N GLY C 352 -8.63 27.17 21.25
CA GLY C 352 -7.67 26.12 20.93
C GLY C 352 -6.92 25.42 22.04
N GLY C 353 -6.87 25.99 23.23
CA GLY C 353 -6.17 25.37 24.34
C GLY C 353 -6.96 24.43 25.22
N GLU C 354 -8.25 24.27 24.94
CA GLU C 354 -9.18 23.55 25.80
C GLU C 354 -8.95 22.05 26.03
N GLY C 355 -8.59 21.31 25.00
CA GLY C 355 -8.46 19.88 25.12
C GLY C 355 -7.27 19.45 25.93
N VAL C 356 -7.30 18.24 26.46
CA VAL C 356 -6.11 17.66 27.05
C VAL C 356 -4.98 17.66 26.01
N ASN C 357 -3.78 18.06 26.44
CA ASN C 357 -2.69 18.35 25.51
C ASN C 357 -1.44 17.61 26.00
N PRO C 358 -1.33 16.29 25.71
CA PRO C 358 -0.22 15.50 26.23
C PRO C 358 1.10 15.85 25.54
N ARG C 359 2.06 16.36 26.32
CA ARG C 359 3.40 16.68 25.86
C ARG C 359 4.37 15.74 26.58
N SER C 360 5.18 15.01 25.81
CA SER C 360 6.09 14.01 26.35
C SER C 360 7.55 14.42 26.20
N PHE C 361 8.38 13.83 27.08
CA PHE C 361 9.81 14.02 27.15
C PHE C 361 10.43 12.65 27.43
N VAL C 362 11.62 12.42 26.89
CA VAL C 362 12.33 11.17 27.08
C VAL C 362 13.69 11.50 27.73
N GLY C 363 13.98 10.85 28.86
CA GLY C 363 15.24 11.07 29.55
C GLY C 363 15.04 11.42 31.03
N ILE C 364 13.78 11.45 31.49
CA ILE C 364 13.53 11.66 32.90
C ILE C 364 13.30 10.32 33.60
N GLY C 365 14.23 9.95 34.50
CA GLY C 365 14.29 8.62 35.09
C GLY C 365 13.87 8.56 36.55
N GLN C 366 13.70 9.72 37.20
CA GLN C 366 13.40 9.81 38.63
C GLN C 366 11.89 10.00 38.85
N PRO C 367 11.27 9.38 39.88
CA PRO C 367 9.86 9.62 40.14
C PRO C 367 9.57 11.07 40.54
N ILE C 368 8.44 11.60 40.05
CA ILE C 368 8.15 13.00 40.23
C ILE C 368 7.06 13.14 41.29
N GLN C 369 7.18 14.16 42.14
CA GLN C 369 6.13 14.40 43.12
C GLN C 369 5.08 15.37 42.58
N ARG C 370 5.49 16.47 41.94
CA ARG C 370 4.53 17.49 41.52
C ARG C 370 5.14 18.31 40.38
N ILE C 371 4.28 18.78 39.47
CA ILE C 371 4.68 19.66 38.39
C ILE C 371 3.71 20.84 38.38
N HIS C 372 4.24 22.07 38.23
CA HIS C 372 3.34 23.22 38.23
C HIS C 372 3.83 24.31 37.31
N TRP C 373 2.90 25.06 36.69
CA TRP C 373 3.28 26.19 35.86
C TRP C 373 3.82 27.32 36.72
N LEU C 374 4.90 27.99 36.25
CA LEU C 374 5.47 29.10 37.00
C LEU C 374 4.54 30.31 36.98
N ASP C 375 3.76 30.51 35.91
CA ASP C 375 3.00 31.74 35.80
C ASP C 375 1.81 31.80 36.77
N ASN C 376 1.20 30.66 37.15
CA ASN C 376 0.00 30.74 37.97
C ASN C 376 -0.05 29.64 39.03
N ASP C 377 0.99 28.82 39.13
CA ASP C 377 1.05 27.75 40.11
C ASP C 377 0.07 26.60 39.88
N GLU C 378 -0.57 26.51 38.72
CA GLU C 378 -1.48 25.39 38.50
C GLU C 378 -0.68 24.09 38.46
N VAL C 379 -1.19 23.06 39.16
CA VAL C 379 -0.59 21.74 39.22
C VAL C 379 -1.02 20.96 37.98
N LEU C 380 -0.07 20.29 37.32
CA LEU C 380 -0.36 19.56 36.09
C LEU C 380 -0.46 18.06 36.38
N SER C 381 -1.31 17.35 35.66
CA SER C 381 -1.29 15.91 35.79
C SER C 381 -0.24 15.35 34.83
N PHE C 382 0.31 14.18 35.17
CA PHE C 382 1.38 13.58 34.40
C PHE C 382 1.36 12.06 34.62
N THR C 383 2.04 11.32 33.75
CA THR C 383 2.33 9.90 33.97
C THR C 383 3.80 9.71 33.61
N GLN C 384 4.41 8.67 34.19
CA GLN C 384 5.78 8.34 33.87
C GLN C 384 5.87 6.87 33.52
N ASP C 385 6.79 6.54 32.61
CA ASP C 385 7.33 5.20 32.49
C ASP C 385 8.80 5.28 32.86
N LEU C 386 9.12 4.86 34.09
CA LEU C 386 10.47 5.03 34.62
C LEU C 386 11.49 4.21 33.86
N ASP C 387 11.13 3.02 33.38
CA ASP C 387 12.10 2.18 32.67
C ASP C 387 12.55 2.81 31.36
N LYS C 388 11.61 3.41 30.61
CA LYS C 388 11.94 4.02 29.32
C LYS C 388 12.23 5.51 29.47
N LYS C 389 12.05 6.03 30.69
CA LYS C 389 12.33 7.43 31.02
C LYS C 389 11.39 8.36 30.26
N VAL C 390 10.09 8.01 30.23
CA VAL C 390 9.12 8.81 29.53
C VAL C 390 8.33 9.59 30.55
N LEU C 391 8.18 10.90 30.33
CA LEU C 391 7.28 11.73 31.12
C LEU C 391 6.25 12.32 30.16
N THR C 392 4.96 12.19 30.50
CA THR C 392 3.91 12.84 29.71
C THR C 392 3.13 13.75 30.63
N VAL C 393 3.00 15.05 30.26
CA VAL C 393 2.22 15.97 31.08
C VAL C 393 1.02 16.42 30.25
N ASP C 394 -0.12 16.72 30.93
CA ASP C 394 -1.18 17.46 30.28
C ASP C 394 -0.86 18.95 30.38
N ALA C 395 -0.35 19.52 29.28
CA ALA C 395 0.08 20.90 29.29
C ALA C 395 -1.13 21.79 29.03
N THR C 396 -1.79 22.25 30.09
CA THR C 396 -3.01 23.03 29.91
C THR C 396 -2.66 24.34 29.20
N GLY C 397 -3.65 24.89 28.46
CA GLY C 397 -3.46 26.12 27.71
C GLY C 397 -3.47 27.33 28.65
N TYR C 398 -3.21 28.52 28.11
CA TYR C 398 -3.10 29.72 28.93
C TYR C 398 -4.49 30.10 29.46
N PRO C 399 -4.59 30.59 30.71
CA PRO C 399 -5.79 31.26 31.16
C PRO C 399 -6.12 32.41 30.20
N TYR C 400 -7.42 32.53 29.86
CA TYR C 400 -7.86 33.63 29.02
C TYR C 400 -7.26 34.91 29.56
N GLY C 401 -6.76 35.77 28.66
CA GLY C 401 -6.22 37.05 29.13
C GLY C 401 -4.69 36.99 29.23
N SER C 402 -4.10 35.81 29.00
CA SER C 402 -2.66 35.76 29.10
C SER C 402 -2.09 34.87 28.00
N ASP C 403 -0.79 35.04 27.68
CA ASP C 403 -0.12 34.24 26.67
C ASP C 403 1.39 34.48 26.80
N TRP C 404 2.13 33.49 27.31
CA TRP C 404 3.51 33.65 27.73
C TRP C 404 4.48 33.28 26.62
N VAL C 405 3.97 32.70 25.52
CA VAL C 405 4.77 32.32 24.38
C VAL C 405 5.61 31.08 24.69
N VAL C 406 6.47 31.14 25.71
CA VAL C 406 7.16 29.97 26.21
C VAL C 406 6.70 29.81 27.65
N ARG C 407 5.96 28.73 27.92
CA ARG C 407 5.45 28.52 29.26
C ARG C 407 6.39 27.54 29.98
N ILE C 408 6.57 27.73 31.29
CA ILE C 408 7.56 26.95 32.01
C ILE C 408 6.90 26.22 33.19
N ALA C 409 7.09 24.89 33.22
CA ALA C 409 6.59 24.08 34.31
C ALA C 409 7.78 23.60 35.16
N GLN C 410 7.68 23.79 36.48
CA GLN C 410 8.72 23.31 37.39
C GLN C 410 8.39 21.89 37.86
N ILE C 411 9.37 21.00 37.78
CA ILE C 411 9.25 19.64 38.30
C ILE C 411 9.83 19.57 39.71
N ASP C 412 9.05 19.10 40.66
CA ASP C 412 9.54 18.82 42.00
C ASP C 412 9.66 17.32 42.17
N TYR C 413 10.87 16.85 42.34
CA TYR C 413 11.12 15.43 42.50
C TYR C 413 10.81 14.89 43.88
N GLU C 414 10.39 13.65 43.91
CA GLU C 414 10.09 12.94 45.12
C GLU C 414 11.31 12.69 46.00
N THR D 2 -22.94 45.55 -10.32
CA THR D 2 -23.61 46.83 -9.96
C THR D 2 -22.55 47.80 -9.46
N GLU D 3 -22.87 49.10 -9.55
CA GLU D 3 -21.97 50.12 -9.02
C GLU D 3 -22.24 50.34 -7.54
N PRO D 4 -21.19 50.45 -6.70
CA PRO D 4 -21.40 50.77 -5.29
C PRO D 4 -22.11 52.11 -5.08
N LEU D 5 -23.03 52.18 -4.12
CA LEU D 5 -23.65 53.43 -3.72
C LEU D 5 -22.54 54.43 -3.34
N PRO D 6 -22.74 55.75 -3.54
CA PRO D 6 -21.77 56.74 -3.06
C PRO D 6 -21.17 56.48 -1.68
N ARG D 7 -22.00 56.16 -0.69
CA ARG D 7 -21.50 56.04 0.68
C ARG D 7 -20.55 54.83 0.78
N ILE D 8 -20.77 53.80 -0.05
CA ILE D 8 -19.94 52.60 -0.03
C ILE D 8 -18.63 52.82 -0.78
N GLN D 9 -18.68 53.56 -1.88
CA GLN D 9 -17.48 54.03 -2.56
C GLN D 9 -16.61 54.83 -1.58
N HIS D 10 -17.23 55.74 -0.80
CA HIS D 10 -16.50 56.52 0.18
C HIS D 10 -15.88 55.58 1.22
N TYR D 11 -16.64 54.57 1.63
CA TYR D 11 -16.15 53.61 2.62
C TYR D 11 -14.87 52.93 2.11
N GLU D 12 -14.88 52.45 0.85
CA GLU D 12 -13.75 51.73 0.32
C GLU D 12 -12.52 52.63 0.21
N ASP D 13 -12.71 53.94 0.02
CA ASP D 13 -11.61 54.89 -0.01
C ASP D 13 -11.01 55.11 1.37
N LEU D 14 -11.70 54.68 2.44
CA LEU D 14 -11.17 54.91 3.77
C LEU D 14 -9.92 54.04 3.98
N GLY D 15 -9.94 52.80 3.46
CA GLY D 15 -8.79 51.92 3.48
C GLY D 15 -8.54 51.29 4.85
N LEU D 16 -8.23 52.14 5.83
CA LEU D 16 -7.71 51.70 7.10
C LEU D 16 -8.51 52.41 8.19
N GLY D 17 -8.94 51.63 9.20
CA GLY D 17 -9.55 52.23 10.38
C GLY D 17 -8.90 51.70 11.65
N LEU D 18 -9.13 52.41 12.74
CA LEU D 18 -8.67 51.99 14.04
C LEU D 18 -9.86 51.42 14.81
N PHE D 19 -9.71 50.21 15.37
CA PHE D 19 -10.70 49.62 16.24
C PHE D 19 -10.29 49.91 17.67
N ILE D 20 -11.23 50.32 18.53
CA ILE D 20 -10.88 50.59 19.92
C ILE D 20 -11.81 49.81 20.85
N HIS D 21 -11.22 48.93 21.66
CA HIS D 21 -11.93 48.18 22.68
C HIS D 21 -11.65 48.81 24.04
N TRP D 22 -12.74 49.20 24.68
CA TRP D 22 -12.67 49.79 26.01
C TRP D 22 -14.02 49.57 26.69
N GLY D 23 -13.98 48.97 27.88
CA GLY D 23 -15.18 48.75 28.67
C GLY D 23 -14.78 48.54 30.12
N LEU D 24 -15.71 47.99 30.91
CA LEU D 24 -15.39 47.71 32.31
C LEU D 24 -14.27 46.67 32.38
N TYR D 25 -14.27 45.71 31.42
CA TYR D 25 -13.26 44.66 31.39
C TYR D 25 -11.85 45.25 31.39
N SER D 26 -11.69 46.46 30.83
CA SER D 26 -10.35 47.05 30.70
C SER D 26 -9.66 47.17 32.06
N GLN D 27 -10.43 47.38 33.12
CA GLN D 27 -9.86 47.53 34.45
C GLN D 27 -9.13 46.27 34.89
N MET D 28 -9.72 45.12 34.59
CA MET D 28 -9.12 43.82 34.88
C MET D 28 -7.84 43.53 34.10
N ALA D 29 -7.81 43.95 32.84
CA ALA D 29 -6.67 43.75 31.96
C ALA D 29 -6.38 42.28 31.66
N VAL D 30 -7.43 41.47 31.63
CA VAL D 30 -7.32 40.06 31.31
C VAL D 30 -8.33 39.73 30.20
N GLY D 31 -8.50 40.66 29.24
CA GLY D 31 -9.27 40.36 28.04
C GLY D 31 -10.74 40.76 28.20
N GLU D 32 -11.41 41.02 27.08
CA GLU D 32 -12.75 41.62 27.11
C GLU D 32 -13.80 40.56 27.46
N TRP D 33 -13.49 39.26 27.25
CA TRP D 33 -14.44 38.22 27.60
C TRP D 33 -14.32 37.77 29.05
N THR D 34 -13.61 38.52 29.90
CA THR D 34 -13.27 38.02 31.22
C THR D 34 -14.51 37.58 32.03
N GLU D 35 -15.61 38.33 31.95
CA GLU D 35 -16.75 38.05 32.81
C GLU D 35 -17.29 36.63 32.56
N LEU D 36 -17.50 36.27 31.28
CA LEU D 36 -17.97 34.94 30.96
C LEU D 36 -16.85 33.90 31.13
N ILE D 37 -15.67 34.14 30.52
CA ILE D 37 -14.69 33.07 30.40
C ILE D 37 -14.06 32.77 31.77
N HIS D 38 -13.94 33.76 32.64
CA HIS D 38 -13.42 33.47 33.96
C HIS D 38 -14.55 33.19 34.96
N HIS D 39 -15.79 32.95 34.47
CA HIS D 39 -16.97 32.61 35.29
CA HIS D 39 -16.94 32.59 35.31
C HIS D 39 -17.02 33.50 36.54
N ARG D 40 -17.02 34.81 36.33
CA ARG D 40 -17.06 35.73 37.48
C ARG D 40 -18.50 35.85 38.00
N ASN D 41 -18.63 36.19 39.27
CA ASN D 41 -19.89 36.60 39.83
C ASN D 41 -20.34 37.89 39.13
N GLN D 42 -21.52 37.84 38.49
CA GLN D 42 -22.01 38.99 37.76
C GLN D 42 -22.15 40.24 38.63
N HIS D 43 -22.74 40.09 39.81
CA HIS D 43 -22.93 41.24 40.69
C HIS D 43 -21.59 41.93 40.94
N ASP D 44 -20.55 41.12 41.25
CA ASP D 44 -19.26 41.65 41.67
C ASP D 44 -18.55 42.32 40.49
N TYR D 45 -18.63 41.70 39.30
CA TYR D 45 -18.03 42.24 38.10
C TYR D 45 -18.66 43.59 37.77
N GLU D 46 -20.00 43.68 37.85
CA GLU D 46 -20.70 44.89 37.47
C GLU D 46 -20.41 46.06 38.41
N GLN D 47 -19.85 45.79 39.59
CA GLN D 47 -19.42 46.85 40.50
C GLN D 47 -18.25 47.64 39.89
N LEU D 48 -17.62 47.13 38.84
CA LEU D 48 -16.56 47.86 38.15
C LEU D 48 -17.06 49.22 37.64
N ILE D 49 -18.39 49.38 37.48
CA ILE D 49 -18.96 50.67 37.12
C ILE D 49 -18.56 51.75 38.12
N LYS D 50 -18.35 51.36 39.39
CA LYS D 50 -18.10 52.35 40.44
C LYS D 50 -16.71 52.93 40.31
N THR D 51 -15.81 52.25 39.58
CA THR D 51 -14.45 52.77 39.44
C THR D 51 -14.17 53.13 37.99
N PHE D 52 -15.22 53.20 37.15
CA PHE D 52 -15.05 53.67 35.78
C PHE D 52 -14.99 55.20 35.71
N THR D 53 -13.79 55.78 35.87
CA THR D 53 -13.62 57.22 36.00
C THR D 53 -13.37 57.85 34.62
N ALA D 54 -12.89 57.04 33.68
CA ALA D 54 -12.38 57.54 32.40
C ALA D 54 -11.34 58.63 32.62
N ALA D 55 -10.55 58.53 33.70
CA ALA D 55 -9.68 59.64 34.09
C ALA D 55 -8.62 59.92 33.02
N GLN D 56 -8.31 58.96 32.14
CA GLN D 56 -7.24 59.22 31.19
C GLN D 56 -7.75 59.11 29.76
N PHE D 57 -9.07 59.14 29.60
CA PHE D 57 -9.62 59.10 28.27
C PHE D 57 -9.60 60.50 27.69
N ASP D 58 -8.89 60.66 26.57
CA ASP D 58 -8.88 61.88 25.83
C ASP D 58 -9.22 61.53 24.36
N ALA D 59 -10.44 61.86 23.94
CA ALA D 59 -10.89 61.50 22.61
C ALA D 59 -10.03 62.16 21.53
N LYS D 60 -9.49 63.35 21.84
CA LYS D 60 -8.60 64.04 20.93
C LYS D 60 -7.30 63.24 20.75
N LYS D 61 -6.75 62.63 21.80
CA LYS D 61 -5.56 61.80 21.65
C LYS D 61 -5.87 60.55 20.83
N ILE D 62 -7.05 59.97 21.01
CA ILE D 62 -7.42 58.81 20.22
C ILE D 62 -7.52 59.19 18.74
N ALA D 63 -8.16 60.34 18.47
CA ALA D 63 -8.35 60.77 17.08
C ALA D 63 -6.98 61.11 16.46
N HIS D 64 -6.08 61.67 17.28
CA HIS D 64 -4.75 62.02 16.82
C HIS D 64 -3.97 60.77 16.44
N ALA D 65 -4.02 59.74 17.28
CA ALA D 65 -3.36 58.47 17.01
C ALA D 65 -3.87 57.87 15.68
N ALA D 66 -5.19 57.94 15.46
CA ALA D 66 -5.74 57.43 14.22
C ALA D 66 -5.19 58.20 13.02
N LYS D 67 -5.12 59.52 13.18
CA LYS D 67 -4.67 60.37 12.10
C LYS D 67 -3.21 60.04 11.80
N ALA D 68 -2.41 59.90 12.83
CA ALA D 68 -0.98 59.63 12.67
C ALA D 68 -0.75 58.25 12.01
N VAL D 69 -1.64 57.29 12.24
CA VAL D 69 -1.39 55.97 11.67
C VAL D 69 -1.90 55.91 10.22
N GLY D 70 -2.59 56.96 9.76
CA GLY D 70 -3.16 56.94 8.40
C GLY D 70 -4.59 56.34 8.34
N ALA D 71 -5.22 56.13 9.49
CA ALA D 71 -6.61 55.66 9.52
C ALA D 71 -7.56 56.79 9.15
N LYS D 72 -8.71 56.44 8.56
CA LYS D 72 -9.66 57.43 8.11
C LYS D 72 -11.00 57.28 8.84
N TYR D 73 -11.09 56.27 9.73
CA TYR D 73 -12.27 56.11 10.58
C TYR D 73 -11.84 55.34 11.83
N ILE D 74 -12.69 55.41 12.86
CA ILE D 74 -12.47 54.72 14.12
C ILE D 74 -13.77 54.03 14.52
N VAL D 75 -13.65 52.76 14.89
CA VAL D 75 -14.77 51.99 15.41
C VAL D 75 -14.54 51.86 16.91
N LEU D 76 -15.45 52.46 17.71
CA LEU D 76 -15.34 52.38 19.17
C LEU D 76 -16.42 51.44 19.73
N THR D 77 -16.03 50.61 20.72
CA THR D 77 -17.00 49.75 21.39
C THR D 77 -17.95 50.61 22.22
N THR D 78 -19.22 50.77 21.77
CA THR D 78 -20.15 51.58 22.53
C THR D 78 -20.85 50.73 23.59
N LYS D 79 -20.97 49.42 23.29
CA LYS D 79 -21.42 48.44 24.28
C LYS D 79 -20.92 47.08 23.81
N HIS D 80 -20.15 46.40 24.68
CA HIS D 80 -19.61 45.09 24.40
C HIS D 80 -20.51 44.01 25.05
N HIS D 81 -20.12 42.74 24.99
CA HIS D 81 -20.93 41.67 25.58
C HIS D 81 -21.26 41.95 27.04
N GLU D 82 -20.34 42.55 27.80
CA GLU D 82 -20.61 42.80 29.21
C GLU D 82 -21.86 43.69 29.37
N GLY D 83 -22.23 44.43 28.30
CA GLY D 83 -23.53 45.09 28.24
C GLY D 83 -23.51 46.48 28.90
N PHE D 84 -22.31 47.01 29.24
CA PHE D 84 -22.20 48.35 29.78
C PHE D 84 -22.07 49.38 28.65
N PHE D 85 -22.82 50.48 28.74
CA PHE D 85 -22.88 51.45 27.65
C PHE D 85 -21.97 52.65 27.93
N LEU D 86 -21.20 53.04 26.90
CA LEU D 86 -20.25 54.14 27.09
C LEU D 86 -20.90 55.49 26.78
N TYR D 87 -22.23 55.50 26.66
CA TYR D 87 -22.94 56.74 26.38
C TYR D 87 -24.19 56.84 27.26
N ASP D 88 -24.84 58.00 27.18
CA ASP D 88 -26.05 58.24 27.98
C ASP D 88 -27.23 57.53 27.31
N THR D 89 -27.77 56.48 27.92
CA THR D 89 -28.86 55.75 27.28
C THR D 89 -30.22 56.40 27.55
N LYS D 90 -30.22 57.55 28.26
CA LYS D 90 -31.43 58.37 28.41
C LYS D 90 -32.56 57.57 29.03
N GLY D 91 -32.25 56.78 30.06
CA GLY D 91 -33.29 56.04 30.77
C GLY D 91 -33.43 54.60 30.29
N LEU D 92 -32.80 54.18 29.18
CA LEU D 92 -32.97 52.77 28.82
C LEU D 92 -32.33 51.85 29.89
N SER D 93 -31.19 52.27 30.48
CA SER D 93 -30.45 51.40 31.36
C SER D 93 -29.70 52.24 32.37
N ASP D 94 -29.51 51.72 33.59
CA ASP D 94 -28.65 52.38 34.59
C ASP D 94 -27.20 51.89 34.49
N PHE D 95 -26.98 50.88 33.68
CA PHE D 95 -25.66 50.32 33.47
C PHE D 95 -24.94 51.07 32.34
N ASP D 96 -24.68 52.34 32.59
CA ASP D 96 -24.11 53.22 31.61
C ASP D 96 -23.22 54.27 32.25
N VAL D 97 -22.51 54.99 31.42
CA VAL D 97 -21.48 55.93 31.81
C VAL D 97 -22.01 57.08 32.68
N MET D 98 -23.25 57.47 32.48
CA MET D 98 -23.86 58.49 33.32
C MET D 98 -24.02 58.07 34.77
N HIS D 99 -24.05 56.78 35.02
CA HIS D 99 -24.11 56.26 36.35
C HIS D 99 -22.77 55.81 36.89
N ALA D 100 -21.72 56.18 36.21
CA ALA D 100 -20.36 55.90 36.65
C ALA D 100 -19.74 57.21 37.10
N PRO D 101 -18.65 57.20 37.91
CA PRO D 101 -17.98 58.45 38.27
C PRO D 101 -17.56 59.30 37.07
N ALA D 102 -17.32 58.70 35.89
CA ALA D 102 -16.95 59.47 34.71
C ALA D 102 -17.97 60.58 34.45
N ARG D 103 -19.27 60.24 34.45
CA ARG D 103 -20.36 61.18 34.31
C ARG D 103 -20.18 62.02 33.04
N ARG D 104 -19.77 61.39 31.95
CA ARG D 104 -19.51 62.09 30.71
C ARG D 104 -20.02 61.16 29.61
N ASP D 105 -20.66 61.73 28.59
CA ASP D 105 -21.03 60.95 27.42
C ASP D 105 -19.79 60.80 26.54
N LEU D 106 -19.17 59.61 26.60
CA LEU D 106 -17.89 59.38 25.96
C LEU D 106 -18.09 59.30 24.45
N ILE D 107 -19.26 58.80 24.03
CA ILE D 107 -19.56 58.79 22.60
C ILE D 107 -19.64 60.23 22.06
N ALA D 108 -20.17 61.19 22.87
CA ALA D 108 -20.25 62.57 22.40
C ALA D 108 -18.83 63.13 22.19
N GLU D 109 -17.93 62.86 23.15
CA GLU D 109 -16.55 63.31 23.06
C GLU D 109 -15.89 62.69 21.81
N PHE D 110 -16.17 61.40 21.60
CA PHE D 110 -15.57 60.65 20.50
C PHE D 110 -15.97 61.24 19.15
N VAL D 111 -17.27 61.48 18.98
CA VAL D 111 -17.80 61.99 17.74
C VAL D 111 -17.20 63.38 17.43
N ALA D 112 -17.13 64.24 18.45
CA ALA D 112 -16.61 65.59 18.25
C ALA D 112 -15.11 65.47 17.83
N ALA D 113 -14.37 64.60 18.50
CA ALA D 113 -12.95 64.44 18.18
C ALA D 113 -12.73 63.91 16.77
N CYS D 114 -13.55 62.96 16.34
CA CYS D 114 -13.41 62.40 15.00
C CYS D 114 -13.65 63.46 13.93
N ARG D 115 -14.65 64.30 14.15
CA ARG D 115 -15.01 65.35 13.20
C ARG D 115 -13.89 66.38 13.04
N GLU D 116 -13.26 66.73 14.15
CA GLU D 116 -12.18 67.70 14.17
C GLU D 116 -11.00 67.21 13.34
N GLU D 117 -10.74 65.91 13.39
CA GLU D 117 -9.67 65.29 12.63
C GLU D 117 -10.11 64.80 11.26
N ASP D 118 -11.36 65.03 10.88
CA ASP D 118 -11.84 64.58 9.58
C ASP D 118 -12.00 63.07 9.48
N LEU D 119 -12.22 62.41 10.60
CA LEU D 119 -12.37 60.96 10.62
C LEU D 119 -13.86 60.65 10.72
N LEU D 120 -14.27 59.51 10.16
CA LEU D 120 -15.63 59.02 10.37
C LEU D 120 -15.74 58.27 11.70
N PRO D 121 -16.65 58.66 12.62
CA PRO D 121 -16.92 57.87 13.82
C PRO D 121 -17.87 56.71 13.55
N PHE D 122 -17.47 55.50 13.95
CA PHE D 122 -18.30 54.31 13.82
C PHE D 122 -18.55 53.75 15.21
N PHE D 123 -19.72 53.12 15.39
CA PHE D 123 -20.07 52.59 16.70
C PHE D 123 -20.19 51.09 16.62
N TYR D 124 -19.37 50.40 17.41
CA TYR D 124 -19.53 48.96 17.54
C TYR D 124 -20.64 48.72 18.57
N MET D 125 -21.50 47.74 18.27
CA MET D 125 -22.55 47.36 19.21
C MET D 125 -22.63 45.82 19.24
N ALA D 126 -22.46 45.23 20.42
CA ALA D 126 -22.61 43.79 20.57
C ALA D 126 -24.08 43.39 20.68
N THR D 127 -24.48 42.36 19.91
CA THR D 127 -25.86 41.91 19.98
C THR D 127 -26.00 40.80 21.02
N TYR D 128 -24.94 40.04 21.28
CA TYR D 128 -24.94 39.09 22.37
C TYR D 128 -24.60 39.83 23.66
N ASP D 129 -25.54 39.85 24.62
CA ASP D 129 -25.45 40.74 25.78
C ASP D 129 -25.55 39.90 27.04
N TRP D 130 -24.62 40.05 28.00
CA TRP D 130 -24.59 39.25 29.22
C TRP D 130 -25.26 40.00 30.37
N HIS D 131 -25.61 41.30 30.17
CA HIS D 131 -26.08 42.07 31.31
C HIS D 131 -27.59 41.93 31.52
N THR D 132 -28.38 42.18 30.47
CA THR D 132 -29.82 42.24 30.61
C THR D 132 -30.40 40.83 30.61
N PRO D 133 -31.24 40.50 31.61
CA PRO D 133 -31.97 39.22 31.61
C PRO D 133 -32.87 38.99 30.41
N LEU D 134 -33.24 40.10 29.73
CA LEU D 134 -34.08 40.00 28.54
C LEU D 134 -33.44 39.05 27.53
N TYR D 135 -32.10 39.06 27.42
CA TYR D 135 -31.42 38.35 26.35
C TYR D 135 -31.85 36.89 26.37
N ASP D 136 -31.81 36.24 27.55
CA ASP D 136 -32.21 34.83 27.59
C ASP D 136 -33.70 34.64 27.84
N ASP D 137 -34.29 35.53 28.68
CA ASP D 137 -35.56 35.27 29.32
C ASP D 137 -36.73 35.88 28.55
N ASP D 138 -36.49 36.83 27.64
CA ASP D 138 -37.54 37.45 26.84
C ASP D 138 -36.94 38.04 25.56
N PHE D 139 -36.62 37.16 24.62
CA PHE D 139 -35.80 37.52 23.48
C PHE D 139 -36.48 38.64 22.66
N PRO D 140 -37.81 38.57 22.38
CA PRO D 140 -38.47 39.64 21.65
C PRO D 140 -38.33 41.00 22.32
N ALA D 141 -38.39 41.02 23.66
CA ALA D 141 -38.20 42.27 24.37
C ALA D 141 -36.72 42.72 24.28
N TYR D 142 -35.79 41.75 24.20
CA TYR D 142 -34.37 42.04 24.01
C TYR D 142 -34.16 42.80 22.70
N LEU D 143 -34.79 42.32 21.61
CA LEU D 143 -34.69 43.01 20.34
C LEU D 143 -35.14 44.46 20.45
N THR D 144 -36.17 44.73 21.27
CA THR D 144 -36.67 46.09 21.44
C THR D 144 -35.61 46.91 22.17
N TYR D 145 -34.97 46.29 23.19
CA TYR D 145 -33.95 46.97 23.99
C TYR D 145 -32.73 47.27 23.11
N LEU D 146 -32.31 46.27 22.31
CA LEU D 146 -31.18 46.44 21.42
C LEU D 146 -31.50 47.60 20.47
N GLN D 147 -32.68 47.56 19.86
CA GLN D 147 -33.07 48.55 18.89
C GLN D 147 -33.13 49.94 19.53
N LYS D 148 -33.62 50.03 20.76
CA LYS D 148 -33.67 51.31 21.42
C LYS D 148 -32.24 51.84 21.67
N SER D 149 -31.31 50.94 22.02
CA SER D 149 -29.95 51.37 22.31
C SER D 149 -29.30 51.91 21.03
N VAL D 150 -29.61 51.30 19.88
CA VAL D 150 -29.13 51.80 18.61
C VAL D 150 -29.79 53.13 18.24
N GLU D 151 -31.09 53.25 18.54
CA GLU D 151 -31.84 54.46 18.26
C GLU D 151 -31.23 55.65 18.99
N VAL D 152 -30.82 55.48 20.26
CA VAL D 152 -30.17 56.58 20.96
C VAL D 152 -28.93 57.06 20.20
N LEU D 153 -28.17 56.09 19.62
CA LEU D 153 -26.94 56.42 18.93
C LEU D 153 -27.28 57.12 17.61
N CYS D 154 -28.45 56.79 17.03
CA CYS D 154 -28.86 57.39 15.78
C CYS D 154 -29.46 58.79 15.95
N ARG D 155 -29.82 59.19 17.17
CA ARG D 155 -30.65 60.37 17.28
C ARG D 155 -30.01 61.44 18.16
N ASN D 156 -28.91 61.13 18.86
CA ASN D 156 -28.42 62.11 19.83
C ASN D 156 -27.06 62.68 19.47
N TYR D 157 -26.49 62.38 18.29
CA TYR D 157 -25.07 62.74 18.10
C TYR D 157 -24.83 63.44 16.75
N GLY D 158 -25.90 63.66 15.97
CA GLY D 158 -25.75 64.15 14.61
C GLY D 158 -25.39 63.01 13.65
N PRO D 159 -24.98 63.31 12.40
CA PRO D 159 -24.63 62.28 11.42
C PRO D 159 -23.42 61.46 11.86
N VAL D 160 -23.52 60.13 11.73
CA VAL D 160 -22.42 59.28 12.17
C VAL D 160 -21.89 58.49 10.98
N GLY D 161 -20.63 58.05 11.03
CA GLY D 161 -20.05 57.38 9.87
C GLY D 161 -20.67 56.01 9.68
N GLY D 162 -20.91 55.28 10.78
CA GLY D 162 -21.52 53.98 10.60
C GLY D 162 -21.66 53.19 11.89
N PHE D 163 -22.15 51.96 11.73
CA PHE D 163 -22.45 51.05 12.83
C PHE D 163 -21.78 49.73 12.49
N TRP D 164 -21.20 49.13 13.52
CA TRP D 164 -20.45 47.89 13.36
C TRP D 164 -21.13 46.87 14.28
N PHE D 165 -21.92 46.00 13.68
CA PHE D 165 -22.75 45.09 14.46
C PHE D 165 -22.03 43.76 14.67
N ASP D 166 -21.85 43.38 15.93
CA ASP D 166 -21.25 42.11 16.22
C ASP D 166 -22.32 41.08 16.57
N GLY D 167 -22.66 40.21 15.60
CA GLY D 167 -23.77 39.26 15.72
C GLY D 167 -23.32 37.82 16.00
N ASN D 168 -22.04 37.66 16.41
CA ASN D 168 -21.46 36.36 16.70
C ASN D 168 -21.96 35.82 18.04
N TRP D 169 -21.91 34.50 18.23
CA TRP D 169 -22.12 33.89 19.53
C TRP D 169 -23.59 33.79 19.93
N ASN D 170 -24.47 34.17 19.02
CA ASN D 170 -25.89 34.10 19.25
C ASN D 170 -26.45 32.79 18.78
N LYS D 171 -27.77 32.73 18.68
CA LYS D 171 -28.40 31.64 18.00
C LYS D 171 -28.68 32.11 16.58
N LYS D 172 -28.06 31.45 15.62
CA LYS D 172 -28.17 31.79 14.20
C LYS D 172 -29.56 31.50 13.64
N ASP D 173 -30.25 30.58 14.30
CA ASP D 173 -31.63 30.23 14.00
C ASP D 173 -32.63 31.38 14.21
N ALA D 174 -32.41 32.20 15.24
CA ALA D 174 -33.35 33.21 15.69
C ALA D 174 -33.64 34.35 14.71
N ASP D 175 -34.85 34.91 14.81
CA ASP D 175 -35.25 36.05 13.98
C ASP D 175 -34.81 37.33 14.68
N TRP D 176 -33.85 38.04 14.09
CA TRP D 176 -33.25 39.23 14.68
C TRP D 176 -33.99 40.51 14.26
N HIS D 177 -34.99 40.39 13.39
CA HIS D 177 -35.78 41.55 12.98
C HIS D 177 -34.87 42.62 12.40
N LEU D 178 -34.02 42.21 11.44
CA LEU D 178 -33.05 43.12 10.89
C LEU D 178 -33.73 44.20 10.06
N PRO D 179 -34.80 43.89 9.28
CA PRO D 179 -35.49 44.93 8.51
C PRO D 179 -35.88 46.13 9.38
N GLU D 180 -36.35 45.84 10.60
CA GLU D 180 -36.81 46.90 11.47
C GLU D 180 -35.63 47.68 12.06
N LEU D 181 -34.58 46.95 12.47
CA LEU D 181 -33.40 47.57 13.07
C LEU D 181 -32.72 48.48 12.05
N TYR D 182 -32.41 47.92 10.88
CA TYR D 182 -31.67 48.66 9.87
C TYR D 182 -32.57 49.72 9.20
N GLY D 183 -33.88 49.44 9.13
CA GLY D 183 -34.85 50.40 8.61
C GLY D 183 -34.87 51.66 9.50
N MET D 184 -34.79 51.43 10.82
CA MET D 184 -34.74 52.53 11.77
C MET D 184 -33.47 53.37 11.56
N ILE D 185 -32.34 52.70 11.35
CA ILE D 185 -31.09 53.40 11.14
C ILE D 185 -31.15 54.25 9.88
N ARG D 186 -31.72 53.69 8.83
CA ARG D 186 -31.83 54.38 7.56
C ARG D 186 -32.65 55.62 7.76
N HIS D 187 -33.68 55.50 8.58
CA HIS D 187 -34.57 56.61 8.83
C HIS D 187 -33.87 57.80 9.48
N TYR D 188 -33.02 57.56 10.46
CA TYR D 188 -32.38 58.68 11.13
C TYR D 188 -30.99 58.98 10.55
N GLN D 189 -30.35 57.98 9.94
CA GLN D 189 -28.95 58.10 9.50
C GLN D 189 -28.85 57.53 8.09
N PRO D 190 -29.49 58.18 7.09
CA PRO D 190 -29.55 57.58 5.75
C PRO D 190 -28.15 57.28 5.17
N ASN D 191 -27.16 58.07 5.55
CA ASN D 191 -25.83 57.98 4.96
C ASN D 191 -24.87 57.10 5.79
N ALA D 192 -25.33 56.46 6.88
CA ALA D 192 -24.45 55.68 7.73
C ALA D 192 -24.06 54.37 7.02
N ILE D 193 -22.80 53.94 7.23
CA ILE D 193 -22.41 52.63 6.75
C ILE D 193 -22.84 51.58 7.78
N ILE D 194 -23.55 50.55 7.32
CA ILE D 194 -23.86 49.45 8.26
C ILE D 194 -22.93 48.27 7.97
N VAL D 195 -22.10 47.94 8.97
CA VAL D 195 -21.19 46.80 8.86
C VAL D 195 -21.74 45.69 9.75
N SER D 196 -21.73 44.45 9.22
CA SER D 196 -22.13 43.32 10.04
C SER D 196 -21.04 42.23 10.02
N ASN D 197 -20.66 41.70 11.19
CA ASN D 197 -19.73 40.56 11.18
C ASN D 197 -20.44 39.22 10.97
N THR D 198 -21.73 39.25 10.76
CA THR D 198 -22.49 38.10 10.33
C THR D 198 -23.30 38.53 9.14
N GLY D 199 -22.68 39.33 8.29
CA GLY D 199 -23.32 39.91 7.13
C GLY D 199 -23.83 38.93 6.10
N LEU D 200 -23.11 37.85 5.89
CA LEU D 200 -23.60 36.81 4.99
C LEU D 200 -24.56 35.88 5.73
N LYS D 201 -25.78 35.78 5.22
CA LYS D 201 -26.76 34.85 5.78
C LYS D 201 -26.22 33.45 5.55
N ASN D 202 -25.71 33.28 4.36
CA ASN D 202 -25.20 32.02 3.85
C ASN D 202 -24.23 32.48 2.82
N ARG D 203 -23.48 31.57 2.21
CA ARG D 203 -22.63 32.00 1.12
C ARG D 203 -23.57 32.47 0.02
N GLY D 204 -23.26 33.62 -0.55
CA GLY D 204 -24.06 34.17 -1.64
C GLY D 204 -25.33 34.90 -1.22
N GLN D 205 -25.59 35.00 0.08
CA GLN D 205 -26.72 35.81 0.56
C GLN D 205 -26.35 36.76 1.69
N VAL D 206 -26.64 38.04 1.51
CA VAL D 206 -26.51 39.00 2.61
C VAL D 206 -27.64 38.78 3.60
N SER D 207 -27.43 39.14 4.85
CA SER D 207 -28.43 38.85 5.86
C SER D 207 -29.57 39.88 5.81
N ASP D 208 -29.34 40.99 5.09
CA ASP D 208 -30.36 42.00 4.95
C ASP D 208 -29.92 42.98 3.87
N PRO D 209 -30.85 43.45 3.00
CA PRO D 209 -30.50 44.42 1.96
C PRO D 209 -29.80 45.67 2.47
N GLU D 210 -29.99 46.03 3.74
CA GLU D 210 -29.47 47.31 4.23
C GLU D 210 -27.98 47.23 4.64
N ILE D 211 -27.44 46.02 4.73
CA ILE D 211 -26.02 45.83 5.03
C ILE D 211 -25.18 46.41 3.89
N ASP D 212 -24.16 47.19 4.27
CA ASP D 212 -23.27 47.86 3.33
C ASP D 212 -21.92 47.15 3.23
N VAL D 213 -21.49 46.51 4.33
CA VAL D 213 -20.17 45.93 4.47
C VAL D 213 -20.28 44.64 5.29
N VAL D 214 -19.61 43.61 4.83
CA VAL D 214 -19.45 42.38 5.57
C VAL D 214 -18.00 42.21 6.00
N THR D 215 -17.78 41.61 7.16
CA THR D 215 -16.45 41.21 7.56
C THR D 215 -15.91 39.88 7.02
N TYR D 216 -14.62 39.72 7.06
CA TYR D 216 -13.97 38.51 6.62
C TYR D 216 -12.76 38.20 7.47
N GLU D 217 -12.34 36.94 7.39
CA GLU D 217 -11.15 36.43 8.03
C GLU D 217 -9.99 37.15 7.42
N ARG D 218 -9.03 37.51 8.25
CA ARG D 218 -7.90 38.26 7.75
C ARG D 218 -7.07 37.45 6.79
N ARG D 219 -7.20 36.14 6.84
CA ARG D 219 -6.41 35.29 5.97
C ARG D 219 -7.08 34.88 4.66
N THR D 220 -8.21 35.45 4.33
CA THR D 220 -8.89 35.07 3.12
C THR D 220 -7.92 35.23 1.96
N PRO D 221 -7.79 34.23 1.10
CA PRO D 221 -6.74 34.28 0.07
C PRO D 221 -7.06 35.18 -1.13
N ASP D 222 -8.34 35.18 -1.57
CA ASP D 222 -8.68 35.82 -2.83
C ASP D 222 -9.66 36.96 -2.57
N GLU D 223 -9.84 37.80 -3.60
CA GLU D 223 -10.79 38.90 -3.62
C GLU D 223 -12.15 38.46 -3.07
N ILE D 224 -12.76 39.34 -2.26
CA ILE D 224 -13.91 39.02 -1.41
C ILE D 224 -15.21 39.08 -2.23
N TYR D 225 -16.33 38.68 -1.58
CA TYR D 225 -17.66 38.65 -2.19
C TYR D 225 -18.34 40.02 -2.14
N HIS D 226 -18.81 40.48 -3.30
CA HIS D 226 -19.39 41.81 -3.41
C HIS D 226 -20.91 41.82 -3.58
N GLY D 227 -21.59 40.70 -3.34
CA GLY D 227 -23.04 40.61 -3.47
C GLY D 227 -23.50 39.92 -4.76
N ALA D 228 -24.77 39.45 -4.77
CA ALA D 228 -25.36 38.70 -5.87
C ALA D 228 -25.49 39.58 -7.12
N PRO D 229 -25.39 39.04 -8.36
CA PRO D 229 -25.46 39.91 -9.54
C PRO D 229 -26.84 40.57 -9.70
N ASN D 230 -26.82 41.83 -10.15
CA ASN D 230 -28.00 42.68 -10.21
C ASN D 230 -28.49 43.12 -8.83
N GLU D 231 -27.81 42.69 -7.75
CA GLU D 231 -28.16 43.13 -6.41
C GLU D 231 -27.18 44.22 -5.95
N LYS D 232 -27.47 44.82 -4.78
CA LYS D 232 -26.63 45.88 -4.20
C LYS D 232 -25.19 45.38 -4.02
N TYR D 233 -24.22 46.19 -4.41
CA TYR D 233 -22.82 45.90 -4.12
C TYR D 233 -22.53 46.11 -2.64
N VAL D 234 -21.86 45.13 -2.01
CA VAL D 234 -21.50 45.20 -0.61
C VAL D 234 -19.97 45.15 -0.50
N ALA D 235 -19.40 45.98 0.36
CA ALA D 235 -17.95 46.06 0.54
C ALA D 235 -17.52 45.02 1.57
N GLY D 236 -16.20 44.92 1.82
CA GLY D 236 -15.66 43.94 2.78
C GLY D 236 -14.63 44.57 3.70
N GLU D 237 -14.35 43.91 4.83
CA GLU D 237 -13.46 44.49 5.83
C GLU D 237 -12.84 43.32 6.60
N ILE D 238 -11.54 43.42 6.92
CA ILE D 238 -10.92 42.47 7.83
C ILE D 238 -10.39 43.26 9.04
N SER D 239 -10.04 42.56 10.11
CA SER D 239 -9.67 43.09 11.40
C SER D 239 -8.45 42.36 11.91
N ILE D 240 -7.62 43.07 12.70
CA ILE D 240 -6.48 42.41 13.29
C ILE D 240 -6.28 43.05 14.65
N THR D 241 -5.96 42.23 15.65
CA THR D 241 -5.57 42.76 16.94
C THR D 241 -4.07 42.50 17.12
N LEU D 242 -3.41 43.28 17.99
CA LEU D 242 -1.95 43.24 18.02
C LEU D 242 -1.43 41.98 18.72
N ASN D 243 -2.13 41.52 19.77
CA ASN D 243 -1.79 40.25 20.43
C ASN D 243 -2.97 39.30 20.21
N GLN D 244 -3.29 38.47 21.20
CA GLN D 244 -4.34 37.47 21.04
C GLN D 244 -5.70 38.02 21.53
N HIS D 245 -5.75 39.19 22.18
CA HIS D 245 -6.96 39.69 22.80
C HIS D 245 -7.35 41.03 22.17
N TRP D 246 -8.63 41.40 22.27
CA TRP D 246 -9.12 42.67 21.74
C TRP D 246 -9.09 43.75 22.82
N GLY D 247 -9.66 43.48 24.00
CA GLY D 247 -9.41 44.34 25.15
C GLY D 247 -7.98 44.14 25.64
N ILE D 248 -7.50 45.07 26.46
CA ILE D 248 -6.15 45.03 26.99
C ILE D 248 -5.96 43.75 27.81
N ALA D 249 -4.76 43.18 27.70
CA ALA D 249 -4.43 41.91 28.36
C ALA D 249 -2.94 41.97 28.72
N ALA D 250 -2.69 42.34 29.98
CA ALA D 250 -1.38 42.73 30.46
C ALA D 250 -0.36 41.61 30.28
N ASN D 251 -0.75 40.35 30.50
CA ASN D 251 0.21 39.25 30.38
C ASN D 251 0.01 38.46 29.09
N ASP D 252 -0.53 39.12 28.07
CA ASP D 252 -0.50 38.52 26.75
C ASP D 252 0.73 39.11 26.02
N LEU D 253 1.81 38.32 25.91
CA LEU D 253 3.08 38.79 25.36
C LEU D 253 3.15 38.41 23.87
N ASN D 254 2.12 37.72 23.38
CA ASN D 254 2.20 37.11 22.07
C ASN D 254 1.76 38.12 21.01
N TYR D 255 2.52 39.22 20.90
CA TYR D 255 2.29 40.23 19.87
C TYR D 255 2.78 39.76 18.52
N LYS D 256 2.05 40.15 17.47
CA LYS D 256 2.45 39.95 16.08
C LYS D 256 3.61 40.88 15.76
N SER D 257 4.39 40.53 14.73
CA SER D 257 5.45 41.47 14.33
C SER D 257 4.83 42.67 13.65
N PRO D 258 5.46 43.85 13.79
CA PRO D 258 5.13 44.99 12.94
C PRO D 258 5.11 44.62 11.45
N ALA D 259 6.02 43.73 11.02
CA ALA D 259 6.05 43.30 9.62
C ALA D 259 4.74 42.61 9.23
N GLU D 260 4.25 41.71 10.08
CA GLU D 260 3.00 41.02 9.78
C GLU D 260 1.84 42.02 9.70
N MET D 261 1.85 43.03 10.60
CA MET D 261 0.83 44.08 10.56
CA MET D 261 0.85 44.09 10.57
C MET D 261 0.81 44.79 9.21
N ILE D 262 2.01 45.19 8.72
CA ILE D 262 2.11 45.88 7.44
C ILE D 262 1.63 44.95 6.33
N GLU D 263 2.08 43.68 6.34
CA GLU D 263 1.64 42.73 5.33
C GLU D 263 0.11 42.56 5.34
N THR D 264 -0.51 42.59 6.54
CA THR D 264 -1.95 42.37 6.63
C THR D 264 -2.69 43.56 6.01
N VAL D 265 -2.22 44.77 6.28
CA VAL D 265 -2.84 45.94 5.69
C VAL D 265 -2.73 45.89 4.18
N ALA D 266 -1.57 45.51 3.66
CA ALA D 266 -1.38 45.41 2.24
C ALA D 266 -2.29 44.36 1.64
N HIS D 267 -2.42 43.26 2.36
CA HIS D 267 -3.24 42.15 1.97
C HIS D 267 -4.72 42.49 1.86
N ALA D 268 -5.23 43.30 2.78
CA ALA D 268 -6.62 43.69 2.75
C ALA D 268 -6.92 44.44 1.47
N ARG D 269 -6.04 45.35 1.10
CA ARG D 269 -6.22 46.11 -0.10
C ARG D 269 -6.17 45.24 -1.34
N HIS D 270 -5.28 44.29 -1.32
CA HIS D 270 -5.14 43.35 -2.41
C HIS D 270 -6.42 42.55 -2.62
N ILE D 271 -7.13 42.19 -1.55
CA ILE D 271 -8.35 41.43 -1.75
C ILE D 271 -9.56 42.34 -1.88
N GLY D 272 -9.36 43.67 -1.87
CA GLY D 272 -10.46 44.60 -2.04
C GLY D 272 -11.26 44.80 -0.76
N ALA D 273 -10.59 44.92 0.39
CA ALA D 273 -11.25 45.11 1.66
C ALA D 273 -10.61 46.27 2.40
N ASN D 274 -11.35 46.87 3.34
CA ASN D 274 -10.76 47.71 4.34
C ASN D 274 -10.11 46.83 5.42
N ILE D 275 -9.32 47.46 6.31
CA ILE D 275 -8.71 46.76 7.40
C ILE D 275 -8.87 47.65 8.65
N LEU D 276 -9.27 47.02 9.78
CA LEU D 276 -9.26 47.64 11.07
C LEU D 276 -8.10 47.11 11.88
N VAL D 277 -7.30 48.01 12.48
CA VAL D 277 -6.27 47.58 13.39
C VAL D 277 -6.73 47.94 14.79
N ASN D 278 -6.73 46.95 15.69
CA ASN D 278 -7.35 47.13 16.98
C ASN D 278 -6.36 47.58 18.05
N ILE D 279 -6.80 48.46 18.94
CA ILE D 279 -6.10 48.73 20.19
C ILE D 279 -7.07 48.57 21.38
N GLY D 280 -6.60 47.98 22.48
CA GLY D 280 -7.38 47.95 23.70
C GLY D 280 -6.91 49.03 24.67
N LEU D 281 -7.79 49.94 25.11
CA LEU D 281 -7.39 50.99 26.04
C LEU D 281 -7.17 50.42 27.45
N THR D 282 -6.43 51.17 28.29
CA THR D 282 -6.32 50.84 29.71
C THR D 282 -7.67 51.04 30.40
N GLY D 283 -7.79 50.56 31.65
CA GLY D 283 -8.98 50.72 32.45
C GLY D 283 -9.53 52.15 32.39
N THR D 284 -8.63 53.14 32.51
CA THR D 284 -9.03 54.54 32.61
C THR D 284 -9.05 55.20 31.23
N GLY D 285 -8.82 54.45 30.13
CA GLY D 285 -9.05 55.00 28.80
C GLY D 285 -7.80 55.52 28.08
N ALA D 286 -6.58 55.17 28.53
CA ALA D 286 -5.37 55.59 27.81
C ALA D 286 -5.00 54.60 26.70
N ILE D 287 -4.36 55.08 25.64
CA ILE D 287 -3.71 54.22 24.68
C ILE D 287 -2.47 53.66 25.35
N PRO D 288 -2.29 52.33 25.46
CA PRO D 288 -1.04 51.81 26.03
C PRO D 288 0.17 52.05 25.12
N ALA D 289 1.35 52.17 25.78
CA ALA D 289 2.62 52.47 25.10
C ALA D 289 2.89 51.40 24.01
N ALA D 290 2.59 50.12 24.28
CA ALA D 290 2.83 49.09 23.27
C ALA D 290 2.09 49.39 21.96
N ALA D 291 0.85 49.83 22.07
CA ALA D 291 0.03 50.18 20.93
C ALA D 291 0.59 51.34 20.14
N GLN D 292 1.14 52.32 20.85
CA GLN D 292 1.74 53.47 20.23
C GLN D 292 2.90 53.10 19.35
N THR D 293 3.71 52.14 19.77
CA THR D 293 4.84 51.68 19.01
C THR D 293 4.40 51.09 17.66
N TYR D 294 3.36 50.31 17.66
CA TYR D 294 2.81 49.76 16.44
C TYR D 294 2.23 50.81 15.52
N MET D 295 1.57 51.79 16.11
CA MET D 295 1.00 52.88 15.38
C MET D 295 2.05 53.69 14.67
N HIS D 296 3.13 53.97 15.36
CA HIS D 296 4.21 54.68 14.77
C HIS D 296 4.89 53.94 13.64
N LEU D 297 5.09 52.65 13.80
CA LEU D 297 5.70 51.88 12.71
C LEU D 297 4.74 51.81 11.52
N LEU D 298 3.46 51.50 11.79
CA LEU D 298 2.53 51.37 10.69
C LEU D 298 2.33 52.73 10.00
N GLY D 299 2.35 53.77 10.80
CA GLY D 299 2.19 55.11 10.32
C GLY D 299 3.27 55.50 9.36
N ARG D 300 4.48 55.06 9.59
CA ARG D 300 5.53 55.28 8.63
C ARG D 300 5.25 54.59 7.30
N TRP D 301 4.76 53.35 7.33
CA TRP D 301 4.41 52.68 6.11
C TRP D 301 3.24 53.32 5.37
N THR D 302 2.19 53.69 6.09
CA THR D 302 1.02 54.26 5.47
C THR D 302 1.30 55.61 4.86
N ALA D 303 2.14 56.40 5.52
CA ALA D 303 2.52 57.69 4.92
C ALA D 303 3.21 57.46 3.58
N MET D 304 4.07 56.44 3.50
CA MET D 304 4.77 56.18 2.26
C MET D 304 3.77 55.67 1.21
N ALA D 305 2.80 54.85 1.65
CA ALA D 305 1.89 54.16 0.71
C ALA D 305 0.67 55.01 0.34
N ALA D 306 0.54 56.22 0.90
CA ALA D 306 -0.58 57.13 0.69
C ALA D 306 -1.05 57.22 -0.77
N PRO D 307 -0.18 57.33 -1.80
CA PRO D 307 -0.67 57.43 -3.18
C PRO D 307 -1.57 56.26 -3.58
N VAL D 308 -1.48 55.10 -2.91
CA VAL D 308 -2.21 53.94 -3.40
C VAL D 308 -3.11 53.36 -2.33
N LEU D 309 -2.84 53.64 -1.05
CA LEU D 309 -3.51 52.92 0.02
C LEU D 309 -5.02 53.18 0.00
N TYR D 310 -5.45 54.42 -0.31
CA TYR D 310 -6.84 54.85 -0.27
C TYR D 310 -7.58 54.48 -1.56
N LYS D 311 -7.03 54.86 -2.70
CA LYS D 311 -7.76 54.75 -3.96
C LYS D 311 -7.40 53.46 -4.70
N GLY D 312 -6.38 52.73 -4.24
CA GLY D 312 -5.93 51.57 -5.01
C GLY D 312 -6.97 50.44 -4.94
N ARG D 313 -7.16 49.74 -6.05
CA ARG D 313 -8.15 48.67 -6.11
C ARG D 313 -7.52 47.45 -6.77
N PRO D 314 -7.99 46.24 -6.44
CA PRO D 314 -7.51 45.03 -7.11
C PRO D 314 -7.78 45.08 -8.61
N VAL D 315 -6.96 44.38 -9.39
CA VAL D 315 -7.10 44.42 -10.82
C VAL D 315 -6.66 43.04 -11.33
N PRO D 316 -7.12 42.53 -12.49
CA PRO D 316 -6.73 41.18 -12.92
C PRO D 316 -5.32 41.12 -13.51
N VAL D 317 -4.33 41.29 -12.63
CA VAL D 317 -2.93 41.22 -12.96
C VAL D 317 -2.34 40.31 -11.91
N THR D 318 -1.73 39.19 -12.33
CA THR D 318 -1.16 38.31 -11.34
C THR D 318 0.38 38.42 -11.37
N SER D 319 1.03 37.87 -10.34
CA SER D 319 2.46 37.89 -10.25
C SER D 319 3.01 36.53 -10.70
N ALA D 320 4.30 36.47 -11.00
CA ALA D 320 4.94 35.24 -11.42
C ALA D 320 4.90 34.18 -10.31
N HIS D 321 5.10 32.93 -10.73
CA HIS D 321 5.24 31.77 -9.87
C HIS D 321 6.20 32.01 -8.72
N GLY D 322 5.72 31.74 -7.50
CA GLY D 322 6.57 31.73 -6.33
C GLY D 322 6.82 33.09 -5.69
N THR D 323 6.14 34.15 -6.15
CA THR D 323 6.24 35.41 -5.45
C THR D 323 4.89 35.75 -4.82
N ARG D 324 4.88 36.69 -3.87
CA ARG D 324 3.64 37.09 -3.24
C ARG D 324 3.29 38.50 -3.69
N ASP D 325 3.94 39.01 -4.75
CA ASP D 325 3.72 40.38 -5.20
C ASP D 325 2.30 40.54 -5.75
N PHE D 326 1.80 41.77 -5.81
CA PHE D 326 0.49 42.02 -6.38
C PHE D 326 0.42 43.45 -6.92
N VAL D 327 -0.68 43.76 -7.61
CA VAL D 327 -0.84 45.06 -8.25
C VAL D 327 -2.11 45.74 -7.72
N LEU D 328 -2.02 47.06 -7.52
CA LEU D 328 -3.20 47.86 -7.21
C LEU D 328 -3.34 48.93 -8.30
N HIS D 329 -4.59 49.25 -8.65
CA HIS D 329 -4.92 50.17 -9.73
C HIS D 329 -5.59 51.42 -9.16
N THR D 330 -5.10 52.60 -9.55
CA THR D 330 -5.86 53.83 -9.42
C THR D 330 -6.21 54.32 -10.82
N SER D 331 -6.93 55.45 -10.90
CA SER D 331 -7.37 55.88 -12.23
C SER D 331 -6.19 56.41 -13.05
N LYS D 332 -5.14 56.94 -12.41
CA LYS D 332 -3.97 57.39 -13.15
C LYS D 332 -2.81 56.38 -13.23
N HIS D 333 -2.71 55.43 -12.29
CA HIS D 333 -1.50 54.61 -12.18
C HIS D 333 -1.80 53.15 -11.80
N ASP D 334 -0.87 52.25 -12.13
CA ASP D 334 -0.78 50.97 -11.46
C ASP D 334 0.38 51.02 -10.47
N PHE D 335 0.27 50.22 -9.42
CA PHE D 335 1.30 50.16 -8.40
C PHE D 335 1.64 48.70 -8.17
N LEU D 336 2.95 48.39 -8.21
CA LEU D 336 3.43 47.06 -7.89
C LEU D 336 3.77 47.04 -6.40
N CYS D 337 3.12 46.13 -5.67
CA CYS D 337 3.42 45.89 -4.26
C CYS D 337 4.31 44.67 -4.17
N ILE D 338 5.52 44.87 -3.68
CA ILE D 338 6.55 43.85 -3.80
C ILE D 338 7.01 43.43 -2.40
N LEU D 339 6.97 42.12 -2.16
CA LEU D 339 7.29 41.51 -0.86
C LEU D 339 8.61 40.74 -0.95
N ASP D 340 9.18 40.37 0.22
CA ASP D 340 10.34 39.48 0.30
C ASP D 340 11.55 40.13 -0.35
N LEU D 341 11.74 41.45 -0.15
CA LEU D 341 12.95 42.11 -0.59
C LEU D 341 13.96 42.10 0.54
N GLN D 342 15.24 42.22 0.21
CA GLN D 342 16.27 42.32 1.24
C GLN D 342 17.01 43.64 1.15
N VAL D 343 17.82 43.92 2.18
CA VAL D 343 18.64 45.11 2.24
C VAL D 343 19.87 44.95 1.34
N VAL D 344 20.30 46.05 0.73
CA VAL D 344 21.48 46.06 -0.16
C VAL D 344 22.70 46.49 0.65
N GLY D 345 23.70 45.60 0.79
CA GLY D 345 25.00 45.94 1.37
C GLY D 345 25.93 46.58 0.34
N LYS D 346 27.24 46.32 0.45
CA LYS D 346 28.21 46.90 -0.47
C LYS D 346 29.47 46.04 -0.46
N ASP D 347 30.03 45.83 -1.66
CA ASP D 347 31.26 45.09 -1.88
C ASP D 347 31.17 43.73 -1.16
N ASN D 348 32.00 43.53 -0.11
CA ASN D 348 32.10 42.23 0.54
C ASN D 348 31.02 42.07 1.62
N VAL D 349 30.29 43.16 1.91
CA VAL D 349 29.19 43.11 2.86
C VAL D 349 27.89 42.80 2.10
N VAL D 350 27.47 41.52 2.20
CA VAL D 350 26.37 40.99 1.41
C VAL D 350 25.19 40.81 2.36
N LEU D 351 24.09 41.54 2.09
CA LEU D 351 22.93 41.52 2.97
C LEU D 351 21.75 40.77 2.34
N GLY D 352 21.83 40.44 1.03
CA GLY D 352 20.83 39.63 0.36
C GLY D 352 20.20 40.31 -0.88
N GLY D 353 20.08 41.62 -0.87
CA GLY D 353 19.36 42.31 -1.93
C GLY D 353 20.13 42.76 -3.16
N GLU D 354 21.42 42.48 -3.19
CA GLU D 354 22.35 43.04 -4.17
C GLU D 354 22.13 42.67 -5.62
N GLY D 355 21.80 41.42 -5.89
CA GLY D 355 21.64 40.96 -7.25
C GLY D 355 20.41 41.46 -7.96
N VAL D 356 20.45 41.41 -9.28
CA VAL D 356 19.30 41.72 -10.08
C VAL D 356 18.18 40.75 -9.69
N ASN D 357 16.99 41.29 -9.51
CA ASN D 357 15.89 40.58 -8.89
C ASN D 357 14.66 40.73 -9.78
N PRO D 358 14.55 39.96 -10.90
CA PRO D 358 13.43 40.09 -11.81
C PRO D 358 12.12 39.62 -11.21
N ARG D 359 11.15 40.54 -11.07
CA ARG D 359 9.82 40.24 -10.59
C ARG D 359 8.87 40.51 -11.76
N SER D 360 8.08 39.49 -12.13
CA SER D 360 7.18 39.54 -13.25
C SER D 360 5.70 39.57 -12.82
N PHE D 361 4.88 40.14 -13.71
CA PHE D 361 3.44 40.30 -13.57
C PHE D 361 2.82 40.03 -14.94
N VAL D 362 1.63 39.45 -14.94
CA VAL D 362 0.94 39.10 -16.15
C VAL D 362 -0.41 39.83 -16.13
N GLY D 363 -0.69 40.60 -17.18
CA GLY D 363 -1.96 41.30 -17.29
C GLY D 363 -1.78 42.79 -17.56
N ILE D 364 -0.54 43.25 -17.71
CA ILE D 364 -0.32 44.64 -18.08
C ILE D 364 -0.06 44.72 -19.60
N GLY D 365 -0.99 45.38 -20.31
CA GLY D 365 -1.04 45.38 -21.76
C GLY D 365 -0.64 46.70 -22.41
N GLN D 366 -0.46 47.78 -21.62
CA GLN D 366 -0.15 49.11 -22.10
C GLN D 366 1.35 49.38 -22.00
N PRO D 367 1.98 50.08 -22.96
CA PRO D 367 3.40 50.43 -22.83
C PRO D 367 3.66 51.38 -21.66
N ILE D 368 4.73 51.12 -20.93
CA ILE D 368 5.04 51.85 -19.72
C ILE D 368 6.16 52.83 -20.00
N GLN D 369 5.96 54.07 -19.61
CA GLN D 369 7.00 55.06 -19.60
C GLN D 369 8.08 54.93 -18.53
N ARG D 370 7.67 54.76 -17.29
CA ARG D 370 8.59 54.84 -16.17
C ARG D 370 8.05 54.12 -14.94
N ILE D 371 8.93 53.53 -14.15
CA ILE D 371 8.58 52.91 -12.89
C ILE D 371 9.54 53.36 -11.80
N HIS D 372 9.03 53.72 -10.64
CA HIS D 372 9.88 54.13 -9.56
C HIS D 372 9.34 53.73 -8.19
N TRP D 373 10.24 53.53 -7.24
CA TRP D 373 9.85 53.20 -5.87
C TRP D 373 9.27 54.45 -5.20
N LEU D 374 8.20 54.29 -4.40
CA LEU D 374 7.59 55.39 -3.69
C LEU D 374 8.51 55.87 -2.57
N ASP D 375 9.30 54.99 -1.94
CA ASP D 375 10.04 55.41 -0.76
C ASP D 375 11.22 56.34 -1.10
N ASN D 376 11.86 56.21 -2.28
CA ASN D 376 13.05 56.99 -2.51
C ASN D 376 13.14 57.50 -3.96
N ASP D 377 12.10 57.26 -4.76
CA ASP D 377 12.07 57.74 -6.14
C ASP D 377 13.07 57.05 -7.07
N GLU D 378 13.73 55.95 -6.66
CA GLU D 378 14.64 55.29 -7.59
C GLU D 378 13.85 54.75 -8.79
N VAL D 379 14.37 54.95 -9.99
CA VAL D 379 13.77 54.48 -11.24
C VAL D 379 14.21 53.03 -11.45
N LEU D 380 13.27 52.16 -11.82
CA LEU D 380 13.55 50.75 -12.00
C LEU D 380 13.66 50.43 -13.49
N SER D 381 14.51 49.47 -13.83
CA SER D 381 14.51 49.02 -15.22
C SER D 381 13.46 47.92 -15.37
N PHE D 382 12.92 47.77 -16.59
CA PHE D 382 11.86 46.80 -16.84
C PHE D 382 11.88 46.39 -18.32
N THR D 383 11.22 45.27 -18.64
CA THR D 383 10.93 44.91 -20.02
C THR D 383 9.47 44.51 -20.08
N GLN D 384 8.85 44.65 -21.25
CA GLN D 384 7.50 44.19 -21.45
C GLN D 384 7.42 43.27 -22.66
N ASP D 385 6.52 42.31 -22.59
CA ASP D 385 5.99 41.66 -23.77
C ASP D 385 4.51 42.03 -23.85
N LEU D 386 4.18 42.97 -24.75
CA LEU D 386 2.84 43.51 -24.82
C LEU D 386 1.82 42.46 -25.28
N ASP D 387 2.22 41.54 -26.15
CA ASP D 387 1.26 40.53 -26.63
C ASP D 387 0.80 39.60 -25.53
N LYS D 388 1.73 39.16 -24.66
CA LYS D 388 1.40 38.23 -23.60
C LYS D 388 1.09 38.98 -22.29
N LYS D 389 1.25 40.31 -22.31
CA LYS D 389 0.96 41.18 -21.19
C LYS D 389 1.89 40.88 -20.02
N VAL D 390 3.18 40.72 -20.31
CA VAL D 390 4.17 40.41 -19.29
C VAL D 390 4.93 41.69 -18.99
N LEU D 391 5.07 41.99 -17.70
CA LEU D 391 5.99 43.03 -17.23
C LEU D 391 7.02 42.36 -16.33
N THR D 392 8.32 42.62 -16.57
CA THR D 392 9.35 42.18 -15.66
C THR D 392 10.15 43.38 -15.19
N VAL D 393 10.27 43.58 -13.87
CA VAL D 393 11.01 44.71 -13.33
C VAL D 393 12.22 44.17 -12.56
N ASP D 394 13.33 44.94 -12.52
CA ASP D 394 14.39 44.61 -11.59
C ASP D 394 14.07 45.27 -10.25
N ALA D 395 13.56 44.49 -9.30
CA ALA D 395 13.12 45.03 -8.02
C ALA D 395 14.33 45.17 -7.09
N THR D 396 14.97 46.35 -7.10
CA THR D 396 16.17 46.54 -6.30
C THR D 396 15.82 46.40 -4.82
N GLY D 397 16.80 45.98 -4.01
CA GLY D 397 16.59 45.79 -2.58
C GLY D 397 16.62 47.13 -1.86
N TYR D 398 16.37 47.12 -0.54
CA TYR D 398 16.24 48.35 0.21
C TYR D 398 17.60 49.01 0.38
N PRO D 399 17.67 50.36 0.32
CA PRO D 399 18.87 51.05 0.76
C PRO D 399 19.19 50.66 2.20
N TYR D 400 20.47 50.42 2.48
CA TYR D 400 20.92 50.11 3.81
C TYR D 400 20.30 51.14 4.77
N GLY D 401 19.81 50.66 5.91
CA GLY D 401 19.22 51.56 6.89
C GLY D 401 17.71 51.61 6.77
N SER D 402 17.13 50.91 5.79
CA SER D 402 15.69 50.97 5.67
C SER D 402 15.16 49.60 5.28
N ASP D 403 13.87 49.34 5.57
CA ASP D 403 13.21 48.10 5.21
C ASP D 403 11.70 48.29 5.38
N TRP D 404 10.97 48.34 4.26
CA TRP D 404 9.58 48.77 4.24
C TRP D 404 8.62 47.58 4.33
N VAL D 405 9.15 46.35 4.25
CA VAL D 405 8.37 45.13 4.35
C VAL D 405 7.54 44.91 3.09
N VAL D 406 6.66 45.86 2.74
CA VAL D 406 5.97 45.83 1.46
C VAL D 406 6.42 47.09 0.73
N ARG D 407 7.16 46.92 -0.35
CA ARG D 407 7.68 48.06 -1.08
C ARG D 407 6.77 48.33 -2.29
N ILE D 408 6.59 49.61 -2.65
CA ILE D 408 5.59 49.94 -3.65
C ILE D 408 6.24 50.72 -4.80
N ALA D 409 6.06 50.22 -6.03
CA ALA D 409 6.57 50.91 -7.21
C ALA D 409 5.39 51.48 -8.00
N GLN D 410 5.48 52.77 -8.35
CA GLN D 410 4.44 53.39 -9.17
C GLN D 410 4.78 53.25 -10.65
N ILE D 411 3.81 52.80 -11.45
CA ILE D 411 3.95 52.73 -12.89
C ILE D 411 3.35 53.99 -13.52
N ASP D 412 4.12 54.68 -14.38
CA ASP D 412 3.64 55.78 -15.19
C ASP D 412 3.55 55.31 -16.64
N TYR D 413 2.33 55.35 -17.19
CA TYR D 413 2.10 54.89 -18.56
C TYR D 413 2.47 55.97 -19.58
N GLU D 414 2.88 55.50 -20.75
CA GLU D 414 3.04 56.34 -21.94
C GLU D 414 1.71 57.05 -22.26
N THR E 2 -14.60 -88.38 -20.62
CA THR E 2 -13.60 -88.47 -21.71
C THR E 2 -12.46 -87.50 -21.43
N GLU E 3 -11.31 -87.77 -22.05
CA GLU E 3 -10.16 -86.88 -21.96
C GLU E 3 -10.29 -85.74 -22.97
N PRO E 4 -10.00 -84.49 -22.57
CA PRO E 4 -10.00 -83.38 -23.52
C PRO E 4 -8.97 -83.58 -24.63
N LEU E 5 -9.35 -83.19 -25.87
CA LEU E 5 -8.42 -83.12 -26.97
C LEU E 5 -7.24 -82.23 -26.58
N PRO E 6 -6.01 -82.50 -27.10
CA PRO E 6 -4.88 -81.62 -26.84
C PRO E 6 -5.17 -80.13 -26.96
N ARG E 7 -5.87 -79.70 -28.02
CA ARG E 7 -6.06 -78.28 -28.26
C ARG E 7 -6.93 -77.67 -27.14
N ILE E 8 -7.84 -78.47 -26.59
CA ILE E 8 -8.75 -78.01 -25.55
C ILE E 8 -8.04 -77.98 -24.18
N GLN E 9 -7.19 -78.98 -23.92
CA GLN E 9 -6.31 -78.94 -22.77
C GLN E 9 -5.46 -77.66 -22.80
N HIS E 10 -4.89 -77.34 -23.96
CA HIS E 10 -4.08 -76.14 -24.10
C HIS E 10 -4.95 -74.91 -23.81
N TYR E 11 -6.20 -74.94 -24.30
CA TYR E 11 -7.13 -73.84 -24.09
C TYR E 11 -7.34 -73.60 -22.58
N GLU E 12 -7.59 -74.66 -21.82
CA GLU E 12 -7.87 -74.54 -20.40
C GLU E 12 -6.64 -73.98 -19.65
N ASP E 13 -5.44 -74.25 -20.16
CA ASP E 13 -4.22 -73.71 -19.56
C ASP E 13 -4.07 -72.23 -19.84
N LEU E 14 -4.83 -71.68 -20.80
CA LEU E 14 -4.70 -70.26 -21.10
C LEU E 14 -5.18 -69.42 -19.92
N GLY E 15 -6.30 -69.85 -19.31
CA GLY E 15 -6.80 -69.26 -18.07
C GLY E 15 -7.56 -67.98 -18.34
N LEU E 16 -6.83 -66.97 -18.84
CA LEU E 16 -7.33 -65.61 -18.92
C LEU E 16 -7.08 -65.11 -20.34
N GLY E 17 -8.11 -64.48 -20.91
CA GLY E 17 -7.89 -63.77 -22.16
C GLY E 17 -8.43 -62.36 -22.09
N LEU E 18 -8.00 -61.54 -23.04
CA LEU E 18 -8.53 -60.19 -23.17
C LEU E 18 -9.54 -60.18 -24.32
N PHE E 19 -10.74 -59.64 -24.07
CA PHE E 19 -11.72 -59.42 -25.13
C PHE E 19 -11.58 -57.97 -25.58
N ILE E 20 -11.58 -57.74 -26.89
CA ILE E 20 -11.48 -56.37 -27.40
C ILE E 20 -12.64 -56.09 -28.35
N HIS E 21 -13.46 -55.09 -28.01
CA HIS E 21 -14.51 -54.59 -28.86
C HIS E 21 -14.05 -53.30 -29.51
N TRP E 22 -14.05 -53.30 -30.84
CA TRP E 22 -13.69 -52.12 -31.62
C TRP E 22 -14.38 -52.23 -32.98
N GLY E 23 -15.14 -51.20 -33.34
CA GLY E 23 -15.79 -51.13 -34.63
C GLY E 23 -16.11 -49.68 -34.95
N LEU E 24 -17.02 -49.48 -35.91
CA LEU E 24 -17.41 -48.13 -36.25
C LEU E 24 -18.12 -47.49 -35.05
N TYR E 25 -18.87 -48.31 -34.29
CA TYR E 25 -19.60 -47.83 -33.13
C TYR E 25 -18.66 -47.10 -32.18
N SER E 26 -17.39 -47.48 -32.13
CA SER E 26 -16.46 -46.89 -31.17
C SER E 26 -16.37 -45.37 -31.33
N GLN E 27 -16.55 -44.87 -32.54
CA GLN E 27 -16.49 -43.43 -32.77
C GLN E 27 -17.58 -42.68 -32.02
N MET E 28 -18.77 -43.25 -32.01
CA MET E 28 -19.91 -42.70 -31.26
C MET E 28 -19.70 -42.72 -29.74
N ALA E 29 -19.07 -43.79 -29.26
CA ALA E 29 -18.81 -43.96 -27.83
C ALA E 29 -20.08 -44.03 -27.00
N VAL E 30 -21.14 -44.61 -27.58
CA VAL E 30 -22.38 -44.84 -26.86
C VAL E 30 -22.79 -46.32 -26.83
N GLY E 31 -21.81 -47.23 -26.90
CA GLY E 31 -22.10 -48.66 -26.87
C GLY E 31 -22.15 -49.27 -28.28
N GLU E 32 -21.83 -50.57 -28.37
CA GLU E 32 -21.66 -51.23 -29.65
C GLU E 32 -23.00 -51.50 -30.36
N TRP E 33 -24.11 -51.51 -29.62
CA TRP E 33 -25.42 -51.72 -30.24
C TRP E 33 -26.05 -50.41 -30.72
N THR E 34 -25.30 -49.31 -30.77
CA THR E 34 -25.91 -48.00 -30.98
C THR E 34 -26.80 -47.94 -32.26
N GLU E 35 -26.36 -48.59 -33.35
CA GLU E 35 -27.06 -48.47 -34.62
C GLU E 35 -28.50 -48.96 -34.50
N LEU E 36 -28.71 -50.14 -33.92
CA LEU E 36 -30.05 -50.67 -33.73
C LEU E 36 -30.74 -49.94 -32.58
N ILE E 37 -30.10 -49.86 -31.40
CA ILE E 37 -30.85 -49.45 -30.22
C ILE E 37 -31.23 -47.98 -30.29
N HIS E 38 -30.38 -47.16 -30.90
CA HIS E 38 -30.74 -45.76 -31.03
C HIS E 38 -31.48 -45.49 -32.35
N HIS E 39 -31.91 -46.55 -33.07
CA HIS E 39 -32.67 -46.46 -34.33
C HIS E 39 -32.07 -45.40 -35.24
N ARG E 40 -30.78 -45.53 -35.53
CA ARG E 40 -30.10 -44.55 -36.39
C ARG E 40 -30.43 -44.86 -37.85
N ASN E 41 -30.34 -43.82 -38.68
CA ASN E 41 -30.37 -43.99 -40.12
C ASN E 41 -29.16 -44.84 -40.54
N GLN E 42 -29.42 -45.99 -41.17
CA GLN E 42 -28.34 -46.89 -41.57
C GLN E 42 -27.32 -46.19 -42.49
N HIS E 43 -27.82 -45.46 -43.50
CA HIS E 43 -26.90 -44.82 -44.44
C HIS E 43 -25.94 -43.91 -43.68
N ASP E 44 -26.48 -43.12 -42.75
CA ASP E 44 -25.70 -42.10 -42.05
C ASP E 44 -24.70 -42.76 -41.11
N TYR E 45 -25.12 -43.81 -40.39
CA TYR E 45 -24.24 -44.55 -39.50
C TYR E 45 -23.08 -45.17 -40.28
N GLU E 46 -23.38 -45.78 -41.44
CA GLU E 46 -22.35 -46.47 -42.21
C GLU E 46 -21.32 -45.51 -42.80
N GLN E 47 -21.61 -44.20 -42.82
CA GLN E 47 -20.64 -43.19 -43.23
C GLN E 47 -19.47 -43.13 -42.24
N LEU E 48 -19.62 -43.73 -41.06
CA LEU E 48 -18.53 -43.76 -40.09
C LEU E 48 -17.30 -44.45 -40.68
N ILE E 49 -17.48 -45.28 -41.72
CA ILE E 49 -16.35 -45.89 -42.43
C ILE E 49 -15.38 -44.80 -42.93
N LYS E 50 -15.92 -43.61 -43.27
CA LYS E 50 -15.10 -42.59 -43.90
C LYS E 50 -14.15 -41.95 -42.91
N THR E 51 -14.43 -42.09 -41.60
CA THR E 51 -13.56 -41.50 -40.60
C THR E 51 -12.88 -42.59 -39.77
N PHE E 52 -12.94 -43.85 -40.23
CA PHE E 52 -12.22 -44.94 -39.56
C PHE E 52 -10.75 -44.94 -39.99
N THR E 53 -9.90 -44.20 -39.27
CA THR E 53 -8.49 -44.02 -39.65
C THR E 53 -7.63 -45.07 -38.98
N ALA E 54 -8.12 -45.64 -37.87
CA ALA E 54 -7.29 -46.49 -37.00
C ALA E 54 -6.00 -45.78 -36.60
N ALA E 55 -6.04 -44.45 -36.45
CA ALA E 55 -4.81 -43.68 -36.31
C ALA E 55 -4.09 -44.04 -35.01
N GLN E 56 -4.79 -44.65 -34.02
CA GLN E 56 -4.09 -44.91 -32.78
C GLN E 56 -4.09 -46.38 -32.45
N PHE E 57 -4.39 -47.21 -33.45
CA PHE E 57 -4.34 -48.64 -33.23
C PHE E 57 -2.90 -49.11 -33.38
N ASP E 58 -2.37 -49.71 -32.32
CA ASP E 58 -1.05 -50.28 -32.34
C ASP E 58 -1.17 -51.71 -31.78
N ALA E 59 -1.17 -52.69 -32.68
CA ALA E 59 -1.40 -54.08 -32.28
C ALA E 59 -0.31 -54.55 -31.31
N LYS E 60 0.91 -54.02 -31.47
CA LYS E 60 2.02 -54.37 -30.60
C LYS E 60 1.75 -53.89 -29.18
N LYS E 61 1.20 -52.68 -29.02
CA LYS E 61 0.87 -52.15 -27.70
C LYS E 61 -0.23 -53.00 -27.08
N ILE E 62 -1.21 -53.40 -27.89
CA ILE E 62 -2.32 -54.20 -27.39
C ILE E 62 -1.79 -55.56 -26.92
N ALA E 63 -0.91 -56.17 -27.71
CA ALA E 63 -0.41 -57.49 -27.36
C ALA E 63 0.46 -57.37 -26.10
N HIS E 64 1.20 -56.27 -25.98
CA HIS E 64 2.03 -56.04 -24.81
C HIS E 64 1.17 -55.92 -23.54
N ALA E 65 0.10 -55.13 -23.64
CA ALA E 65 -0.84 -54.95 -22.55
C ALA E 65 -1.45 -56.29 -22.13
N ALA E 66 -1.81 -57.14 -23.10
CA ALA E 66 -2.36 -58.43 -22.79
C ALA E 66 -1.34 -59.28 -22.03
N LYS E 67 -0.09 -59.23 -22.49
CA LYS E 67 0.97 -60.01 -21.88
C LYS E 67 1.13 -59.52 -20.43
N ALA E 68 1.16 -58.20 -20.23
CA ALA E 68 1.39 -57.61 -18.92
C ALA E 68 0.25 -57.97 -17.96
N VAL E 69 -0.98 -58.14 -18.47
CA VAL E 69 -2.09 -58.42 -17.59
C VAL E 69 -2.15 -59.92 -17.27
N GLY E 70 -1.31 -60.73 -17.92
CA GLY E 70 -1.29 -62.16 -17.68
C GLY E 70 -2.25 -62.94 -18.59
N ALA E 71 -2.81 -62.28 -19.62
CA ALA E 71 -3.69 -62.96 -20.56
C ALA E 71 -2.84 -63.80 -21.51
N LYS E 72 -3.40 -64.92 -22.00
CA LYS E 72 -2.64 -65.79 -22.87
C LYS E 72 -3.28 -65.88 -24.25
N TYR E 73 -4.42 -65.18 -24.42
CA TYR E 73 -5.04 -65.03 -25.73
C TYR E 73 -5.83 -63.72 -25.75
N ILE E 74 -6.17 -63.29 -26.98
CA ILE E 74 -6.98 -62.12 -27.19
C ILE E 74 -8.06 -62.48 -28.20
N VAL E 75 -9.31 -62.12 -27.87
CA VAL E 75 -10.44 -62.23 -28.77
C VAL E 75 -10.74 -60.83 -29.29
N LEU E 76 -10.54 -60.62 -30.60
CA LEU E 76 -10.80 -59.33 -31.21
C LEU E 76 -12.07 -59.41 -32.08
N THR E 77 -12.92 -58.38 -32.00
CA THR E 77 -14.12 -58.32 -32.83
C THR E 77 -13.68 -58.09 -34.28
N THR E 78 -13.77 -59.11 -35.14
CA THR E 78 -13.39 -58.94 -36.53
C THR E 78 -14.57 -58.38 -37.33
N LYS E 79 -15.79 -58.70 -36.89
CA LYS E 79 -17.00 -58.10 -37.42
C LYS E 79 -18.09 -58.23 -36.36
N HIS E 80 -18.68 -57.09 -35.95
CA HIS E 80 -19.75 -57.08 -34.96
C HIS E 80 -21.11 -56.99 -35.68
N HIS E 81 -22.22 -56.84 -34.94
CA HIS E 81 -23.53 -56.78 -35.56
C HIS E 81 -23.61 -55.70 -36.64
N GLU E 82 -22.92 -54.57 -36.46
CA GLU E 82 -22.96 -53.51 -37.44
C GLU E 82 -22.45 -54.01 -38.81
N GLY E 83 -21.70 -55.11 -38.82
CA GLY E 83 -21.39 -55.83 -40.04
C GLY E 83 -20.16 -55.27 -40.78
N PHE E 84 -19.40 -54.36 -40.14
CA PHE E 84 -18.18 -53.84 -40.73
C PHE E 84 -16.99 -54.74 -40.38
N PHE E 85 -16.15 -55.07 -41.38
CA PHE E 85 -15.06 -56.02 -41.21
C PHE E 85 -13.73 -55.32 -41.00
N LEU E 86 -12.98 -55.81 -40.00
CA LEU E 86 -11.73 -55.17 -39.64
C LEU E 86 -10.57 -55.79 -40.43
N TYR E 87 -10.89 -56.58 -41.45
CA TYR E 87 -9.86 -57.18 -42.28
C TYR E 87 -10.24 -57.07 -43.76
N ASP E 88 -9.31 -57.50 -44.64
CA ASP E 88 -9.51 -57.45 -46.07
C ASP E 88 -10.38 -58.62 -46.48
N THR E 89 -11.63 -58.33 -46.91
CA THR E 89 -12.53 -59.43 -47.24
C THR E 89 -12.31 -59.94 -48.67
N LYS E 90 -11.32 -59.40 -49.39
CA LYS E 90 -10.89 -59.89 -50.69
C LYS E 90 -12.06 -59.91 -51.67
N GLY E 91 -12.86 -58.84 -51.69
CA GLY E 91 -13.97 -58.74 -52.62
C GLY E 91 -15.31 -59.20 -52.04
N LEU E 92 -15.36 -59.84 -50.87
CA LEU E 92 -16.68 -60.20 -50.37
C LEU E 92 -17.54 -58.98 -50.05
N SER E 93 -16.91 -57.89 -49.58
CA SER E 93 -17.69 -56.75 -49.13
C SER E 93 -16.85 -55.49 -49.31
N ASP E 94 -17.52 -54.36 -49.58
CA ASP E 94 -16.84 -53.07 -49.60
C ASP E 94 -16.89 -52.39 -48.23
N PHE E 95 -17.63 -53.00 -47.29
CA PHE E 95 -17.78 -52.43 -45.96
C PHE E 95 -16.69 -53.03 -45.06
N ASP E 96 -15.43 -52.73 -45.39
CA ASP E 96 -14.32 -53.34 -44.68
C ASP E 96 -13.20 -52.32 -44.58
N VAL E 97 -12.16 -52.67 -43.82
CA VAL E 97 -11.14 -51.69 -43.46
C VAL E 97 -10.34 -51.25 -44.70
N MET E 98 -10.33 -52.07 -45.76
CA MET E 98 -9.58 -51.72 -46.96
C MET E 98 -10.30 -50.61 -47.73
N HIS E 99 -11.57 -50.36 -47.43
CA HIS E 99 -12.30 -49.26 -48.04
C HIS E 99 -12.44 -48.08 -47.08
N ALA E 100 -11.66 -48.09 -45.99
CA ALA E 100 -11.68 -46.98 -45.04
C ALA E 100 -10.36 -46.26 -45.17
N PRO E 101 -10.22 -45.00 -44.70
CA PRO E 101 -8.92 -44.35 -44.72
C PRO E 101 -7.80 -45.14 -44.06
N ALA E 102 -8.10 -46.02 -43.09
CA ALA E 102 -7.07 -46.83 -42.45
C ALA E 102 -6.24 -47.58 -43.49
N ARG E 103 -6.91 -48.26 -44.43
CA ARG E 103 -6.28 -48.96 -45.55
C ARG E 103 -5.24 -49.94 -45.04
N ARG E 104 -5.56 -50.66 -43.95
CA ARG E 104 -4.63 -51.60 -43.37
C ARG E 104 -5.43 -52.82 -42.93
N ASP E 105 -4.91 -54.02 -43.17
CA ASP E 105 -5.56 -55.20 -42.64
C ASP E 105 -5.22 -55.34 -41.15
N LEU E 106 -6.18 -54.95 -40.29
CA LEU E 106 -5.93 -54.83 -38.86
C LEU E 106 -5.80 -56.21 -38.25
N ILE E 107 -6.54 -57.18 -38.81
CA ILE E 107 -6.41 -58.56 -38.35
C ILE E 107 -5.00 -59.08 -38.64
N ALA E 108 -4.36 -58.67 -39.76
CA ALA E 108 -3.01 -59.13 -40.06
C ALA E 108 -2.05 -58.59 -39.00
N GLU E 109 -2.20 -57.29 -38.67
CA GLU E 109 -1.37 -56.65 -37.66
C GLU E 109 -1.56 -57.35 -36.33
N PHE E 110 -2.83 -57.69 -36.01
CA PHE E 110 -3.18 -58.30 -34.74
C PHE E 110 -2.51 -59.66 -34.58
N VAL E 111 -2.63 -60.49 -35.62
CA VAL E 111 -2.08 -61.84 -35.58
C VAL E 111 -0.56 -61.79 -35.44
N ALA E 112 0.10 -60.89 -36.17
CA ALA E 112 1.57 -60.80 -36.09
C ALA E 112 1.98 -60.39 -34.67
N ALA E 113 1.23 -59.43 -34.09
CA ALA E 113 1.54 -58.93 -32.76
C ALA E 113 1.33 -60.02 -31.71
N CYS E 114 0.26 -60.81 -31.86
CA CYS E 114 0.02 -61.88 -30.91
C CYS E 114 1.15 -62.90 -30.95
N ARG E 115 1.59 -63.28 -32.16
CA ARG E 115 2.61 -64.31 -32.28
C ARG E 115 3.92 -63.86 -31.62
N GLU E 116 4.29 -62.59 -31.81
CA GLU E 116 5.53 -62.10 -31.21
C GLU E 116 5.49 -62.14 -29.68
N GLU E 117 4.30 -62.10 -29.08
CA GLU E 117 4.17 -62.08 -27.63
C GLU E 117 3.75 -63.46 -27.12
N ASP E 118 3.68 -64.44 -28.02
CA ASP E 118 3.28 -65.78 -27.62
C ASP E 118 1.83 -65.83 -27.14
N LEU E 119 0.96 -65.01 -27.72
CA LEU E 119 -0.46 -65.06 -27.40
C LEU E 119 -1.21 -65.73 -28.54
N LEU E 120 -2.30 -66.42 -28.22
CA LEU E 120 -3.17 -66.98 -29.25
C LEU E 120 -4.14 -65.91 -29.76
N PRO E 121 -4.18 -65.62 -31.09
CA PRO E 121 -5.20 -64.73 -31.64
C PRO E 121 -6.52 -65.47 -31.88
N PHE E 122 -7.61 -64.89 -31.37
CA PHE E 122 -8.94 -65.44 -31.58
C PHE E 122 -9.78 -64.37 -32.28
N PHE E 123 -10.71 -64.83 -33.12
CA PHE E 123 -11.51 -63.90 -33.91
C PHE E 123 -12.97 -64.02 -33.50
N TYR E 124 -13.51 -62.90 -33.00
CA TYR E 124 -14.94 -62.86 -32.75
C TYR E 124 -15.63 -62.56 -34.09
N MET E 125 -16.75 -63.25 -34.35
CA MET E 125 -17.54 -63.00 -35.54
C MET E 125 -19.02 -63.03 -35.16
N ALA E 126 -19.73 -61.92 -35.43
CA ALA E 126 -21.17 -61.90 -35.17
C ALA E 126 -21.94 -62.59 -36.28
N THR E 127 -22.89 -63.46 -35.93
CA THR E 127 -23.68 -64.11 -36.96
C THR E 127 -24.95 -63.29 -37.24
N TYR E 128 -25.42 -62.53 -36.24
CA TYR E 128 -26.53 -61.60 -36.49
C TYR E 128 -25.95 -60.32 -37.09
N ASP E 129 -26.34 -59.99 -38.34
CA ASP E 129 -25.66 -58.96 -39.11
C ASP E 129 -26.68 -57.92 -39.55
N TRP E 130 -26.43 -56.62 -39.28
CA TRP E 130 -27.38 -55.55 -39.59
C TRP E 130 -27.02 -54.90 -40.94
N HIS E 131 -25.87 -55.24 -41.52
CA HIS E 131 -25.43 -54.51 -42.70
C HIS E 131 -25.99 -55.12 -43.98
N THR E 132 -25.79 -56.42 -44.20
CA THR E 132 -26.16 -57.05 -45.47
C THR E 132 -27.66 -57.35 -45.47
N PRO E 133 -28.39 -56.88 -46.51
CA PRO E 133 -29.81 -57.23 -46.63
C PRO E 133 -30.08 -58.73 -46.81
N LEU E 134 -29.04 -59.49 -47.17
CA LEU E 134 -29.17 -60.94 -47.27
C LEU E 134 -29.74 -61.52 -45.97
N TYR E 135 -29.35 -60.94 -44.81
CA TYR E 135 -29.69 -61.52 -43.52
C TYR E 135 -31.20 -61.74 -43.44
N ASP E 136 -31.99 -60.71 -43.78
CA ASP E 136 -33.44 -60.83 -43.71
C ASP E 136 -34.06 -61.31 -45.02
N ASP E 137 -33.48 -60.94 -46.17
CA ASP E 137 -34.14 -61.09 -47.47
C ASP E 137 -33.81 -62.43 -48.14
N ASP E 138 -32.68 -63.05 -47.79
CA ASP E 138 -32.24 -64.26 -48.47
C ASP E 138 -31.28 -65.03 -47.56
N PHE E 139 -31.86 -65.70 -46.57
CA PHE E 139 -31.08 -66.25 -45.47
C PHE E 139 -30.07 -67.27 -45.99
N PRO E 140 -30.43 -68.19 -46.92
CA PRO E 140 -29.45 -69.14 -47.47
C PRO E 140 -28.25 -68.46 -48.11
N ALA E 141 -28.48 -67.32 -48.79
CA ALA E 141 -27.37 -66.57 -49.36
C ALA E 141 -26.52 -65.92 -48.24
N TYR E 142 -27.19 -65.52 -47.14
CA TYR E 142 -26.52 -64.98 -45.97
C TYR E 142 -25.52 -66.01 -45.42
N LEU E 143 -25.97 -67.27 -45.27
CA LEU E 143 -25.09 -68.31 -44.78
C LEU E 143 -23.84 -68.45 -45.64
N THR E 144 -23.99 -68.26 -46.96
CA THR E 144 -22.85 -68.35 -47.87
C THR E 144 -21.89 -67.20 -47.59
N TYR E 145 -22.47 -66.00 -47.39
CA TYR E 145 -21.68 -64.81 -47.12
C TYR E 145 -20.93 -64.95 -45.79
N LEU E 146 -21.65 -65.41 -44.76
CA LEU E 146 -21.07 -65.63 -43.44
C LEU E 146 -19.90 -66.61 -43.59
N GLN E 147 -20.18 -67.73 -44.27
CA GLN E 147 -19.18 -68.79 -44.37
C GLN E 147 -17.96 -68.30 -45.15
N LYS E 148 -18.20 -67.50 -46.18
CA LYS E 148 -17.07 -66.98 -46.94
C LYS E 148 -16.22 -66.03 -46.08
N SER E 149 -16.89 -65.22 -45.23
CA SER E 149 -16.15 -64.28 -44.39
C SER E 149 -15.27 -65.04 -43.40
N VAL E 150 -15.76 -66.18 -42.90
CA VAL E 150 -14.95 -67.01 -42.02
C VAL E 150 -13.81 -67.68 -42.79
N GLU E 151 -14.11 -68.10 -44.03
CA GLU E 151 -13.12 -68.77 -44.86
C GLU E 151 -11.91 -67.85 -45.10
N VAL E 152 -12.15 -66.55 -45.34
CA VAL E 152 -11.05 -65.61 -45.50
C VAL E 152 -10.15 -65.64 -44.26
N LEU E 153 -10.77 -65.69 -43.07
CA LEU E 153 -10.04 -65.64 -41.81
C LEU E 153 -9.26 -66.95 -41.64
N CYS E 154 -9.78 -68.04 -42.19
CA CYS E 154 -9.11 -69.34 -42.05
C CYS E 154 -7.97 -69.53 -43.05
N ARG E 155 -7.86 -68.69 -44.07
CA ARG E 155 -6.92 -69.03 -45.13
C ARG E 155 -5.85 -67.95 -45.32
N ASN E 156 -6.02 -66.76 -44.72
CA ASN E 156 -5.11 -65.68 -45.08
C ASN E 156 -4.21 -65.23 -43.93
N TYR E 157 -4.20 -65.93 -42.79
CA TYR E 157 -3.53 -65.34 -41.63
C TYR E 157 -2.61 -66.33 -40.92
N GLY E 158 -2.45 -67.53 -41.50
CA GLY E 158 -1.68 -68.59 -40.87
C GLY E 158 -2.53 -69.31 -39.82
N PRO E 159 -1.93 -70.14 -38.93
CA PRO E 159 -2.71 -70.81 -37.88
C PRO E 159 -3.30 -69.81 -36.88
N VAL E 160 -4.57 -69.98 -36.56
CA VAL E 160 -5.22 -69.04 -35.67
C VAL E 160 -5.62 -69.79 -34.39
N GLY E 161 -5.62 -69.07 -33.26
CA GLY E 161 -5.91 -69.75 -32.00
C GLY E 161 -7.35 -70.24 -31.97
N GLY E 162 -8.28 -69.42 -32.47
CA GLY E 162 -9.66 -69.87 -32.45
C GLY E 162 -10.65 -68.85 -32.98
N PHE E 163 -11.93 -69.23 -32.96
CA PHE E 163 -13.04 -68.43 -33.43
C PHE E 163 -14.04 -68.34 -32.28
N TRP E 164 -14.62 -67.15 -32.13
CA TRP E 164 -15.59 -66.89 -31.09
C TRP E 164 -16.89 -66.46 -31.76
N PHE E 165 -17.84 -67.40 -31.83
CA PHE E 165 -19.03 -67.17 -32.63
C PHE E 165 -20.14 -66.65 -31.75
N ASP E 166 -20.69 -65.49 -32.14
CA ASP E 166 -21.76 -64.92 -31.36
C ASP E 166 -23.09 -65.15 -32.08
N GLY E 167 -23.82 -66.17 -31.64
CA GLY E 167 -25.02 -66.64 -32.31
C GLY E 167 -26.37 -66.34 -31.71
N ASN E 168 -26.42 -65.46 -30.72
CA ASN E 168 -27.68 -65.11 -30.09
C ASN E 168 -28.27 -63.83 -30.68
N TRP E 169 -29.54 -63.58 -30.43
CA TRP E 169 -30.29 -62.51 -31.09
C TRP E 169 -30.75 -62.94 -32.47
N ASN E 170 -30.54 -64.21 -32.74
CA ASN E 170 -30.88 -64.78 -34.01
C ASN E 170 -32.26 -65.35 -33.98
N LYS E 171 -32.54 -66.22 -34.92
CA LYS E 171 -33.69 -67.08 -34.77
C LYS E 171 -33.20 -68.46 -34.46
N LYS E 172 -33.65 -68.95 -33.32
CA LYS E 172 -33.23 -70.22 -32.75
C LYS E 172 -33.68 -71.39 -33.61
N ASP E 173 -34.87 -71.25 -34.18
CA ASP E 173 -35.46 -72.24 -35.07
C ASP E 173 -34.67 -72.47 -36.36
N ALA E 174 -34.03 -71.43 -36.86
CA ALA E 174 -33.37 -71.47 -38.16
C ALA E 174 -32.21 -72.44 -38.30
N ASP E 175 -32.02 -72.94 -39.51
CA ASP E 175 -30.90 -73.84 -39.79
C ASP E 175 -29.71 -73.00 -40.16
N TRP E 176 -28.64 -73.14 -39.39
CA TRP E 176 -27.43 -72.36 -39.55
C TRP E 176 -26.37 -73.12 -40.34
N HIS E 177 -26.62 -74.39 -40.66
CA HIS E 177 -25.67 -75.20 -41.42
C HIS E 177 -24.33 -75.21 -40.70
N LEU E 178 -24.37 -75.56 -39.42
CA LEU E 178 -23.16 -75.54 -38.60
C LEU E 178 -22.19 -76.63 -39.08
N PRO E 179 -22.65 -77.86 -39.46
CA PRO E 179 -21.74 -78.88 -39.96
C PRO E 179 -20.83 -78.37 -41.08
N GLU E 180 -21.40 -77.58 -41.98
CA GLU E 180 -20.63 -77.07 -43.11
C GLU E 180 -19.68 -75.96 -42.67
N LEU E 181 -20.16 -75.05 -41.81
CA LEU E 181 -19.35 -73.93 -41.35
C LEU E 181 -18.15 -74.45 -40.55
N TYR E 182 -18.43 -75.28 -39.54
CA TYR E 182 -17.38 -75.77 -38.66
C TYR E 182 -16.50 -76.79 -39.37
N GLY E 183 -17.12 -77.56 -40.30
CA GLY E 183 -16.38 -78.52 -41.12
C GLY E 183 -15.34 -77.79 -41.96
N MET E 184 -15.74 -76.64 -42.52
CA MET E 184 -14.82 -75.82 -43.29
C MET E 184 -13.64 -75.33 -42.42
N ILE E 185 -13.95 -74.86 -41.22
CA ILE E 185 -12.91 -74.39 -40.30
C ILE E 185 -11.97 -75.52 -39.93
N ARG E 186 -12.51 -76.69 -39.70
CA ARG E 186 -11.70 -77.85 -39.35
C ARG E 186 -10.77 -78.16 -40.48
N HIS E 187 -11.26 -78.04 -41.71
CA HIS E 187 -10.44 -78.33 -42.86
C HIS E 187 -9.24 -77.39 -42.98
N TYR E 188 -9.42 -76.09 -42.78
CA TYR E 188 -8.28 -75.20 -42.97
C TYR E 188 -7.53 -74.92 -41.67
N GLN E 189 -8.21 -75.07 -40.52
CA GLN E 189 -7.61 -74.72 -39.24
C GLN E 189 -7.90 -75.86 -38.28
N PRO E 190 -7.29 -77.06 -38.50
CA PRO E 190 -7.63 -78.22 -37.68
C PRO E 190 -7.45 -77.95 -36.18
N ASN E 191 -6.49 -77.09 -35.83
CA ASN E 191 -6.10 -76.88 -34.45
C ASN E 191 -6.81 -75.68 -33.80
N ALA E 192 -7.73 -75.01 -34.51
CA ALA E 192 -8.41 -73.83 -33.97
C ALA E 192 -9.41 -74.24 -32.88
N ILE E 193 -9.52 -73.42 -31.84
CA ILE E 193 -10.58 -73.60 -30.88
C ILE E 193 -11.86 -72.94 -31.41
N ILE E 194 -12.95 -73.67 -31.43
CA ILE E 194 -14.22 -73.05 -31.79
C ILE E 194 -15.03 -72.80 -30.52
N VAL E 195 -15.30 -71.52 -30.26
CA VAL E 195 -16.10 -71.11 -29.12
C VAL E 195 -17.45 -70.65 -29.64
N SER E 196 -18.52 -71.07 -28.98
CA SER E 196 -19.85 -70.63 -29.33
C SER E 196 -20.58 -70.09 -28.09
N ASN E 197 -21.18 -68.88 -28.19
CA ASN E 197 -21.97 -68.40 -27.08
C ASN E 197 -23.41 -68.93 -27.10
N THR E 198 -23.73 -69.83 -28.02
CA THR E 198 -24.97 -70.59 -27.96
C THR E 198 -24.63 -72.05 -28.25
N GLY E 199 -23.56 -72.56 -27.60
CA GLY E 199 -23.06 -73.89 -27.86
C GLY E 199 -23.89 -75.02 -27.24
N LEU E 200 -24.76 -74.70 -26.26
CA LEU E 200 -25.77 -75.59 -25.71
C LEU E 200 -27.15 -75.29 -26.32
N GLN E 205 -26.62 -80.71 -24.51
CA GLN E 205 -26.57 -80.99 -25.94
C GLN E 205 -25.86 -79.87 -26.70
N VAL E 206 -24.64 -80.14 -27.15
CA VAL E 206 -23.89 -79.17 -27.95
C VAL E 206 -24.54 -78.93 -29.29
N SER E 207 -24.49 -77.68 -29.76
CA SER E 207 -25.10 -77.31 -31.02
C SER E 207 -24.44 -78.00 -32.21
N ASP E 208 -23.24 -78.53 -32.01
CA ASP E 208 -22.53 -79.19 -33.08
C ASP E 208 -21.32 -79.89 -32.50
N PRO E 209 -21.00 -81.13 -32.95
CA PRO E 209 -19.83 -81.85 -32.45
C PRO E 209 -18.52 -81.06 -32.52
N GLU E 210 -18.42 -80.08 -33.43
CA GLU E 210 -17.13 -79.42 -33.66
C GLU E 210 -16.86 -78.29 -32.66
N ILE E 211 -17.87 -77.89 -31.89
CA ILE E 211 -17.70 -76.88 -30.84
C ILE E 211 -16.75 -77.42 -29.77
N ASP E 212 -15.77 -76.59 -29.36
CA ASP E 212 -14.74 -76.94 -28.40
C ASP E 212 -15.02 -76.31 -27.02
N VAL E 213 -15.69 -75.15 -27.01
CA VAL E 213 -15.88 -74.34 -25.82
C VAL E 213 -17.26 -73.70 -25.90
N VAL E 214 -17.99 -73.77 -24.81
CA VAL E 214 -19.23 -73.05 -24.62
C VAL E 214 -19.04 -71.92 -23.62
N THR E 215 -19.73 -70.82 -23.83
CA THR E 215 -19.80 -69.71 -22.88
C THR E 215 -20.81 -69.91 -21.76
N TYR E 216 -20.60 -69.21 -20.66
CA TYR E 216 -21.45 -69.34 -19.50
C TYR E 216 -21.61 -68.02 -18.79
N GLU E 217 -22.67 -67.92 -17.98
CA GLU E 217 -22.98 -66.75 -17.18
C GLU E 217 -21.90 -66.54 -16.15
N ARG E 218 -21.63 -65.29 -15.86
CA ARG E 218 -20.55 -64.92 -14.99
C ARG E 218 -20.78 -65.56 -13.65
N ARG E 219 -22.03 -65.59 -13.26
CA ARG E 219 -22.45 -65.88 -11.90
C ARG E 219 -22.69 -67.37 -11.69
N THR E 220 -22.43 -68.21 -12.71
CA THR E 220 -22.65 -69.65 -12.58
C THR E 220 -22.07 -70.14 -11.24
N PRO E 221 -22.87 -70.75 -10.32
CA PRO E 221 -22.37 -71.08 -8.99
C PRO E 221 -21.42 -72.28 -8.92
N ASP E 222 -21.70 -73.31 -9.74
CA ASP E 222 -21.00 -74.59 -9.61
C ASP E 222 -20.19 -74.86 -10.87
N GLU E 223 -19.27 -75.83 -10.77
CA GLU E 223 -18.46 -76.33 -11.88
C GLU E 223 -19.34 -76.59 -13.12
N ILE E 224 -18.81 -76.22 -14.30
CA ILE E 224 -19.58 -76.11 -15.54
C ILE E 224 -19.74 -77.49 -16.20
N TYR E 225 -20.56 -77.51 -17.26
CA TYR E 225 -20.88 -78.72 -18.01
C TYR E 225 -19.81 -79.03 -19.06
N HIS E 226 -19.29 -80.27 -19.03
CA HIS E 226 -18.19 -80.64 -19.90
C HIS E 226 -18.59 -81.58 -21.04
N GLY E 227 -19.90 -81.78 -21.28
CA GLY E 227 -20.39 -82.69 -22.30
C GLY E 227 -20.89 -84.04 -21.74
N ALA E 228 -21.70 -84.75 -22.54
CA ALA E 228 -22.31 -86.03 -22.17
C ALA E 228 -21.22 -87.10 -22.03
N PRO E 229 -21.37 -88.14 -21.15
CA PRO E 229 -20.37 -89.20 -21.07
C PRO E 229 -20.24 -90.00 -22.38
N ASN E 230 -19.00 -90.41 -22.67
CA ASN E 230 -18.62 -91.01 -23.94
C ASN E 230 -18.62 -90.00 -25.08
N GLU E 231 -19.00 -88.74 -24.84
CA GLU E 231 -18.95 -87.72 -25.88
C GLU E 231 -17.70 -86.86 -25.71
N LYS E 232 -17.44 -86.00 -26.71
CA LYS E 232 -16.32 -85.07 -26.70
C LYS E 232 -16.39 -84.18 -25.44
N TYR E 233 -15.27 -84.00 -24.75
CA TYR E 233 -15.20 -83.02 -23.67
C TYR E 233 -15.18 -81.59 -24.24
N VAL E 234 -16.04 -80.72 -23.70
CA VAL E 234 -16.06 -79.33 -24.12
C VAL E 234 -15.70 -78.45 -22.92
N ALA E 235 -14.83 -77.46 -23.16
CA ALA E 235 -14.42 -76.54 -22.12
C ALA E 235 -15.48 -75.42 -21.96
N GLY E 236 -15.26 -74.52 -20.98
CA GLY E 236 -16.20 -73.44 -20.70
C GLY E 236 -15.46 -72.11 -20.51
N GLU E 237 -16.19 -71.01 -20.66
CA GLU E 237 -15.57 -69.69 -20.59
C GLU E 237 -16.62 -68.70 -20.11
N ILE E 238 -16.22 -67.78 -19.22
CA ILE E 238 -17.10 -66.70 -18.84
C ILE E 238 -16.42 -65.38 -19.25
N SER E 239 -17.21 -64.31 -19.29
CA SER E 239 -16.74 -62.99 -19.75
C SER E 239 -17.21 -61.92 -18.79
N ILE E 240 -16.43 -60.86 -18.67
CA ILE E 240 -16.85 -59.73 -17.86
C ILE E 240 -16.45 -58.45 -18.61
N THR E 241 -17.38 -57.49 -18.62
CA THR E 241 -17.00 -56.18 -19.09
C THR E 241 -16.88 -55.23 -17.90
N LEU E 242 -16.09 -54.17 -18.04
CA LEU E 242 -15.77 -53.33 -16.90
C LEU E 242 -16.94 -52.46 -16.46
N ASN E 243 -17.73 -51.93 -17.41
CA ASN E 243 -18.95 -51.21 -17.08
C ASN E 243 -20.13 -52.01 -17.62
N GLN E 244 -21.17 -51.32 -18.12
CA GLN E 244 -22.37 -51.99 -18.58
C GLN E 244 -22.30 -52.31 -20.08
N HIS E 245 -21.30 -51.79 -20.80
CA HIS E 245 -21.25 -51.91 -22.26
C HIS E 245 -19.98 -52.65 -22.65
N TRP E 246 -20.00 -53.24 -23.85
CA TRP E 246 -18.83 -53.94 -24.38
C TRP E 246 -17.98 -53.01 -25.25
N GLY E 247 -18.60 -52.29 -26.20
CA GLY E 247 -17.89 -51.20 -26.84
C GLY E 247 -17.77 -50.03 -25.87
N ILE E 248 -16.89 -49.07 -26.21
CA ILE E 248 -16.66 -47.93 -25.35
C ILE E 248 -17.94 -47.12 -25.19
N ALA E 249 -18.14 -46.60 -23.98
CA ALA E 249 -19.34 -45.86 -23.66
C ALA E 249 -18.96 -44.77 -22.64
N ALA E 250 -18.72 -43.56 -23.16
CA ALA E 250 -18.07 -42.49 -22.44
C ALA E 250 -18.85 -42.10 -21.16
N ASN E 251 -20.18 -42.08 -21.23
CA ASN E 251 -20.97 -41.67 -20.07
C ASN E 251 -21.59 -42.85 -19.35
N ASP E 252 -20.98 -44.04 -19.50
CA ASP E 252 -21.30 -45.13 -18.62
C ASP E 252 -20.30 -45.10 -17.46
N LEU E 253 -20.77 -44.63 -16.29
CA LEU E 253 -19.91 -44.43 -15.12
C LEU E 253 -19.97 -45.66 -14.22
N ASN E 254 -20.80 -46.62 -14.59
CA ASN E 254 -21.15 -47.72 -13.70
C ASN E 254 -20.11 -48.83 -13.84
N TYR E 255 -18.85 -48.52 -13.51
CA TYR E 255 -17.79 -49.51 -13.52
C TYR E 255 -17.88 -50.38 -12.28
N LYS E 256 -17.55 -51.67 -12.46
CA LYS E 256 -17.38 -52.62 -11.39
C LYS E 256 -16.09 -52.28 -10.63
N SER E 257 -16.01 -52.73 -9.37
CA SER E 257 -14.76 -52.51 -8.65
C SER E 257 -13.67 -53.42 -9.21
N PRO E 258 -12.41 -52.95 -9.18
CA PRO E 258 -11.28 -53.85 -9.39
C PRO E 258 -11.34 -55.12 -8.55
N ALA E 259 -11.85 -55.02 -7.32
CA ALA E 259 -12.00 -56.18 -6.44
C ALA E 259 -12.92 -57.22 -7.09
N GLU E 260 -14.07 -56.76 -7.60
CA GLU E 260 -15.02 -57.69 -8.21
C GLU E 260 -14.38 -58.36 -9.44
N MET E 261 -13.59 -57.60 -10.20
CA MET E 261 -12.88 -58.14 -11.35
C MET E 261 -11.97 -59.29 -10.92
N ILE E 262 -11.16 -59.07 -9.87
CA ILE E 262 -10.24 -60.10 -9.40
C ILE E 262 -11.04 -61.30 -8.89
N GLU E 263 -12.10 -61.06 -8.12
CA GLU E 263 -12.92 -62.17 -7.64
C GLU E 263 -13.51 -62.96 -8.81
N THR E 264 -13.87 -62.29 -9.91
CA THR E 264 -14.51 -62.97 -11.04
C THR E 264 -13.48 -63.87 -11.72
N VAL E 265 -12.25 -63.36 -11.89
CA VAL E 265 -11.17 -64.16 -12.45
C VAL E 265 -10.96 -65.43 -11.61
N ALA E 266 -10.87 -65.27 -10.30
CA ALA E 266 -10.72 -66.38 -9.41
C ALA E 266 -11.90 -67.34 -9.49
N HIS E 267 -13.10 -66.80 -9.57
CA HIS E 267 -14.29 -67.60 -9.67
C HIS E 267 -14.34 -68.46 -10.92
N ALA E 268 -13.87 -67.93 -12.03
CA ALA E 268 -13.88 -68.67 -13.26
C ALA E 268 -13.03 -69.90 -13.10
N ARG E 269 -11.87 -69.73 -12.51
CA ARG E 269 -10.96 -70.83 -12.30
C ARG E 269 -11.55 -71.86 -11.37
N HIS E 270 -12.24 -71.41 -10.34
CA HIS E 270 -12.86 -72.27 -9.38
C HIS E 270 -13.92 -73.17 -10.00
N ILE E 271 -14.64 -72.67 -10.97
CA ILE E 271 -15.63 -73.45 -11.65
C ILE E 271 -15.11 -74.17 -12.88
N GLY E 272 -13.79 -74.15 -13.08
CA GLY E 272 -13.15 -74.69 -14.25
C GLY E 272 -13.48 -74.11 -15.60
N ALA E 273 -13.48 -72.80 -15.68
CA ALA E 273 -13.68 -72.09 -16.92
C ALA E 273 -12.52 -71.12 -17.15
N ASN E 274 -12.32 -70.73 -18.42
CA ASN E 274 -11.52 -69.57 -18.72
C ASN E 274 -12.34 -68.31 -18.44
N ILE E 275 -11.64 -67.17 -18.41
CA ILE E 275 -12.32 -65.88 -18.25
C ILE E 275 -11.77 -64.91 -19.29
N LEU E 276 -12.66 -64.19 -19.96
CA LEU E 276 -12.29 -63.04 -20.80
C LEU E 276 -12.61 -61.75 -20.05
N VAL E 277 -11.64 -60.84 -19.98
CA VAL E 277 -11.94 -59.51 -19.47
C VAL E 277 -11.98 -58.56 -20.66
N ASN E 278 -13.08 -57.82 -20.79
CA ASN E 278 -13.32 -57.05 -22.00
C ASN E 278 -12.83 -55.60 -21.85
N ILE E 279 -12.22 -55.07 -22.93
CA ILE E 279 -12.03 -53.63 -23.05
C ILE E 279 -12.60 -53.15 -24.40
N GLY E 280 -13.23 -51.98 -24.41
CA GLY E 280 -13.66 -51.33 -25.64
C GLY E 280 -12.65 -50.28 -26.09
N LEU E 281 -12.09 -50.39 -27.31
CA LEU E 281 -11.14 -49.38 -27.79
C LEU E 281 -11.84 -48.08 -28.12
N THR E 282 -11.07 -46.97 -28.19
CA THR E 282 -11.60 -45.70 -28.66
C THR E 282 -11.88 -45.81 -30.16
N GLY E 283 -12.57 -44.80 -30.73
CA GLY E 283 -12.86 -44.76 -32.16
C GLY E 283 -11.62 -45.07 -33.01
N THR E 284 -10.48 -44.50 -32.63
CA THR E 284 -9.26 -44.62 -33.42
C THR E 284 -8.41 -45.82 -33.00
N GLY E 285 -8.89 -46.63 -32.03
CA GLY E 285 -8.21 -47.88 -31.72
C GLY E 285 -7.25 -47.83 -30.52
N ALA E 286 -7.31 -46.79 -29.68
CA ALA E 286 -6.47 -46.78 -28.47
C ALA E 286 -7.16 -47.55 -27.32
N ILE E 287 -6.36 -48.12 -26.41
CA ILE E 287 -6.88 -48.59 -25.14
C ILE E 287 -7.21 -47.35 -24.30
N PRO E 288 -8.46 -47.16 -23.85
CA PRO E 288 -8.77 -46.00 -23.02
C PRO E 288 -8.09 -46.07 -21.63
N ALA E 289 -7.86 -44.89 -21.05
CA ALA E 289 -7.14 -44.75 -19.79
C ALA E 289 -7.81 -45.58 -18.69
N ALA E 290 -9.15 -45.58 -18.64
CA ALA E 290 -9.89 -46.33 -17.64
C ALA E 290 -9.54 -47.81 -17.70
N ALA E 291 -9.49 -48.37 -18.92
CA ALA E 291 -9.18 -49.79 -19.09
C ALA E 291 -7.75 -50.09 -18.63
N GLN E 292 -6.80 -49.22 -18.96
CA GLN E 292 -5.42 -49.34 -18.51
C GLN E 292 -5.36 -49.49 -16.98
N THR E 293 -6.13 -48.70 -16.23
CA THR E 293 -6.11 -48.76 -14.76
C THR E 293 -6.51 -50.15 -14.31
N TYR E 294 -7.58 -50.71 -14.85
CA TYR E 294 -8.02 -52.03 -14.44
C TYR E 294 -7.04 -53.13 -14.84
N MET E 295 -6.41 -52.96 -15.99
CA MET E 295 -5.44 -53.95 -16.46
C MET E 295 -4.19 -53.97 -15.60
N HIS E 296 -3.78 -52.80 -15.12
CA HIS E 296 -2.62 -52.73 -14.25
C HIS E 296 -2.92 -53.35 -12.90
N LEU E 297 -4.12 -53.11 -12.38
CA LEU E 297 -4.49 -53.75 -11.13
C LEU E 297 -4.58 -55.25 -11.30
N LEU E 298 -5.25 -55.71 -12.37
CA LEU E 298 -5.42 -57.14 -12.58
C LEU E 298 -4.05 -57.78 -12.78
N GLY E 299 -3.17 -57.09 -13.52
CA GLY E 299 -1.84 -57.59 -13.81
C GLY E 299 -1.03 -57.82 -12.54
N ARG E 300 -1.20 -56.99 -11.51
CA ARG E 300 -0.46 -57.23 -10.28
C ARG E 300 -0.98 -58.52 -9.65
N TRP E 301 -2.31 -58.76 -9.70
CA TRP E 301 -2.87 -59.96 -9.12
C TRP E 301 -2.41 -61.20 -9.88
N THR E 302 -2.48 -61.15 -11.23
CA THR E 302 -2.23 -62.36 -11.99
C THR E 302 -0.74 -62.70 -11.90
N ALA E 303 0.15 -61.69 -11.82
CA ALA E 303 1.57 -62.00 -11.64
C ALA E 303 1.77 -62.76 -10.33
N MET E 304 1.06 -62.36 -9.26
CA MET E 304 1.21 -63.03 -7.99
C MET E 304 0.62 -64.45 -8.10
N ALA E 305 -0.50 -64.60 -8.81
CA ALA E 305 -1.26 -65.85 -8.84
C ALA E 305 -0.76 -66.83 -9.91
N ALA E 306 0.29 -66.44 -10.68
CA ALA E 306 0.83 -67.22 -11.80
C ALA E 306 1.05 -68.69 -11.46
N PRO E 307 1.56 -69.10 -10.28
CA PRO E 307 1.74 -70.51 -9.98
C PRO E 307 0.47 -71.35 -10.13
N VAL E 308 -0.72 -70.73 -10.05
CA VAL E 308 -1.93 -71.53 -10.00
C VAL E 308 -2.92 -71.10 -11.08
N LEU E 309 -2.78 -69.89 -11.61
CA LEU E 309 -3.85 -69.34 -12.45
C LEU E 309 -4.01 -70.17 -13.73
N TYR E 310 -2.92 -70.67 -14.30
CA TYR E 310 -2.92 -71.38 -15.59
C TYR E 310 -3.25 -72.86 -15.39
N LYS E 311 -2.52 -73.53 -14.47
CA LYS E 311 -2.60 -74.97 -14.36
C LYS E 311 -3.60 -75.40 -13.30
N GLY E 312 -4.11 -74.47 -12.49
CA GLY E 312 -4.95 -74.87 -11.38
C GLY E 312 -6.30 -75.38 -11.88
N ARG E 313 -6.82 -76.43 -11.23
CA ARG E 313 -8.10 -77.00 -11.64
C ARG E 313 -8.97 -77.19 -10.41
N PRO E 314 -10.31 -77.19 -10.56
CA PRO E 314 -11.19 -77.49 -9.44
C PRO E 314 -10.93 -78.88 -8.87
N VAL E 315 -11.24 -79.07 -7.60
CA VAL E 315 -10.97 -80.36 -6.97
C VAL E 315 -12.06 -80.55 -5.93
N PRO E 316 -12.47 -81.78 -5.57
CA PRO E 316 -13.55 -81.96 -4.59
C PRO E 316 -13.10 -81.68 -3.14
N VAL E 317 -12.84 -80.42 -2.84
CA VAL E 317 -12.47 -79.95 -1.52
C VAL E 317 -13.36 -78.74 -1.27
N THR E 318 -14.15 -78.76 -0.20
CA THR E 318 -15.02 -77.64 0.06
C THR E 318 -14.50 -76.82 1.24
N SER E 319 -15.04 -75.62 1.42
CA SER E 319 -14.63 -74.75 2.51
C SER E 319 -15.68 -74.82 3.61
N ALA E 320 -15.31 -74.38 4.80
CA ALA E 320 -16.22 -74.36 5.93
C ALA E 320 -17.42 -73.44 5.68
N HIS E 321 -18.46 -73.69 6.49
CA HIS E 321 -19.67 -72.88 6.56
C HIS E 321 -19.35 -71.39 6.69
N GLY E 322 -19.95 -70.61 5.80
CA GLY E 322 -19.94 -69.15 5.88
C GLY E 322 -18.68 -68.51 5.27
N THR E 323 -17.82 -69.27 4.59
CA THR E 323 -16.70 -68.63 3.90
C THR E 323 -16.89 -68.85 2.40
N ARG E 324 -16.17 -68.09 1.59
CA ARG E 324 -16.25 -68.20 0.14
C ARG E 324 -14.93 -68.78 -0.38
N ASP E 325 -14.10 -69.33 0.52
CA ASP E 325 -12.77 -69.81 0.13
C ASP E 325 -12.92 -71.05 -0.76
N PHE E 326 -11.88 -71.36 -1.54
CA PHE E 326 -11.93 -72.53 -2.41
C PHE E 326 -10.51 -73.02 -2.67
N VAL E 327 -10.40 -74.20 -3.30
CA VAL E 327 -9.10 -74.83 -3.52
C VAL E 327 -8.89 -75.08 -5.01
N LEU E 328 -7.65 -74.90 -5.49
CA LEU E 328 -7.27 -75.26 -6.85
C LEU E 328 -6.10 -76.23 -6.77
N HIS E 329 -6.10 -77.20 -7.69
CA HIS E 329 -5.15 -78.32 -7.70
C HIS E 329 -4.25 -78.21 -8.93
N THR E 330 -2.93 -78.27 -8.72
CA THR E 330 -2.00 -78.56 -9.79
C THR E 330 -1.39 -79.94 -9.52
N SER E 331 -0.50 -80.41 -10.39
CA SER E 331 0.00 -81.77 -10.19
C SER E 331 0.95 -81.84 -9.00
N LYS E 332 1.64 -80.74 -8.67
CA LYS E 332 2.53 -80.75 -7.52
C LYS E 332 1.92 -80.16 -6.24
N HIS E 333 0.90 -79.27 -6.34
CA HIS E 333 0.43 -78.55 -5.16
C HIS E 333 -1.08 -78.38 -5.12
N ASP E 334 -1.61 -78.17 -3.91
CA ASP E 334 -2.91 -77.54 -3.76
C ASP E 334 -2.73 -76.09 -3.37
N PHE E 335 -3.73 -75.27 -3.70
CA PHE E 335 -3.66 -73.84 -3.40
C PHE E 335 -4.98 -73.44 -2.77
N LEU E 336 -4.88 -72.77 -1.61
CA LEU E 336 -6.07 -72.25 -0.95
C LEU E 336 -6.27 -70.80 -1.41
N CYS E 337 -7.43 -70.52 -1.99
CA CYS E 337 -7.81 -69.18 -2.42
C CYS E 337 -8.75 -68.61 -1.35
N ILE E 338 -8.28 -67.54 -0.69
CA ILE E 338 -8.94 -67.10 0.52
C ILE E 338 -9.43 -65.66 0.32
N LEU E 339 -10.74 -65.47 0.59
CA LEU E 339 -11.44 -64.21 0.38
C LEU E 339 -11.79 -63.56 1.72
N ASP E 340 -12.16 -62.26 1.68
CA ASP E 340 -12.69 -61.56 2.85
C ASP E 340 -11.62 -61.47 3.94
N LEU E 341 -10.36 -61.22 3.57
CA LEU E 341 -9.33 -60.95 4.56
C LEU E 341 -9.25 -59.45 4.80
N GLN E 342 -8.72 -59.05 5.96
CA GLN E 342 -8.49 -57.63 6.20
C GLN E 342 -7.01 -57.32 6.39
N VAL E 343 -6.70 -56.03 6.44
CA VAL E 343 -5.33 -55.56 6.64
C VAL E 343 -4.98 -55.66 8.13
N VAL E 344 -3.71 -55.95 8.42
CA VAL E 344 -3.21 -56.07 9.79
C VAL E 344 -2.58 -54.73 10.20
N GLY E 345 -3.13 -54.08 11.23
CA GLY E 345 -2.52 -52.91 11.88
C GLY E 345 -1.44 -53.29 12.89
N LYS E 346 -1.36 -52.54 13.99
CA LYS E 346 -0.36 -52.80 15.03
C LYS E 346 -0.79 -52.10 16.30
N ASP E 347 -0.61 -52.79 17.43
CA ASP E 347 -0.92 -52.28 18.76
C ASP E 347 -2.34 -51.71 18.79
N ASN E 348 -2.46 -50.39 18.97
CA ASN E 348 -3.74 -49.71 19.18
C ASN E 348 -4.40 -49.40 17.82
N VAL E 349 -3.66 -49.60 16.72
CA VAL E 349 -4.22 -49.42 15.38
C VAL E 349 -4.76 -50.76 14.88
N VAL E 350 -6.09 -50.89 14.96
CA VAL E 350 -6.78 -52.13 14.64
C VAL E 350 -7.46 -51.95 13.28
N LEU E 351 -7.03 -52.77 12.30
CA LEU E 351 -7.54 -52.63 10.94
C LEU E 351 -8.49 -53.78 10.56
N GLY E 352 -8.58 -54.75 11.45
CA GLY E 352 -9.43 -55.92 11.34
C GLY E 352 -8.86 -57.29 11.02
N GLY E 353 -7.63 -57.37 10.53
CA GLY E 353 -7.02 -58.64 10.24
C GLY E 353 -6.21 -59.26 11.34
N GLU E 354 -6.08 -58.59 12.47
CA GLU E 354 -5.17 -59.02 13.54
C GLU E 354 -5.43 -60.36 14.22
N GLY E 355 -6.68 -60.69 14.50
CA GLY E 355 -6.99 -61.88 15.25
C GLY E 355 -6.71 -63.18 14.53
N VAL E 356 -6.50 -64.26 15.25
CA VAL E 356 -6.40 -65.57 14.62
C VAL E 356 -7.68 -65.83 13.83
N ASN E 357 -7.51 -66.32 12.59
CA ASN E 357 -8.59 -66.36 11.61
C ASN E 357 -8.65 -67.77 11.02
N PRO E 358 -9.24 -68.74 11.75
CA PRO E 358 -9.24 -70.13 11.30
C PRO E 358 -10.16 -70.34 10.10
N ARG E 359 -9.57 -70.74 8.96
CA ARG E 359 -10.31 -71.07 7.74
C ARG E 359 -10.11 -72.56 7.49
N SER E 360 -11.23 -73.27 7.37
CA SER E 360 -11.22 -74.73 7.23
C SER E 360 -11.68 -75.17 5.84
N PHE E 361 -11.21 -76.37 5.46
CA PHE E 361 -11.47 -77.02 4.20
C PHE E 361 -11.67 -78.50 4.50
N VAL E 362 -12.55 -79.14 3.73
CA VAL E 362 -12.83 -80.55 3.89
C VAL E 362 -12.50 -81.24 2.56
N GLY E 363 -11.68 -82.30 2.61
CA GLY E 363 -11.36 -83.06 1.42
C GLY E 363 -9.86 -83.21 1.22
N ILE E 364 -9.05 -82.67 2.14
CA ILE E 364 -7.61 -82.87 2.05
C ILE E 364 -7.18 -83.99 2.99
N GLY E 365 -6.69 -85.09 2.41
CA GLY E 365 -6.46 -86.34 3.12
C GLY E 365 -4.98 -86.66 3.37
N GLN E 366 -4.06 -85.92 2.74
CA GLN E 366 -2.64 -86.16 2.80
C GLN E 366 -1.98 -85.26 3.85
N PRO E 367 -0.98 -85.73 4.61
CA PRO E 367 -0.28 -84.86 5.56
C PRO E 367 0.47 -83.73 4.86
N ILE E 368 0.44 -82.54 5.47
CA ILE E 368 0.99 -81.36 4.85
C ILE E 368 2.31 -81.04 5.53
N GLN E 369 3.29 -80.61 4.73
CA GLN E 369 4.54 -80.20 5.33
C GLN E 369 4.53 -78.69 5.63
N ARG E 370 4.09 -77.86 4.68
CA ARG E 370 4.18 -76.42 4.87
C ARG E 370 3.12 -75.73 4.01
N ILE E 371 2.60 -74.59 4.50
CA ILE E 371 1.67 -73.78 3.75
C ILE E 371 2.18 -72.33 3.82
N HIS E 372 2.18 -71.63 2.67
CA HIS E 372 2.70 -70.27 2.69
C HIS E 372 1.94 -69.38 1.70
N TRP E 373 1.80 -68.10 2.02
CA TRP E 373 1.16 -67.15 1.13
C TRP E 373 2.06 -66.88 -0.07
N LEU E 374 1.47 -66.78 -1.27
CA LEU E 374 2.23 -66.51 -2.48
C LEU E 374 2.76 -65.08 -2.47
N ASP E 375 2.05 -64.12 -1.86
CA ASP E 375 2.45 -62.73 -2.01
C ASP E 375 3.70 -62.40 -1.18
N ASN E 376 3.96 -63.05 -0.05
CA ASN E 376 5.09 -62.62 0.78
C ASN E 376 5.82 -63.80 1.41
N ASP E 377 5.44 -65.04 1.05
CA ASP E 377 6.11 -66.23 1.57
C ASP E 377 5.91 -66.48 3.07
N GLU E 378 5.00 -65.80 3.74
CA GLU E 378 4.80 -66.08 5.15
C GLU E 378 4.24 -67.50 5.31
N VAL E 379 4.79 -68.25 6.26
CA VAL E 379 4.38 -69.60 6.57
C VAL E 379 3.17 -69.54 7.52
N LEU E 380 2.15 -70.34 7.24
CA LEU E 380 0.92 -70.33 8.01
C LEU E 380 0.90 -71.50 8.99
N SER E 381 0.28 -71.31 10.15
CA SER E 381 0.06 -72.47 11.00
C SER E 381 -1.22 -73.16 10.57
N PHE E 382 -1.28 -74.49 10.80
CA PHE E 382 -2.43 -75.28 10.42
C PHE E 382 -2.54 -76.50 11.34
N THR E 383 -3.71 -77.13 11.35
CA THR E 383 -3.90 -78.44 11.94
C THR E 383 -4.68 -79.27 10.91
N GLN E 384 -4.53 -80.59 10.97
CA GLN E 384 -5.29 -81.50 10.13
C GLN E 384 -5.96 -82.55 10.99
N ASP E 385 -7.14 -82.98 10.55
CA ASP E 385 -7.70 -84.26 10.95
C ASP E 385 -7.75 -85.14 9.70
N LEU E 386 -6.78 -86.05 9.57
CA LEU E 386 -6.61 -86.83 8.36
C LEU E 386 -7.80 -87.77 8.11
N ASP E 387 -8.42 -88.30 9.16
CA ASP E 387 -9.53 -89.23 8.98
C ASP E 387 -10.74 -88.56 8.36
N LYS E 388 -11.05 -87.32 8.82
CA LYS E 388 -12.21 -86.60 8.32
C LYS E 388 -11.82 -85.67 7.15
N LYS E 389 -10.51 -85.60 6.85
CA LYS E 389 -9.96 -84.80 5.78
C LYS E 389 -10.22 -83.30 6.03
N VAL E 390 -9.98 -82.86 7.27
CA VAL E 390 -10.17 -81.46 7.61
C VAL E 390 -8.81 -80.79 7.68
N LEU E 391 -8.69 -79.63 7.03
CA LEU E 391 -7.56 -78.75 7.20
C LEU E 391 -8.06 -77.42 7.77
N THR E 392 -7.41 -76.94 8.83
CA THR E 392 -7.72 -75.62 9.35
C THR E 392 -6.43 -74.80 9.36
N VAL E 393 -6.46 -73.62 8.70
CA VAL E 393 -5.30 -72.75 8.62
C VAL E 393 -5.62 -71.47 9.39
N ASP E 394 -4.61 -70.85 10.00
CA ASP E 394 -4.79 -69.49 10.49
C ASP E 394 -4.45 -68.55 9.34
N ALA E 395 -5.49 -68.01 8.70
CA ALA E 395 -5.26 -67.18 7.51
C ALA E 395 -4.96 -65.75 7.96
N THR E 396 -3.67 -65.43 8.09
CA THR E 396 -3.30 -64.11 8.57
C THR E 396 -3.75 -63.04 7.57
N GLY E 397 -4.00 -61.82 8.08
CA GLY E 397 -4.45 -60.71 7.26
C GLY E 397 -3.31 -60.10 6.46
N TYR E 398 -3.61 -59.13 5.59
CA TYR E 398 -2.61 -58.58 4.70
C TYR E 398 -1.62 -57.72 5.49
N PRO E 399 -0.32 -57.74 5.13
CA PRO E 399 0.60 -56.72 5.63
C PRO E 399 0.06 -55.33 5.26
N TYR E 400 0.16 -54.41 6.23
CA TYR E 400 -0.24 -53.03 5.99
C TYR E 400 0.36 -52.59 4.66
N GLY E 401 -0.43 -51.87 3.86
CA GLY E 401 0.05 -51.36 2.59
C GLY E 401 -0.25 -52.28 1.42
N SER E 402 -0.87 -53.43 1.70
CA SER E 402 -1.21 -54.30 0.59
C SER E 402 -2.61 -54.91 0.82
N ASP E 403 -3.27 -55.32 -0.27
CA ASP E 403 -4.57 -55.98 -0.18
C ASP E 403 -4.84 -56.66 -1.53
N TRP E 404 -4.81 -58.00 -1.54
CA TRP E 404 -4.80 -58.77 -2.78
C TRP E 404 -6.20 -59.19 -3.20
N VAL E 405 -7.20 -58.97 -2.32
CA VAL E 405 -8.58 -59.28 -2.60
C VAL E 405 -8.81 -60.80 -2.53
N VAL E 406 -8.09 -61.56 -3.34
CA VAL E 406 -8.07 -63.00 -3.22
C VAL E 406 -6.65 -63.39 -2.88
N ARG E 407 -6.48 -64.06 -1.75
CA ARG E 407 -5.15 -64.40 -1.27
C ARG E 407 -4.92 -65.88 -1.47
N ILE E 408 -3.77 -66.23 -2.02
CA ILE E 408 -3.47 -67.61 -2.37
C ILE E 408 -2.37 -68.19 -1.50
N ALA E 409 -2.68 -69.29 -0.84
CA ALA E 409 -1.69 -70.02 -0.05
C ALA E 409 -1.34 -71.33 -0.78
N GLN E 410 -0.05 -71.59 -0.94
CA GLN E 410 0.40 -72.84 -1.57
C GLN E 410 0.63 -73.90 -0.49
N ILE E 411 0.07 -75.09 -0.72
CA ILE E 411 0.29 -76.23 0.15
C ILE E 411 1.42 -77.09 -0.40
N ASP E 412 2.42 -77.39 0.43
CA ASP E 412 3.48 -78.34 0.09
C ASP E 412 3.27 -79.60 0.92
N TYR E 413 3.06 -80.73 0.22
CA TYR E 413 2.80 -82.00 0.88
C TYR E 413 4.10 -82.65 1.32
N GLU E 414 3.97 -83.43 2.41
CA GLU E 414 5.01 -84.35 2.85
C GLU E 414 5.28 -85.36 1.71
N THR F 2 -28.31 -22.40 15.96
CA THR F 2 -28.83 -21.15 15.34
C THR F 2 -28.44 -21.13 13.86
N GLU F 3 -28.20 -19.93 13.31
CA GLU F 3 -27.85 -19.82 11.90
C GLU F 3 -26.34 -19.97 11.72
N PRO F 4 -25.88 -20.71 10.69
CA PRO F 4 -24.46 -20.85 10.43
C PRO F 4 -23.77 -19.52 10.15
N LEU F 5 -22.55 -19.36 10.69
CA LEU F 5 -21.70 -18.23 10.36
C LEU F 5 -21.48 -18.17 8.86
N PRO F 6 -21.34 -16.97 8.25
CA PRO F 6 -21.02 -16.87 6.83
C PRO F 6 -19.96 -17.86 6.34
N ARG F 7 -18.84 -18.01 7.05
CA ARG F 7 -17.75 -18.82 6.54
C ARG F 7 -18.18 -20.29 6.47
N ILE F 8 -19.07 -20.71 7.39
CA ILE F 8 -19.54 -22.08 7.44
C ILE F 8 -20.60 -22.35 6.36
N GLN F 9 -21.47 -21.37 6.12
CA GLN F 9 -22.37 -21.40 4.98
C GLN F 9 -21.58 -21.58 3.68
N HIS F 10 -20.49 -20.81 3.52
CA HIS F 10 -19.66 -20.91 2.34
C HIS F 10 -19.06 -22.32 2.26
N TYR F 11 -18.65 -22.86 3.42
CA TYR F 11 -18.08 -24.19 3.48
C TYR F 11 -19.08 -25.22 2.94
N GLU F 12 -20.33 -25.16 3.39
CA GLU F 12 -21.33 -26.14 2.99
C GLU F 12 -21.61 -26.06 1.48
N ASP F 13 -21.45 -24.87 0.89
CA ASP F 13 -21.62 -24.70 -0.55
C ASP F 13 -20.46 -25.31 -1.33
N LEU F 14 -19.34 -25.62 -0.67
CA LEU F 14 -18.21 -26.18 -1.39
C LEU F 14 -18.57 -27.59 -1.91
N GLY F 15 -19.28 -28.36 -1.09
CA GLY F 15 -19.82 -29.66 -1.49
C GLY F 15 -18.75 -30.76 -1.48
N LEU F 16 -17.79 -30.62 -2.42
CA LEU F 16 -16.82 -31.65 -2.67
C LEU F 16 -15.41 -31.07 -2.59
N GLY F 17 -14.53 -31.78 -1.88
CA GLY F 17 -13.12 -31.42 -1.93
C GLY F 17 -12.25 -32.63 -2.29
N LEU F 18 -11.03 -32.34 -2.69
CA LEU F 18 -10.03 -33.38 -2.91
C LEU F 18 -9.09 -33.42 -1.71
N PHE F 19 -8.90 -34.61 -1.14
CA PHE F 19 -7.91 -34.84 -0.09
C PHE F 19 -6.64 -35.37 -0.77
N ILE F 20 -5.46 -34.85 -0.39
CA ILE F 20 -4.22 -35.31 -1.00
C ILE F 20 -3.23 -35.71 0.09
N HIS F 21 -2.83 -36.99 0.07
CA HIS F 21 -1.81 -37.49 0.97
C HIS F 21 -0.50 -37.62 0.18
N TRP F 22 0.51 -36.92 0.69
CA TRP F 22 1.83 -36.96 0.11
C TRP F 22 2.85 -36.64 1.21
N GLY F 23 3.82 -37.53 1.38
CA GLY F 23 4.88 -37.33 2.33
C GLY F 23 6.06 -38.22 1.95
N LEU F 24 6.98 -38.41 2.89
CA LEU F 24 8.12 -39.28 2.62
C LEU F 24 7.62 -40.70 2.41
N TYR F 25 6.53 -41.11 3.12
CA TYR F 25 5.98 -42.45 3.00
C TYR F 25 5.68 -42.76 1.53
N SER F 26 5.41 -41.75 0.73
CA SER F 26 4.97 -41.96 -0.64
C SER F 26 6.00 -42.73 -1.45
N GLN F 27 7.28 -42.48 -1.18
CA GLN F 27 8.36 -43.17 -1.88
C GLN F 27 8.29 -44.68 -1.66
N MET F 28 7.95 -45.11 -0.45
CA MET F 28 7.75 -46.52 -0.13
C MET F 28 6.55 -47.16 -0.84
N ALA F 29 5.46 -46.43 -0.96
CA ALA F 29 4.24 -46.92 -1.59
C ALA F 29 3.63 -48.14 -0.90
N VAL F 30 3.71 -48.17 0.42
CA VAL F 30 3.09 -49.20 1.24
C VAL F 30 2.27 -48.54 2.36
N GLY F 31 1.61 -47.41 2.06
CA GLY F 31 0.71 -46.78 3.03
C GLY F 31 1.42 -45.74 3.91
N GLU F 32 0.68 -44.74 4.37
CA GLU F 32 1.24 -43.59 5.04
C GLU F 32 1.68 -43.93 6.47
N TRP F 33 1.15 -45.00 7.06
CA TRP F 33 1.56 -45.42 8.40
C TRP F 33 2.78 -46.33 8.41
N THR F 34 3.47 -46.46 7.28
CA THR F 34 4.50 -47.48 7.16
C THR F 34 5.56 -47.42 8.28
N GLU F 35 5.98 -46.21 8.70
CA GLU F 35 7.08 -46.10 9.64
C GLU F 35 6.75 -46.81 10.96
N LEU F 36 5.56 -46.55 11.50
CA LEU F 36 5.13 -47.19 12.73
C LEU F 36 4.73 -48.65 12.47
N ILE F 37 3.83 -48.89 11.50
CA ILE F 37 3.19 -50.19 11.41
C ILE F 37 4.18 -51.24 10.93
N HIS F 38 5.15 -50.86 10.09
CA HIS F 38 6.14 -51.84 9.69
C HIS F 38 7.37 -51.82 10.58
N HIS F 39 7.30 -51.13 11.75
CA HIS F 39 8.38 -51.08 12.75
C HIS F 39 9.72 -50.80 12.06
N ARG F 40 9.78 -49.73 11.26
CA ARG F 40 11.02 -49.40 10.58
C ARG F 40 11.98 -48.69 11.54
N ASN F 41 13.28 -48.80 11.25
CA ASN F 41 14.29 -48.00 11.90
C ASN F 41 14.05 -46.52 11.59
N GLN F 42 13.84 -45.70 12.62
CA GLN F 42 13.55 -44.28 12.43
C GLN F 42 14.65 -43.58 11.62
N HIS F 43 15.91 -43.81 12.00
CA HIS F 43 16.99 -43.12 11.32
C HIS F 43 16.93 -43.42 9.82
N ASP F 44 16.73 -44.69 9.47
CA ASP F 44 16.77 -45.14 8.07
C ASP F 44 15.58 -44.58 7.29
N TYR F 45 14.38 -44.62 7.90
CA TYR F 45 13.19 -44.06 7.30
C TYR F 45 13.37 -42.56 7.01
N GLU F 46 13.90 -41.82 7.99
CA GLU F 46 14.02 -40.37 7.84
C GLU F 46 15.04 -39.96 6.77
N GLN F 47 15.89 -40.90 6.33
CA GLN F 47 16.80 -40.64 5.21
C GLN F 47 16.02 -40.44 3.91
N LEU F 48 14.72 -40.81 3.89
CA LEU F 48 13.89 -40.58 2.71
C LEU F 48 13.85 -39.09 2.35
N ILE F 49 14.14 -38.18 3.31
CA ILE F 49 14.26 -36.76 3.01
C ILE F 49 15.30 -36.53 1.89
N LYS F 50 16.33 -37.36 1.82
CA LYS F 50 17.43 -37.10 0.88
C LYS F 50 17.00 -37.38 -0.56
N THR F 51 15.90 -38.14 -0.75
CA THR F 51 15.47 -38.44 -2.09
C THR F 51 14.09 -37.81 -2.36
N PHE F 52 13.67 -36.88 -1.49
CA PHE F 52 12.44 -36.13 -1.73
C PHE F 52 12.70 -34.97 -2.70
N THR F 53 12.60 -35.22 -4.02
CA THR F 53 12.93 -34.23 -5.03
C THR F 53 11.71 -33.41 -5.42
N ALA F 54 10.51 -33.96 -5.16
CA ALA F 54 9.26 -33.40 -5.68
C ALA F 54 9.34 -33.18 -7.19
N ALA F 55 10.08 -34.04 -7.90
CA ALA F 55 10.38 -33.76 -9.30
C ALA F 55 9.10 -33.74 -10.16
N GLN F 56 8.01 -34.36 -9.70
CA GLN F 56 6.86 -34.40 -10.58
C GLN F 56 5.65 -33.73 -9.93
N PHE F 57 5.92 -32.94 -8.89
CA PHE F 57 4.84 -32.20 -8.29
C PHE F 57 4.59 -30.93 -9.08
N ASP F 58 3.37 -30.80 -9.59
CA ASP F 58 2.98 -29.59 -10.30
C ASP F 58 1.66 -29.10 -9.69
N ALA F 59 1.72 -28.10 -8.83
CA ALA F 59 0.56 -27.64 -8.09
C ALA F 59 -0.53 -27.15 -9.03
N LYS F 60 -0.13 -26.60 -10.18
CA LYS F 60 -1.08 -26.11 -11.18
C LYS F 60 -1.87 -27.28 -11.76
N LYS F 61 -1.19 -28.40 -12.06
CA LYS F 61 -1.87 -29.58 -12.59
C LYS F 61 -2.83 -30.13 -11.54
N ILE F 62 -2.40 -30.14 -10.27
CA ILE F 62 -3.25 -30.65 -9.22
C ILE F 62 -4.48 -29.78 -9.06
N ALA F 63 -4.30 -28.45 -9.09
CA ALA F 63 -5.44 -27.55 -8.94
C ALA F 63 -6.38 -27.68 -10.14
N HIS F 64 -5.82 -27.90 -11.33
CA HIS F 64 -6.62 -28.08 -12.52
C HIS F 64 -7.47 -29.36 -12.43
N ALA F 65 -6.85 -30.45 -12.00
CA ALA F 65 -7.53 -31.72 -11.81
C ALA F 65 -8.65 -31.57 -10.79
N ALA F 66 -8.42 -30.84 -9.71
CA ALA F 66 -9.46 -30.60 -8.72
C ALA F 66 -10.63 -29.83 -9.34
N LYS F 67 -10.31 -28.83 -10.13
CA LYS F 67 -11.33 -28.01 -10.76
C LYS F 67 -12.14 -28.91 -11.70
N ALA F 68 -11.46 -29.75 -12.49
CA ALA F 68 -12.12 -30.60 -13.46
C ALA F 68 -13.02 -31.62 -12.77
N VAL F 69 -12.66 -32.07 -11.54
CA VAL F 69 -13.46 -33.08 -10.90
C VAL F 69 -14.66 -32.44 -10.20
N GLY F 70 -14.71 -31.09 -10.17
CA GLY F 70 -15.82 -30.38 -9.54
C GLY F 70 -15.57 -30.10 -8.06
N ALA F 71 -14.33 -30.31 -7.58
CA ALA F 71 -14.00 -29.99 -6.20
C ALA F 71 -13.87 -28.47 -6.07
N LYS F 72 -14.17 -27.95 -4.88
CA LYS F 72 -14.09 -26.51 -4.66
C LYS F 72 -13.04 -26.21 -3.58
N TYR F 73 -12.43 -27.26 -3.00
CA TYR F 73 -11.31 -27.07 -2.10
C TYR F 73 -10.43 -28.30 -2.14
N ILE F 74 -9.20 -28.17 -1.63
CA ILE F 74 -8.23 -29.23 -1.55
C ILE F 74 -7.61 -29.20 -0.15
N VAL F 75 -7.57 -30.38 0.49
CA VAL F 75 -6.91 -30.57 1.76
C VAL F 75 -5.61 -31.30 1.46
N LEU F 76 -4.47 -30.63 1.68
CA LEU F 76 -3.17 -31.21 1.47
C LEU F 76 -2.50 -31.53 2.81
N THR F 77 -1.87 -32.71 2.90
CA THR F 77 -1.11 -33.08 4.09
C THR F 77 0.14 -32.17 4.17
N THR F 78 0.16 -31.21 5.12
CA THR F 78 1.33 -30.35 5.24
C THR F 78 2.36 -31.00 6.16
N LYS F 79 1.87 -31.84 7.11
CA LYS F 79 2.71 -32.66 7.95
C LYS F 79 1.87 -33.83 8.46
N HIS F 80 2.31 -35.07 8.18
CA HIS F 80 1.60 -36.27 8.60
C HIS F 80 2.28 -36.81 9.87
N HIS F 81 1.85 -37.99 10.37
CA HIS F 81 2.43 -38.55 11.57
C HIS F 81 3.95 -38.66 11.48
N GLU F 82 4.49 -38.96 10.29
CA GLU F 82 5.92 -39.12 10.14
C GLU F 82 6.64 -37.82 10.53
N GLY F 83 5.92 -36.70 10.51
CA GLY F 83 6.40 -35.45 11.09
C GLY F 83 7.27 -34.63 10.16
N PHE F 84 7.29 -34.99 8.86
CA PHE F 84 8.02 -34.21 7.86
C PHE F 84 7.14 -33.09 7.30
N PHE F 85 7.69 -31.86 7.19
CA PHE F 85 6.89 -30.71 6.79
C PHE F 85 7.10 -30.38 5.32
N LEU F 86 6.00 -30.15 4.60
CA LEU F 86 6.08 -29.89 3.17
C LEU F 86 6.24 -28.39 2.91
N TYR F 87 6.53 -27.61 3.96
CA TYR F 87 6.75 -26.20 3.80
C TYR F 87 7.97 -25.74 4.60
N ASP F 88 8.34 -24.48 4.43
CA ASP F 88 9.50 -23.89 5.11
C ASP F 88 9.10 -23.56 6.54
N THR F 89 9.65 -24.29 7.51
CA THR F 89 9.25 -24.06 8.89
C THR F 89 10.02 -22.90 9.53
N LYS F 90 10.88 -22.23 8.75
CA LYS F 90 11.53 -20.98 9.17
C LYS F 90 12.33 -21.21 10.45
N GLY F 91 13.07 -22.33 10.51
CA GLY F 91 13.90 -22.56 11.68
C GLY F 91 13.26 -23.48 12.71
N LEU F 92 11.96 -23.78 12.63
CA LEU F 92 11.41 -24.66 13.65
C LEU F 92 12.01 -26.07 13.57
N SER F 93 12.29 -26.55 12.35
CA SER F 93 12.71 -27.94 12.19
C SER F 93 13.58 -28.05 10.94
N ASP F 94 14.55 -28.96 10.94
CA ASP F 94 15.32 -29.29 9.76
C ASP F 94 14.67 -30.40 8.95
N PHE F 95 13.59 -30.99 9.48
CA PHE F 95 12.94 -32.09 8.79
C PHE F 95 11.82 -31.50 7.94
N ASP F 96 12.20 -30.71 6.92
CA ASP F 96 11.23 -30.01 6.12
C ASP F 96 11.75 -29.93 4.70
N VAL F 97 10.89 -29.45 3.79
CA VAL F 97 11.18 -29.57 2.37
C VAL F 97 12.37 -28.67 1.98
N MET F 98 12.68 -27.65 2.80
CA MET F 98 13.81 -26.77 2.48
C MET F 98 15.13 -27.49 2.73
N HIS F 99 15.12 -28.59 3.49
CA HIS F 99 16.31 -29.39 3.70
C HIS F 99 16.32 -30.65 2.84
N ALA F 100 15.42 -30.71 1.85
CA ALA F 100 15.37 -31.84 0.95
C ALA F 100 15.87 -31.33 -0.40
N PRO F 101 16.28 -32.21 -1.33
CA PRO F 101 16.65 -31.75 -2.67
C PRO F 101 15.60 -30.90 -3.36
N ALA F 102 14.32 -31.07 -3.04
CA ALA F 102 13.25 -30.27 -3.64
C ALA F 102 13.56 -28.78 -3.51
N ARG F 103 13.89 -28.34 -2.28
CA ARG F 103 14.25 -26.96 -1.97
C ARG F 103 13.20 -25.99 -2.48
N ARG F 104 11.93 -26.32 -2.28
CA ARG F 104 10.82 -25.50 -2.74
C ARG F 104 9.78 -25.55 -1.65
N ASP F 105 9.18 -24.40 -1.33
CA ASP F 105 8.06 -24.39 -0.41
C ASP F 105 6.81 -24.85 -1.15
N LEU F 106 6.43 -26.13 -0.94
CA LEU F 106 5.39 -26.77 -1.74
C LEU F 106 4.05 -26.20 -1.34
N ILE F 107 3.89 -25.85 -0.05
CA ILE F 107 2.68 -25.20 0.39
C ILE F 107 2.50 -23.85 -0.33
N ALA F 108 3.59 -23.11 -0.59
CA ALA F 108 3.47 -21.83 -1.29
C ALA F 108 2.95 -22.05 -2.70
N GLU F 109 3.51 -23.06 -3.39
CA GLU F 109 3.10 -23.41 -4.74
C GLU F 109 1.62 -23.81 -4.72
N PHE F 110 1.23 -24.58 -3.69
CA PHE F 110 -0.12 -25.11 -3.58
C PHE F 110 -1.14 -23.98 -3.44
N VAL F 111 -0.85 -23.04 -2.53
CA VAL F 111 -1.75 -21.94 -2.26
C VAL F 111 -1.91 -21.06 -3.51
N ALA F 112 -0.80 -20.79 -4.22
CA ALA F 112 -0.88 -19.95 -5.42
C ALA F 112 -1.74 -20.65 -6.47
N ALA F 113 -1.55 -21.97 -6.61
CA ALA F 113 -2.28 -22.73 -7.63
C ALA F 113 -3.77 -22.76 -7.28
N CYS F 114 -4.11 -22.89 -5.98
CA CYS F 114 -5.51 -22.91 -5.59
C CYS F 114 -6.16 -21.57 -5.91
N ARG F 115 -5.48 -20.46 -5.62
CA ARG F 115 -6.04 -19.14 -5.84
C ARG F 115 -6.35 -18.91 -7.32
N GLU F 116 -5.44 -19.32 -8.20
CA GLU F 116 -5.67 -19.13 -9.62
C GLU F 116 -6.89 -19.89 -10.11
N GLU F 117 -7.28 -20.98 -9.43
CA GLU F 117 -8.38 -21.81 -9.88
C GLU F 117 -9.61 -21.54 -9.03
N ASP F 118 -9.52 -20.57 -8.11
CA ASP F 118 -10.65 -20.28 -7.25
C ASP F 118 -11.00 -21.46 -6.32
N LEU F 119 -9.97 -22.19 -5.86
CA LEU F 119 -10.18 -23.25 -4.91
C LEU F 119 -9.71 -22.75 -3.55
N LEU F 120 -10.36 -23.22 -2.48
CA LEU F 120 -9.88 -22.94 -1.14
C LEU F 120 -8.77 -23.92 -0.77
N PRO F 121 -7.56 -23.44 -0.37
CA PRO F 121 -6.54 -24.32 0.16
C PRO F 121 -6.76 -24.64 1.64
N PHE F 122 -6.73 -25.92 1.98
CA PHE F 122 -6.85 -26.36 3.35
C PHE F 122 -5.59 -27.14 3.71
N PHE F 123 -5.16 -27.00 4.97
CA PHE F 123 -3.94 -27.65 5.40
C PHE F 123 -4.26 -28.71 6.44
N TYR F 124 -3.93 -29.97 6.09
CA TYR F 124 -4.02 -31.03 7.06
C TYR F 124 -2.76 -30.97 7.93
N MET F 125 -2.96 -31.18 9.24
CA MET F 125 -1.86 -31.20 10.18
C MET F 125 -2.11 -32.33 11.17
N ALA F 126 -1.16 -33.28 11.25
CA ALA F 126 -1.26 -34.34 12.25
C ALA F 126 -0.79 -33.85 13.63
N THR F 127 -1.56 -34.16 14.68
CA THR F 127 -1.13 -33.77 16.00
C THR F 127 -0.34 -34.89 16.67
N TYR F 128 -0.59 -36.14 16.29
CA TYR F 128 0.24 -37.24 16.73
C TYR F 128 1.49 -37.31 15.85
N ASP F 129 2.67 -37.10 16.45
CA ASP F 129 3.88 -36.86 15.67
C ASP F 129 4.94 -37.88 16.09
N TRP F 130 5.54 -38.61 15.14
CA TRP F 130 6.51 -39.66 15.42
C TRP F 130 7.94 -39.12 15.29
N HIS F 131 8.11 -37.88 14.80
CA HIS F 131 9.46 -37.40 14.53
C HIS F 131 10.10 -36.76 15.76
N THR F 132 9.42 -35.76 16.35
CA THR F 132 10.00 -34.98 17.42
C THR F 132 9.92 -35.75 18.73
N PRO F 133 11.06 -35.92 19.43
CA PRO F 133 11.04 -36.57 20.74
C PRO F 133 10.23 -35.81 21.78
N LEU F 134 9.92 -34.54 21.52
CA LEU F 134 9.13 -33.74 22.45
C LEU F 134 7.79 -34.44 22.71
N TYR F 135 7.25 -35.13 21.68
CA TYR F 135 5.90 -35.69 21.78
C TYR F 135 5.82 -36.59 23.03
N ASP F 136 6.81 -37.47 23.22
CA ASP F 136 6.81 -38.36 24.37
C ASP F 136 7.54 -37.77 25.58
N ASP F 137 8.61 -36.98 25.35
CA ASP F 137 9.58 -36.63 26.39
C ASP F 137 9.24 -35.32 27.07
N ASP F 138 8.48 -34.43 26.43
CA ASP F 138 8.20 -33.12 26.96
C ASP F 138 6.95 -32.56 26.28
N PHE F 139 5.79 -33.08 26.73
CA PHE F 139 4.55 -32.82 26.03
C PHE F 139 4.24 -31.33 25.96
N PRO F 140 4.40 -30.55 27.06
CA PRO F 140 4.19 -29.10 27.00
C PRO F 140 5.02 -28.41 25.92
N ALA F 141 6.28 -28.84 25.75
CA ALA F 141 7.11 -28.27 24.70
C ALA F 141 6.62 -28.73 23.31
N TYR F 142 6.03 -29.94 23.22
CA TYR F 142 5.42 -30.44 22.00
C TYR F 142 4.29 -29.50 21.56
N LEU F 143 3.41 -29.15 22.50
CA LEU F 143 2.33 -28.23 22.21
C LEU F 143 2.84 -26.91 21.64
N THR F 144 4.00 -26.45 22.14
CA THR F 144 4.58 -25.20 21.66
C THR F 144 5.03 -25.38 20.20
N TYR F 145 5.66 -26.55 19.95
CA TYR F 145 6.16 -26.86 18.61
C TYR F 145 4.99 -26.99 17.63
N LEU F 146 3.95 -27.71 18.04
CA LEU F 146 2.77 -27.90 17.21
C LEU F 146 2.19 -26.53 16.88
N GLN F 147 2.03 -25.71 17.92
CA GLN F 147 1.41 -24.40 17.74
C GLN F 147 2.25 -23.51 16.85
N LYS F 148 3.57 -23.59 17.00
CA LYS F 148 4.43 -22.79 16.13
C LYS F 148 4.32 -23.24 14.68
N SER F 149 4.20 -24.57 14.45
CA SER F 149 4.11 -25.07 13.09
C SER F 149 2.81 -24.59 12.43
N VAL F 150 1.73 -24.50 13.21
CA VAL F 150 0.50 -23.96 12.68
C VAL F 150 0.60 -22.46 12.44
N GLU F 151 1.29 -21.77 13.36
CA GLU F 151 1.47 -20.33 13.24
C GLU F 151 2.19 -19.95 11.94
N VAL F 152 3.22 -20.73 11.55
CA VAL F 152 3.88 -20.47 10.27
C VAL F 152 2.87 -20.52 9.12
N LEU F 153 1.99 -21.50 9.14
CA LEU F 153 1.00 -21.66 8.10
C LEU F 153 0.02 -20.51 8.05
N CYS F 154 -0.33 -20.01 9.21
CA CYS F 154 -1.19 -18.86 9.41
C CYS F 154 -0.64 -17.54 8.92
N ARG F 155 0.66 -17.37 9.01
CA ARG F 155 1.25 -16.08 8.72
C ARG F 155 2.01 -15.92 7.42
N ASN F 156 2.30 -17.00 6.73
CA ASN F 156 3.18 -16.91 5.58
C ASN F 156 2.58 -17.19 4.24
N TYR F 157 1.30 -17.49 4.20
CA TYR F 157 0.68 -17.85 2.95
C TYR F 157 -0.54 -17.05 2.52
N GLY F 158 -0.83 -15.97 3.22
CA GLY F 158 -2.02 -15.19 2.93
C GLY F 158 -3.25 -15.86 3.55
N PRO F 159 -4.49 -15.47 3.16
CA PRO F 159 -5.70 -16.10 3.69
C PRO F 159 -5.81 -17.57 3.27
N VAL F 160 -6.12 -18.43 4.23
CA VAL F 160 -6.17 -19.85 3.92
C VAL F 160 -7.59 -20.32 4.14
N GLY F 161 -8.02 -21.31 3.34
CA GLY F 161 -9.40 -21.74 3.41
C GLY F 161 -9.68 -22.41 4.75
N GLY F 162 -8.73 -23.21 5.24
CA GLY F 162 -8.96 -23.84 6.52
C GLY F 162 -7.86 -24.78 6.94
N PHE F 163 -8.06 -25.39 8.10
CA PHE F 163 -7.14 -26.31 8.73
C PHE F 163 -7.92 -27.58 9.01
N TRP F 164 -7.24 -28.71 8.80
CA TRP F 164 -7.83 -30.00 8.98
C TRP F 164 -6.97 -30.74 10.01
N PHE F 165 -7.47 -30.77 11.24
CA PHE F 165 -6.67 -31.27 12.34
C PHE F 165 -6.96 -32.74 12.58
N ASP F 166 -5.91 -33.54 12.54
CA ASP F 166 -6.08 -34.94 12.81
C ASP F 166 -5.62 -35.25 14.23
N GLY F 167 -6.59 -35.41 15.14
CA GLY F 167 -6.35 -35.56 16.57
C GLY F 167 -6.50 -37.01 17.06
N ASN F 168 -6.53 -37.97 16.11
CA ASN F 168 -6.67 -39.39 16.42
C ASN F 168 -5.36 -39.96 16.94
N TRP F 169 -5.46 -41.08 17.68
CA TRP F 169 -4.32 -41.87 18.16
C TRP F 169 -3.51 -41.16 19.26
N ASN F 170 -4.10 -40.10 19.78
CA ASN F 170 -3.45 -39.29 20.77
C ASN F 170 -3.42 -39.88 22.16
N LYS F 171 -2.56 -39.30 22.98
CA LYS F 171 -2.47 -39.68 24.36
C LYS F 171 -3.81 -39.32 24.94
N LYS F 172 -4.33 -40.18 25.80
CA LYS F 172 -5.69 -40.05 26.25
C LYS F 172 -5.83 -39.22 27.51
N ASP F 173 -6.79 -38.30 27.48
CA ASP F 173 -7.05 -37.46 28.63
C ASP F 173 -6.01 -36.36 28.79
N ALA F 174 -5.21 -36.15 27.76
CA ALA F 174 -4.18 -35.10 27.77
C ALA F 174 -4.81 -33.74 27.51
N ASP F 175 -4.22 -32.68 28.07
CA ASP F 175 -4.73 -31.34 27.83
C ASP F 175 -4.00 -30.79 26.60
N TRP F 176 -4.75 -30.59 25.50
CA TRP F 176 -4.20 -30.18 24.23
C TRP F 176 -4.13 -28.67 24.09
N HIS F 177 -4.71 -27.93 25.06
CA HIS F 177 -4.70 -26.48 25.02
C HIS F 177 -5.32 -26.01 23.71
N LEU F 178 -6.53 -26.49 23.43
CA LEU F 178 -7.20 -26.15 22.19
C LEU F 178 -7.56 -24.67 22.14
N PRO F 179 -8.02 -24.05 23.26
CA PRO F 179 -8.33 -22.62 23.26
C PRO F 179 -7.18 -21.77 22.72
N GLU F 180 -5.95 -22.14 23.10
CA GLU F 180 -4.79 -21.36 22.69
C GLU F 180 -4.45 -21.63 21.23
N LEU F 181 -4.52 -22.91 20.80
CA LEU F 181 -4.20 -23.28 19.43
C LEU F 181 -5.19 -22.62 18.46
N TYR F 182 -6.49 -22.84 18.72
CA TYR F 182 -7.51 -22.34 17.81
C TYR F 182 -7.65 -20.84 17.95
N GLY F 183 -7.39 -20.31 19.13
CA GLY F 183 -7.41 -18.88 19.35
C GLY F 183 -6.35 -18.20 18.54
N MET F 184 -5.18 -18.81 18.49
CA MET F 184 -4.09 -18.30 17.70
C MET F 184 -4.48 -18.28 16.22
N ILE F 185 -5.07 -19.35 15.74
CA ILE F 185 -5.51 -19.41 14.36
C ILE F 185 -6.57 -18.36 14.12
N ARG F 186 -7.47 -18.23 15.06
CA ARG F 186 -8.57 -17.32 14.91
C ARG F 186 -8.01 -15.91 14.81
N HIS F 187 -6.98 -15.63 15.59
CA HIS F 187 -6.36 -14.33 15.51
C HIS F 187 -5.69 -14.03 14.15
N TYR F 188 -4.87 -14.92 13.66
CA TYR F 188 -4.23 -14.75 12.36
C TYR F 188 -5.14 -14.93 11.13
N GLN F 189 -6.05 -15.88 11.24
CA GLN F 189 -6.90 -16.27 10.14
C GLN F 189 -8.34 -16.31 10.57
N PRO F 190 -8.95 -15.15 10.77
CA PRO F 190 -10.33 -15.11 11.28
C PRO F 190 -11.31 -15.90 10.39
N ASN F 191 -11.05 -15.93 9.09
CA ASN F 191 -11.98 -16.51 8.14
C ASN F 191 -11.70 -18.00 7.83
N ALA F 192 -10.69 -18.61 8.48
CA ALA F 192 -10.33 -20.00 8.20
C ALA F 192 -11.39 -20.96 8.74
N ILE F 193 -11.68 -22.03 8.00
CA ILE F 193 -12.52 -23.09 8.54
C ILE F 193 -11.63 -24.02 9.36
N ILE F 194 -12.02 -24.29 10.59
CA ILE F 194 -11.28 -25.26 11.38
C ILE F 194 -12.06 -26.57 11.40
N VAL F 195 -11.44 -27.63 10.85
CA VAL F 195 -12.04 -28.95 10.80
C VAL F 195 -11.28 -29.81 11.78
N SER F 196 -12.02 -30.59 12.57
CA SER F 196 -11.40 -31.51 13.51
C SER F 196 -11.97 -32.92 13.32
N ASN F 197 -11.08 -33.92 13.22
CA ASN F 197 -11.60 -35.29 13.13
C ASN F 197 -11.84 -35.89 14.52
N THR F 198 -11.69 -35.10 15.58
CA THR F 198 -12.17 -35.49 16.90
C THR F 198 -12.91 -34.29 17.50
N GLY F 199 -13.76 -33.65 16.69
CA GLY F 199 -14.45 -32.42 17.08
C GLY F 199 -15.61 -32.63 18.05
N LEU F 200 -16.11 -33.88 18.18
CA LEU F 200 -17.08 -34.27 19.21
C LEU F 200 -16.36 -34.99 20.37
N LYS F 201 -16.57 -34.50 21.59
CA LYS F 201 -16.05 -35.13 22.80
C LYS F 201 -17.21 -35.91 23.48
N GLN F 205 -21.48 -32.69 22.22
CA GLN F 205 -20.63 -31.56 22.71
C GLN F 205 -19.31 -31.47 21.93
N VAL F 206 -19.03 -30.26 21.41
CA VAL F 206 -17.85 -30.00 20.57
C VAL F 206 -16.60 -29.93 21.45
N SER F 207 -15.44 -30.17 20.86
CA SER F 207 -14.23 -30.22 21.67
C SER F 207 -13.69 -28.82 21.95
N ASP F 208 -14.18 -27.82 21.21
CA ASP F 208 -13.80 -26.44 21.43
C ASP F 208 -14.75 -25.54 20.64
N PRO F 209 -15.17 -24.40 21.22
CA PRO F 209 -16.04 -23.46 20.51
C PRO F 209 -15.56 -23.05 19.12
N GLU F 210 -14.24 -23.10 18.88
CA GLU F 210 -13.71 -22.54 17.63
C GLU F 210 -13.81 -23.52 16.45
N ILE F 211 -14.13 -24.78 16.73
CA ILE F 211 -14.32 -25.77 15.67
C ILE F 211 -15.52 -25.40 14.81
N ASP F 212 -15.31 -25.40 13.50
CA ASP F 212 -16.32 -25.09 12.52
C ASP F 212 -16.95 -26.31 11.86
N VAL F 213 -16.19 -27.37 11.74
CA VAL F 213 -16.63 -28.58 11.07
C VAL F 213 -16.16 -29.81 11.82
N VAL F 214 -16.99 -30.82 11.87
CA VAL F 214 -16.64 -32.09 12.43
C VAL F 214 -16.71 -33.14 11.34
N THR F 215 -15.93 -34.18 11.48
CA THR F 215 -15.94 -35.30 10.56
C THR F 215 -16.81 -36.45 11.01
N TYR F 216 -17.22 -37.26 10.06
CA TYR F 216 -18.12 -38.34 10.35
C TYR F 216 -17.81 -39.53 9.47
N GLU F 217 -18.26 -40.71 9.89
CA GLU F 217 -18.07 -41.94 9.14
C GLU F 217 -18.86 -41.88 7.87
N ARG F 218 -18.28 -42.35 6.79
CA ARG F 218 -18.88 -42.19 5.49
C ARG F 218 -20.20 -42.91 5.39
N ARG F 219 -20.42 -43.81 6.33
CA ARG F 219 -21.61 -44.62 6.31
C ARG F 219 -22.74 -44.07 7.17
N THR F 220 -22.59 -42.87 7.71
CA THR F 220 -23.60 -42.37 8.61
C THR F 220 -24.93 -42.37 7.85
N PRO F 221 -25.93 -43.05 8.39
CA PRO F 221 -27.25 -43.19 7.73
C PRO F 221 -28.06 -41.90 7.54
N ASP F 222 -28.06 -41.05 8.56
CA ASP F 222 -29.01 -39.97 8.75
C ASP F 222 -28.28 -38.66 8.87
N GLU F 223 -29.00 -37.56 8.71
CA GLU F 223 -28.37 -36.25 8.76
C GLU F 223 -27.56 -36.11 10.04
N ILE F 224 -26.48 -35.37 9.92
CA ILE F 224 -25.43 -35.22 10.92
C ILE F 224 -25.71 -34.24 12.06
N TYR F 225 -24.86 -34.25 13.08
CA TYR F 225 -24.98 -33.37 14.24
C TYR F 225 -24.51 -31.95 13.96
N HIS F 226 -25.41 -30.98 14.09
CA HIS F 226 -25.06 -29.59 13.81
C HIS F 226 -24.83 -28.70 15.03
N GLY F 227 -24.70 -29.31 16.20
CA GLY F 227 -24.41 -28.57 17.41
C GLY F 227 -25.53 -28.37 18.43
N ALA F 228 -25.10 -28.03 19.64
CA ALA F 228 -25.99 -27.90 20.79
C ALA F 228 -27.01 -26.81 20.63
N PRO F 229 -28.20 -27.00 21.18
CA PRO F 229 -29.25 -25.99 21.04
C PRO F 229 -28.81 -24.68 21.66
N ASN F 230 -29.09 -23.57 20.99
CA ASN F 230 -28.66 -22.27 21.48
C ASN F 230 -27.17 -22.09 21.36
N GLU F 231 -26.57 -22.89 20.49
CA GLU F 231 -25.12 -22.97 20.35
C GLU F 231 -24.72 -22.83 18.91
N LYS F 232 -23.44 -22.64 18.69
CA LYS F 232 -22.90 -22.40 17.37
C LYS F 232 -23.19 -23.58 16.46
N TYR F 233 -23.62 -23.28 15.25
CA TYR F 233 -23.84 -24.32 14.27
C TYR F 233 -22.50 -24.83 13.72
N VAL F 234 -22.32 -26.16 13.70
CA VAL F 234 -21.12 -26.74 13.13
C VAL F 234 -21.51 -27.62 11.93
N ALA F 235 -20.75 -27.50 10.84
CA ALA F 235 -20.97 -28.34 9.68
C ALA F 235 -20.36 -29.72 9.85
N GLY F 236 -20.55 -30.60 8.85
CA GLY F 236 -20.04 -31.96 8.87
C GLY F 236 -19.38 -32.34 7.55
N GLU F 237 -18.51 -33.35 7.59
CA GLU F 237 -17.77 -33.74 6.40
C GLU F 237 -17.46 -35.23 6.52
N ILE F 238 -17.60 -35.96 5.40
CA ILE F 238 -17.12 -37.33 5.36
C ILE F 238 -15.99 -37.43 4.33
N SER F 239 -15.26 -38.53 4.37
CA SER F 239 -14.07 -38.77 3.56
C SER F 239 -14.15 -40.17 2.96
N ILE F 240 -13.61 -40.32 1.77
CA ILE F 240 -13.50 -41.66 1.20
C ILE F 240 -12.14 -41.75 0.53
N THR F 241 -11.47 -42.89 0.74
CA THR F 241 -10.27 -43.16 -0.01
C THR F 241 -10.60 -44.23 -1.05
N LEU F 242 -9.84 -44.26 -2.16
CA LEU F 242 -10.24 -45.12 -3.27
C LEU F 242 -9.98 -46.60 -2.99
N ASN F 243 -8.89 -46.94 -2.29
CA ASN F 243 -8.63 -48.29 -1.84
C ASN F 243 -8.68 -48.30 -0.31
N GLN F 244 -7.83 -49.10 0.34
CA GLN F 244 -7.87 -49.21 1.79
C GLN F 244 -6.90 -48.23 2.46
N HIS F 245 -6.03 -47.55 1.71
CA HIS F 245 -4.98 -46.71 2.27
C HIS F 245 -5.15 -45.27 1.83
N TRP F 246 -4.58 -44.33 2.60
CA TRP F 246 -4.68 -42.91 2.26
C TRP F 246 -3.46 -42.46 1.45
N GLY F 247 -2.25 -42.76 1.92
CA GLY F 247 -1.08 -42.61 1.06
C GLY F 247 -1.08 -43.73 0.02
N ILE F 248 -0.26 -43.55 -1.02
CA ILE F 248 -0.23 -44.51 -2.12
C ILE F 248 0.21 -45.87 -1.60
N ALA F 249 -0.38 -46.92 -2.16
CA ALA F 249 -0.13 -48.30 -1.74
C ALA F 249 -0.25 -49.18 -2.97
N ALA F 250 0.90 -49.47 -3.59
CA ALA F 250 0.99 -50.04 -4.93
C ALA F 250 0.30 -51.42 -5.00
N ASN F 251 0.41 -52.24 -3.93
CA ASN F 251 -0.20 -53.55 -3.96
C ASN F 251 -1.50 -53.62 -3.19
N ASP F 252 -2.14 -52.47 -2.99
CA ASP F 252 -3.52 -52.49 -2.53
C ASP F 252 -4.43 -52.46 -3.77
N LEU F 253 -5.01 -53.60 -4.12
CA LEU F 253 -5.82 -53.77 -5.34
C LEU F 253 -7.28 -53.60 -4.97
N ASN F 254 -7.58 -53.41 -3.67
CA ASN F 254 -8.94 -53.46 -3.20
C ASN F 254 -9.58 -52.06 -3.38
N TYR F 255 -9.68 -51.61 -4.64
CA TYR F 255 -10.35 -50.36 -4.95
C TYR F 255 -11.85 -50.54 -4.91
N LYS F 256 -12.55 -49.48 -4.46
CA LYS F 256 -13.99 -49.39 -4.53
C LYS F 256 -14.41 -49.17 -5.99
N SER F 257 -15.66 -49.51 -6.32
CA SER F 257 -16.14 -49.19 -7.65
C SER F 257 -16.32 -47.69 -7.82
N PRO F 258 -16.10 -47.17 -9.04
CA PRO F 258 -16.54 -45.81 -9.37
C PRO F 258 -18.00 -45.54 -8.97
N ALA F 259 -18.86 -46.56 -9.15
CA ALA F 259 -20.26 -46.41 -8.77
C ALA F 259 -20.41 -46.11 -7.27
N GLU F 260 -19.70 -46.85 -6.43
CA GLU F 260 -19.78 -46.61 -4.99
C GLU F 260 -19.28 -45.20 -4.65
N MET F 261 -18.22 -44.74 -5.35
CA MET F 261 -17.71 -43.40 -5.16
C MET F 261 -18.79 -42.35 -5.43
N ILE F 262 -19.49 -42.50 -6.58
CA ILE F 262 -20.55 -41.57 -6.92
C ILE F 262 -21.67 -41.63 -5.89
N GLU F 263 -22.07 -42.85 -5.50
CA GLU F 263 -23.11 -42.98 -4.48
C GLU F 263 -22.71 -42.32 -3.16
N THR F 264 -21.41 -42.36 -2.82
CA THR F 264 -20.95 -41.79 -1.55
C THR F 264 -21.04 -40.27 -1.61
N VAL F 265 -20.68 -39.71 -2.74
CA VAL F 265 -20.73 -38.29 -2.91
C VAL F 265 -22.16 -37.83 -2.78
N ALA F 266 -23.07 -38.53 -3.41
CA ALA F 266 -24.47 -38.23 -3.34
C ALA F 266 -25.02 -38.37 -1.94
N HIS F 267 -24.58 -39.42 -1.27
CA HIS F 267 -24.98 -39.69 0.08
C HIS F 267 -24.57 -38.58 1.05
N ALA F 268 -23.40 -38.01 0.87
CA ALA F 268 -22.93 -36.96 1.74
C ALA F 268 -23.85 -35.76 1.71
N ARG F 269 -24.26 -35.38 0.51
CA ARG F 269 -25.16 -34.29 0.32
C ARG F 269 -26.51 -34.61 0.92
N HIS F 270 -26.92 -35.84 0.80
CA HIS F 270 -28.17 -36.27 1.36
C HIS F 270 -28.21 -36.10 2.87
N ILE F 271 -27.11 -36.36 3.55
CA ILE F 271 -27.12 -36.25 5.01
C ILE F 271 -26.67 -34.84 5.45
N GLY F 272 -26.44 -33.93 4.50
CA GLY F 272 -26.05 -32.56 4.82
C GLY F 272 -24.57 -32.44 5.23
N ALA F 273 -23.66 -33.09 4.50
CA ALA F 273 -22.24 -33.02 4.78
C ALA F 273 -21.48 -32.72 3.50
N ASN F 274 -20.27 -32.17 3.64
CA ASN F 274 -19.32 -32.18 2.53
C ASN F 274 -18.69 -33.58 2.40
N ILE F 275 -18.00 -33.81 1.27
CA ILE F 275 -17.29 -35.05 1.06
C ILE F 275 -15.90 -34.71 0.53
N LEU F 276 -14.88 -35.37 1.09
CA LEU F 276 -13.53 -35.35 0.53
C LEU F 276 -13.27 -36.67 -0.18
N VAL F 277 -12.78 -36.62 -1.42
CA VAL F 277 -12.30 -37.83 -2.06
C VAL F 277 -10.77 -37.78 -2.05
N ASN F 278 -10.16 -38.85 -1.54
CA ASN F 278 -8.73 -38.84 -1.29
C ASN F 278 -7.95 -39.42 -2.46
N ILE F 279 -6.80 -38.79 -2.78
CA ILE F 279 -5.80 -39.41 -3.63
C ILE F 279 -4.43 -39.38 -2.92
N GLY F 280 -3.65 -40.45 -3.03
CA GLY F 280 -2.27 -40.48 -2.59
C GLY F 280 -1.31 -40.21 -3.74
N LEU F 281 -0.47 -39.17 -3.68
CA LEU F 281 0.50 -38.92 -4.75
C LEU F 281 1.61 -39.96 -4.75
N THR F 282 2.31 -40.10 -5.89
CA THR F 282 3.53 -40.91 -5.94
C THR F 282 4.62 -40.24 -5.09
N GLY F 283 5.74 -40.96 -4.87
CA GLY F 283 6.87 -40.43 -4.12
C GLY F 283 7.27 -39.03 -4.60
N THR F 284 7.30 -38.83 -5.94
CA THR F 284 7.79 -37.57 -6.49
C THR F 284 6.65 -36.56 -6.71
N GLY F 285 5.43 -36.89 -6.28
CA GLY F 285 4.35 -35.89 -6.28
C GLY F 285 3.41 -35.92 -7.49
N ALA F 286 3.39 -37.00 -8.27
CA ALA F 286 2.45 -37.09 -9.38
C ALA F 286 1.11 -37.68 -8.92
N ILE F 287 0.01 -37.30 -9.58
CA ILE F 287 -1.25 -38.00 -9.39
C ILE F 287 -1.11 -39.35 -10.09
N PRO F 288 -1.29 -40.49 -9.41
CA PRO F 288 -1.17 -41.78 -10.08
C PRO F 288 -2.29 -42.01 -11.10
N ALA F 289 -2.00 -42.84 -12.10
CA ALA F 289 -2.91 -43.13 -13.19
C ALA F 289 -4.25 -43.64 -12.65
N ALA F 290 -4.23 -44.51 -11.62
CA ALA F 290 -5.47 -45.06 -11.10
C ALA F 290 -6.37 -43.96 -10.56
N ALA F 291 -5.78 -42.97 -9.86
CA ALA F 291 -6.56 -41.88 -9.30
C ALA F 291 -7.16 -41.02 -10.41
N GLN F 292 -6.39 -40.74 -11.48
CA GLN F 292 -6.88 -40.03 -12.65
C GLN F 292 -8.15 -40.68 -13.21
N THR F 293 -8.19 -42.02 -13.30
CA THR F 293 -9.35 -42.71 -13.85
C THR F 293 -10.58 -42.38 -13.01
N TYR F 294 -10.45 -42.45 -11.67
CA TYR F 294 -11.58 -42.18 -10.79
C TYR F 294 -12.00 -40.72 -10.88
N MET F 295 -11.01 -39.82 -11.01
CA MET F 295 -11.31 -38.40 -11.10
C MET F 295 -12.06 -38.08 -12.38
N HIS F 296 -11.67 -38.71 -13.49
CA HIS F 296 -12.36 -38.49 -14.76
C HIS F 296 -13.81 -38.96 -14.65
N LEU F 297 -14.03 -40.12 -14.09
CA LEU F 297 -15.38 -40.62 -13.94
C LEU F 297 -16.22 -39.77 -13.01
N LEU F 298 -15.65 -39.36 -11.89
CA LEU F 298 -16.36 -38.53 -10.95
C LEU F 298 -16.70 -37.19 -11.56
N GLY F 299 -15.76 -36.66 -12.33
CA GLY F 299 -15.91 -35.39 -12.98
C GLY F 299 -17.06 -35.34 -13.95
N ARG F 300 -17.28 -36.43 -14.66
CA ARG F 300 -18.45 -36.52 -15.50
C ARG F 300 -19.73 -36.44 -14.69
N TRP F 301 -19.79 -37.14 -13.58
CA TRP F 301 -20.95 -37.04 -12.72
C TRP F 301 -21.15 -35.67 -12.10
N THR F 302 -20.09 -35.04 -11.62
CA THR F 302 -20.27 -33.79 -10.91
C THR F 302 -20.62 -32.68 -11.90
N ALA F 303 -20.08 -32.74 -13.13
CA ALA F 303 -20.49 -31.76 -14.14
C ALA F 303 -21.99 -31.86 -14.40
N MET F 304 -22.52 -33.09 -14.47
CA MET F 304 -23.95 -33.24 -14.69
C MET F 304 -24.74 -32.76 -13.47
N ALA F 305 -24.21 -33.00 -12.25
CA ALA F 305 -24.94 -32.72 -11.03
C ALA F 305 -24.76 -31.27 -10.53
N ALA F 306 -23.97 -30.45 -11.23
CA ALA F 306 -23.62 -29.09 -10.81
C ALA F 306 -24.83 -28.25 -10.34
N PRO F 307 -26.02 -28.30 -10.99
CA PRO F 307 -27.16 -27.51 -10.49
C PRO F 307 -27.53 -27.81 -9.03
N VAL F 308 -27.16 -28.98 -8.50
CA VAL F 308 -27.65 -29.34 -7.18
C VAL F 308 -26.51 -29.66 -6.22
N LEU F 309 -25.33 -30.00 -6.74
CA LEU F 309 -24.29 -30.55 -5.89
C LEU F 309 -23.84 -29.55 -4.80
N TYR F 310 -23.76 -28.25 -5.16
CA TYR F 310 -23.24 -27.21 -4.30
C TYR F 310 -24.31 -26.67 -3.35
N LYS F 311 -25.47 -26.29 -3.91
CA LYS F 311 -26.46 -25.57 -3.12
C LYS F 311 -27.52 -26.50 -2.56
N GLY F 312 -27.54 -27.78 -3.00
CA GLY F 312 -28.62 -28.65 -2.58
C GLY F 312 -28.52 -28.99 -1.09
N ARG F 313 -29.65 -29.05 -0.40
CA ARG F 313 -29.66 -29.32 1.03
C ARG F 313 -30.72 -30.39 1.31
N PRO F 314 -30.55 -31.17 2.39
CA PRO F 314 -31.58 -32.11 2.80
C PRO F 314 -32.91 -31.44 3.10
N VAL F 315 -34.01 -32.15 2.94
CA VAL F 315 -35.32 -31.59 3.16
C VAL F 315 -36.19 -32.73 3.67
N PRO F 316 -37.25 -32.50 4.48
CA PRO F 316 -38.09 -33.60 4.98
C PRO F 316 -39.03 -34.17 3.91
N VAL F 317 -38.47 -34.84 2.92
CA VAL F 317 -39.20 -35.52 1.88
C VAL F 317 -38.59 -36.91 1.82
N THR F 318 -39.41 -37.95 2.02
CA THR F 318 -38.84 -39.29 2.00
C THR F 318 -39.29 -40.01 0.73
N SER F 319 -38.67 -41.16 0.47
CA SER F 319 -38.98 -41.93 -0.72
C SER F 319 -39.90 -43.08 -0.32
N ALA F 320 -40.57 -43.68 -1.29
CA ALA F 320 -41.44 -44.82 -1.02
C ALA F 320 -40.63 -46.02 -0.53
N HIS F 321 -41.37 -46.97 0.04
CA HIS F 321 -40.91 -48.25 0.51
C HIS F 321 -40.02 -48.95 -0.52
N GLY F 322 -38.82 -49.34 -0.06
CA GLY F 322 -37.97 -50.21 -0.85
C GLY F 322 -37.07 -49.49 -1.84
N THR F 323 -37.07 -48.14 -1.86
CA THR F 323 -36.15 -47.46 -2.76
C THR F 323 -35.11 -46.69 -1.95
N ARG F 324 -34.01 -46.31 -2.59
CA ARG F 324 -32.97 -45.56 -1.91
C ARG F 324 -32.97 -44.12 -2.42
N ASP F 325 -34.02 -43.71 -3.13
CA ASP F 325 -34.08 -42.38 -3.72
C ASP F 325 -34.15 -41.31 -2.60
N PHE F 326 -33.76 -40.07 -2.91
CA PHE F 326 -33.85 -38.99 -1.94
C PHE F 326 -34.00 -37.66 -2.66
N VAL F 327 -34.24 -36.59 -1.89
CA VAL F 327 -34.50 -35.28 -2.48
C VAL F 327 -33.51 -34.26 -1.95
N LEU F 328 -33.06 -33.35 -2.82
CA LEU F 328 -32.27 -32.20 -2.39
C LEU F 328 -33.01 -30.92 -2.78
N HIS F 329 -32.93 -29.91 -1.90
CA HIS F 329 -33.65 -28.66 -2.06
C HIS F 329 -32.66 -27.51 -2.30
N THR F 330 -32.89 -26.72 -3.34
CA THR F 330 -32.28 -25.39 -3.47
C THR F 330 -33.39 -24.36 -3.34
N SER F 331 -33.04 -23.07 -3.44
CA SER F 331 -34.07 -22.07 -3.20
C SER F 331 -35.07 -22.03 -4.36
N LYS F 332 -34.64 -22.38 -5.57
CA LYS F 332 -35.55 -22.35 -6.71
C LYS F 332 -36.13 -23.73 -7.07
N HIS F 333 -35.48 -24.85 -6.69
CA HIS F 333 -35.90 -26.17 -7.17
C HIS F 333 -35.79 -27.27 -6.12
N ASP F 334 -36.55 -28.34 -6.31
CA ASP F 334 -36.23 -29.61 -5.70
C ASP F 334 -35.62 -30.53 -6.77
N PHE F 335 -34.80 -31.48 -6.30
CA PHE F 335 -34.15 -32.40 -7.22
C PHE F 335 -34.34 -33.80 -6.66
N LEU F 336 -34.81 -34.71 -7.51
CA LEU F 336 -34.97 -36.11 -7.16
C LEU F 336 -33.70 -36.85 -7.55
N CYS F 337 -33.04 -37.46 -6.55
CA CYS F 337 -31.85 -38.26 -6.80
C CYS F 337 -32.27 -39.73 -6.81
N ILE F 338 -32.12 -40.38 -7.96
CA ILE F 338 -32.77 -41.66 -8.17
C ILE F 338 -31.70 -42.71 -8.45
N LEU F 339 -31.77 -43.81 -7.67
CA LEU F 339 -30.76 -44.87 -7.70
C LEU F 339 -31.36 -46.14 -8.28
N ASP F 340 -30.49 -47.12 -8.62
CA ASP F 340 -30.92 -48.45 -9.04
C ASP F 340 -31.74 -48.37 -10.33
N LEU F 341 -31.34 -47.50 -11.27
CA LEU F 341 -31.98 -47.48 -12.58
C LEU F 341 -31.23 -48.40 -13.51
N GLN F 342 -31.91 -48.86 -14.57
CA GLN F 342 -31.24 -49.68 -15.56
C GLN F 342 -31.20 -49.02 -16.93
N VAL F 343 -30.42 -49.60 -17.82
CA VAL F 343 -30.29 -49.15 -19.20
C VAL F 343 -31.51 -49.61 -19.99
N VAL F 344 -31.95 -48.77 -20.95
CA VAL F 344 -33.08 -49.09 -21.81
C VAL F 344 -32.56 -49.69 -23.12
N GLY F 345 -32.92 -50.95 -23.41
CA GLY F 345 -32.70 -51.59 -24.72
C GLY F 345 -33.78 -51.20 -25.74
N LYS F 346 -34.17 -52.15 -26.61
CA LYS F 346 -35.19 -51.90 -27.62
C LYS F 346 -35.69 -53.24 -28.16
N ASP F 347 -37.01 -53.33 -28.41
CA ASP F 347 -37.68 -54.51 -28.95
C ASP F 347 -37.28 -55.75 -28.15
N ASN F 348 -36.54 -56.68 -28.78
CA ASN F 348 -36.22 -57.97 -28.19
C ASN F 348 -34.98 -57.87 -27.28
N VAL F 349 -34.29 -56.72 -27.33
CA VAL F 349 -33.14 -56.47 -26.47
C VAL F 349 -33.62 -55.79 -25.19
N VAL F 350 -33.68 -56.60 -24.12
CA VAL F 350 -34.21 -56.16 -22.83
C VAL F 350 -33.02 -55.97 -21.90
N LEU F 351 -32.80 -54.73 -21.43
CA LEU F 351 -31.66 -54.44 -20.57
C LEU F 351 -32.10 -54.17 -19.12
N GLY F 352 -33.40 -54.09 -18.93
CA GLY F 352 -34.06 -53.83 -17.67
C GLY F 352 -34.70 -52.50 -17.37
N GLY F 353 -34.38 -51.45 -18.12
CA GLY F 353 -34.96 -50.15 -17.87
C GLY F 353 -36.24 -49.80 -18.63
N GLU F 354 -36.69 -50.68 -19.50
CA GLU F 354 -37.78 -50.39 -20.44
C GLU F 354 -39.16 -50.09 -19.88
N GLY F 355 -39.58 -50.81 -18.86
CA GLY F 355 -40.91 -50.66 -18.32
C GLY F 355 -41.10 -49.36 -17.59
N VAL F 356 -42.34 -48.95 -17.42
CA VAL F 356 -42.68 -47.81 -16.63
C VAL F 356 -42.20 -48.10 -15.21
N ASN F 357 -41.60 -47.10 -14.57
CA ASN F 357 -40.86 -47.30 -13.33
C ASN F 357 -41.31 -46.24 -12.34
N PRO F 358 -42.49 -46.42 -11.69
CA PRO F 358 -43.00 -45.42 -10.76
C PRO F 358 -42.18 -45.31 -9.47
N ARG F 359 -41.56 -44.15 -9.25
CA ARG F 359 -40.81 -43.84 -8.04
C ARG F 359 -41.56 -42.72 -7.31
N SER F 360 -41.90 -42.95 -6.05
CA SER F 360 -42.70 -42.06 -5.23
C SER F 360 -41.90 -41.42 -4.10
N PHE F 361 -42.38 -40.24 -3.69
CA PHE F 361 -41.81 -39.42 -2.64
C PHE F 361 -42.98 -38.85 -1.84
N VAL F 362 -42.77 -38.67 -0.54
CA VAL F 362 -43.77 -38.15 0.35
C VAL F 362 -43.20 -36.88 0.99
N GLY F 363 -43.96 -35.77 0.91
CA GLY F 363 -43.57 -34.53 1.57
C GLY F 363 -43.54 -33.37 0.57
N ILE F 364 -43.92 -33.60 -0.69
CA ILE F 364 -44.02 -32.50 -1.64
C ILE F 364 -45.48 -32.05 -1.74
N GLY F 365 -45.75 -30.81 -1.30
CA GLY F 365 -47.08 -30.28 -1.14
C GLY F 365 -47.50 -29.26 -2.22
N GLN F 366 -46.55 -28.80 -3.06
CA GLN F 366 -46.79 -27.73 -4.04
C GLN F 366 -47.04 -28.32 -5.43
N PRO F 367 -47.95 -27.77 -6.25
CA PRO F 367 -48.14 -28.27 -7.62
C PRO F 367 -46.90 -28.08 -8.49
N ILE F 368 -46.61 -29.08 -9.32
CA ILE F 368 -45.39 -29.08 -10.10
C ILE F 368 -45.73 -28.75 -11.54
N GLN F 369 -44.87 -27.97 -12.19
CA GLN F 369 -45.10 -27.68 -13.59
C GLN F 369 -44.37 -28.69 -14.48
N ARG F 370 -43.09 -28.99 -14.19
CA ARG F 370 -42.33 -29.86 -15.09
C ARG F 370 -41.21 -30.56 -14.32
N ILE F 371 -40.88 -31.79 -14.73
CA ILE F 371 -39.75 -32.51 -14.14
C ILE F 371 -38.89 -33.03 -15.28
N HIS F 372 -37.56 -32.88 -15.18
CA HIS F 372 -36.72 -33.35 -16.28
C HIS F 372 -35.38 -33.87 -15.76
N TRP F 373 -34.83 -34.87 -16.45
CA TRP F 373 -33.52 -35.40 -16.10
C TRP F 373 -32.44 -34.37 -16.44
N LEU F 374 -31.44 -34.23 -15.56
CA LEU F 374 -30.35 -33.29 -15.82
C LEU F 374 -29.45 -33.78 -16.96
N ASP F 375 -29.30 -35.09 -17.14
CA ASP F 375 -28.30 -35.55 -18.09
C ASP F 375 -28.74 -35.35 -19.56
N ASN F 376 -30.05 -35.38 -19.87
CA ASN F 376 -30.43 -35.32 -21.28
C ASN F 376 -31.68 -34.47 -21.48
N ASP F 377 -32.18 -33.82 -20.43
CA ASP F 377 -33.34 -32.94 -20.53
C ASP F 377 -34.65 -33.65 -20.84
N GLU F 378 -34.72 -34.97 -20.75
CA GLU F 378 -35.99 -35.64 -21.01
C GLU F 378 -37.00 -35.24 -19.94
N VAL F 379 -38.23 -34.92 -20.38
CA VAL F 379 -39.32 -34.54 -19.49
C VAL F 379 -39.99 -35.82 -18.98
N LEU F 380 -40.25 -35.88 -17.66
CA LEU F 380 -40.81 -37.08 -17.07
C LEU F 380 -42.31 -36.89 -16.82
N SER F 381 -43.07 -37.97 -16.94
CA SER F 381 -44.46 -37.86 -16.50
C SER F 381 -44.56 -38.10 -14.99
N PHE F 382 -45.56 -37.50 -14.35
CA PHE F 382 -45.72 -37.61 -12.90
C PHE F 382 -47.20 -37.43 -12.55
N THR F 383 -47.58 -37.83 -11.33
CA THR F 383 -48.87 -37.50 -10.75
C THR F 383 -48.60 -37.01 -9.32
N GLN F 384 -49.52 -36.19 -8.79
CA GLN F 384 -49.42 -35.75 -7.40
C GLN F 384 -50.72 -36.01 -6.67
N ASP F 385 -50.62 -36.31 -5.38
CA ASP F 385 -51.73 -36.13 -4.46
C ASP F 385 -51.31 -35.06 -3.46
N LEU F 386 -51.81 -33.83 -3.65
CA LEU F 386 -51.36 -32.69 -2.87
C LEU F 386 -51.77 -32.82 -1.39
N ASP F 387 -52.92 -33.43 -1.09
CA ASP F 387 -53.32 -33.55 0.32
C ASP F 387 -52.39 -34.45 1.12
N LYS F 388 -51.95 -35.57 0.52
CA LYS F 388 -51.09 -36.51 1.21
C LYS F 388 -49.61 -36.23 0.91
N LYS F 389 -49.36 -35.27 0.02
CA LYS F 389 -48.03 -34.84 -0.36
C LYS F 389 -47.27 -35.95 -1.06
N VAL F 390 -47.95 -36.63 -1.99
CA VAL F 390 -47.33 -37.73 -2.71
C VAL F 390 -46.97 -37.24 -4.10
N LEU F 391 -45.75 -37.53 -4.52
CA LEU F 391 -45.34 -37.33 -5.90
C LEU F 391 -44.91 -38.71 -6.44
N THR F 392 -45.44 -39.08 -7.61
CA THR F 392 -44.98 -40.31 -8.27
C THR F 392 -44.49 -39.94 -9.67
N VAL F 393 -43.26 -40.31 -10.02
CA VAL F 393 -42.67 -40.00 -11.31
C VAL F 393 -42.44 -41.33 -12.04
N ASP F 394 -42.52 -41.32 -13.39
CA ASP F 394 -42.04 -42.46 -14.17
C ASP F 394 -40.56 -42.23 -14.44
N ALA F 395 -39.71 -42.90 -13.65
CA ALA F 395 -38.27 -42.67 -13.75
C ALA F 395 -37.71 -43.52 -14.90
N THR F 396 -37.62 -42.94 -16.10
CA THR F 396 -37.17 -43.71 -17.24
C THR F 396 -35.74 -44.17 -17.03
N GLY F 397 -35.38 -45.32 -17.66
CA GLY F 397 -34.04 -45.86 -17.57
C GLY F 397 -33.05 -45.06 -18.42
N TYR F 398 -31.76 -45.40 -18.32
CA TYR F 398 -30.73 -44.65 -19.02
C TYR F 398 -30.82 -44.92 -20.52
N PRO F 399 -30.58 -43.91 -21.37
CA PRO F 399 -30.35 -44.18 -22.79
C PRO F 399 -29.18 -45.15 -22.95
N TYR F 400 -29.34 -46.14 -23.83
CA TYR F 400 -28.29 -47.11 -24.09
C TYR F 400 -27.00 -46.32 -24.33
N GLY F 401 -25.90 -46.82 -23.77
CA GLY F 401 -24.61 -46.16 -23.92
C GLY F 401 -24.30 -45.23 -22.75
N SER F 402 -25.22 -45.10 -21.80
CA SER F 402 -24.90 -44.26 -20.66
C SER F 402 -25.42 -44.91 -19.37
N ASP F 403 -24.85 -44.51 -18.22
CA ASP F 403 -25.27 -45.01 -16.92
C ASP F 403 -24.64 -44.10 -15.84
N TRP F 404 -25.49 -43.29 -15.19
CA TRP F 404 -25.02 -42.21 -14.35
C TRP F 404 -24.92 -42.63 -12.87
N VAL F 405 -25.43 -43.83 -12.56
CA VAL F 405 -25.37 -44.40 -11.22
C VAL F 405 -26.39 -43.71 -10.29
N VAL F 406 -26.25 -42.39 -10.12
CA VAL F 406 -27.25 -41.60 -9.41
C VAL F 406 -27.77 -40.61 -10.44
N ARG F 407 -29.04 -40.77 -10.82
CA ARG F 407 -29.60 -39.90 -11.85
C ARG F 407 -30.41 -38.81 -11.15
N ILE F 408 -30.39 -37.59 -11.70
CA ILE F 408 -30.99 -36.47 -10.99
C ILE F 408 -32.07 -35.82 -11.87
N ALA F 409 -33.27 -35.68 -11.31
CA ALA F 409 -34.36 -35.01 -11.99
C ALA F 409 -34.63 -33.66 -11.30
N GLN F 410 -34.67 -32.57 -12.08
CA GLN F 410 -35.02 -31.26 -11.53
C GLN F 410 -36.53 -31.02 -11.57
N ILE F 411 -37.08 -30.55 -10.48
CA ILE F 411 -38.48 -30.19 -10.41
C ILE F 411 -38.64 -28.68 -10.55
N ASP F 412 -39.50 -28.27 -11.47
CA ASP F 412 -39.84 -26.88 -11.62
C ASP F 412 -41.23 -26.70 -11.11
N TYR F 413 -41.39 -25.87 -10.10
CA TYR F 413 -42.68 -25.60 -9.53
C TYR F 413 -43.55 -24.64 -10.35
N GLU F 414 -44.85 -24.80 -10.19
CA GLU F 414 -45.83 -23.99 -10.90
C GLU F 414 -45.74 -22.55 -10.47
C1 FUC G . -14.29 12.63 -14.15
C2 FUC G . -13.71 12.62 -15.58
C3 FUC G . -12.27 12.13 -15.64
C4 FUC G . -12.16 10.85 -14.84
C5 FUC G . -12.44 11.17 -13.37
C6 FUC G . -12.98 9.96 -12.63
O1 FUC G . -14.78 13.94 -13.86
O2 FUC G . -13.81 13.92 -16.16
O3 FUC G . -11.91 11.88 -17.00
O4 FUC G . -13.13 9.92 -15.32
O5 FUC G . -13.31 12.30 -13.16
C1 FUC H . 27.67 2.03 2.05
C2 FUC H . 26.98 0.78 2.59
C3 FUC H . 25.54 0.61 2.14
C4 FUC H . 25.42 0.87 0.66
C5 FUC H . 25.85 2.31 0.42
C6 FUC H . 25.67 2.70 -1.04
O1 FUC H . 27.53 3.11 2.96
O2 FUC H . 27.03 0.81 4.01
O3 FUC H . 25.11 -0.71 2.44
O4 FUC H . 26.27 -0.01 -0.06
O5 FUC H . 27.23 2.45 0.74
C1 FUC I . 29.40 43.16 13.95
C2 FUC I . 29.13 44.51 13.28
C3 FUC I . 27.67 44.94 13.33
C4 FUC I . 27.13 44.69 14.72
C5 FUC I . 27.19 43.20 15.03
C6 FUC I . 27.36 42.92 16.52
O1 FUC I . 30.16 42.32 13.08
O2 FUC I . 29.56 44.47 11.91
O3 FUC I . 27.55 46.33 13.00
O4 FUC I . 27.92 45.42 15.66
O5 FUC I . 28.19 42.48 14.29
C1 FUC J . -16.26 39.95 18.26
C2 FUC J . -16.06 39.85 19.78
C3 FUC J . -14.62 40.10 20.22
C4 FUC J . -14.10 41.33 19.51
C5 FUC J . -14.06 41.03 18.00
C6 FUC J . -14.16 42.31 17.18
O1 FUC J . -16.96 38.81 17.81
O2 FUC J . -16.49 38.59 20.24
O3 FUC J . -14.57 40.29 21.63
O4 FUC J . -14.99 42.41 19.76
O5 FUC J . -15.03 40.08 17.55
C1 FUC K . -22.73 -60.61 -27.65
C2 FUC K . -22.96 -59.19 -28.19
C3 FUC K . -22.42 -58.10 -27.28
C4 FUC K . -21.00 -58.46 -26.88
C5 FUC K . -21.01 -59.78 -26.07
C6 FUC K . -19.74 -60.58 -26.26
O1 FUC K . -23.97 -61.30 -27.59
O2 FUC K . -24.35 -58.97 -28.42
O3 FUC K . -22.44 -56.85 -27.94
O4 FUC K . -20.22 -58.61 -28.06
O5 FUC K . -22.15 -60.62 -26.35
C1 FUC L . -6.08 -39.88 9.98
C2 FUC L . -4.79 -40.62 9.66
C3 FUC L . -4.83 -41.37 8.33
C4 FUC L . -5.41 -40.47 7.27
C5 FUC L . -6.87 -40.18 7.64
C6 FUC L . -7.35 -38.88 7.01
O1 FUC L . -6.51 -40.26 11.28
O2 FUC L . -4.49 -41.52 10.72
O3 FUC L . -3.51 -41.77 7.96
O4 FUC L . -4.69 -39.24 7.23
O5 FUC L . -7.14 -40.17 9.06
#